data_7LY4
#
_entry.id   7LY4
#
loop_
_entity.id
_entity.type
_entity.pdbx_description
1 polymer 'BmdC, Oxidase'
2 polymer 'BmdB, bacillamide NRPS'
3 non-polymer 'FLAVIN MONONUCLEOTIDE'
#
loop_
_entity_poly.entity_id
_entity_poly.type
_entity_poly.pdbx_seq_one_letter_code
_entity_poly.pdbx_strand_id
1 'polypeptide(L)'
;GAMGEQIFYWSPAKHWRMSDEGVVIGESTYTGMILEWFPEFYFFAQTGVTINRLLERFSSGSEKEANEILELLIQDRVLV
EGILPPREVFSPQEGLFVNPYSEQIRYSKEALDYYVSEQLNRTHAACRSTKIQLETSGALPDIIQKRRSCRRFDMKTPVS
FATFSNLLSSLKQRKEDKILYNYASAGGLYPIDVFVYVKPRRVEGVKAGFYYFNPADHSLVLVNNIDQVIKDDHELINQD
IFAQSAFSVYLVYNARASMPKYGAAGYFYACIEAGIITATLNMVAEDLNVGLCSIGHMNFEEIQTFLKLEDHQVILHAIE
GGLKIDGAAAENLYFQ
;
A,D
2 'polypeptide(L)'
;GAMEADLSEPFSLTEVQTAYMLGRNPQFELSGISPQTYFEYETELDIARLSRSFQKVIQRHPMLRAVILPEGKQQILRDV
PEYEIEVESLVSMPPEKQAARLREERSRMIDHVFPLGQWPLFELKAFQLQEHTYLLCFRYDALLMDGASMNLVGQDLMHY
YHQPDAQLPPLSFTFQDYMHIYDDMKRGTEYETAKAYWTNKLPDFPPAPSLLLAKDPAEIGTPNFQSLTTIITKDKWLKL
RRLAQDKQVTPSALLCTVYGEVLAFWSNQRRLAINLTVFNRYPVHDEVEQIVGDFTSLILLDMDMDQKQPFFTKVEQTQS
TLLDGLEHRHYDGVEFIRDYTRYHQMRPKAVMPIVFTSMLAGAGAFAWEEIGSLRHIHARTPQVYLDNVVIEKNGELLVS
WNYVEELFDAEVMESMFTQFVELLDQLVEQGDINPLRISQKDYALIDQYNATAEPIPAATLHQLFIDQAQRTPDQVAVVF
EQEWLTYSELDQRSNQVARFLQSRGIGRGDRVGVLAKRQVETIINLMAVLKAGAAYVPIDPDHPYERQTYILENSSCKIL
LDSDLYETMEISSYADGDLTPVAEPEDTAYVIYTSGSTGRPKGVIITHQAASNTIQDINRKFEVNEEDRIIGISSMCFDL
SVYDIFGTLSAGATLVMIRDPRDMRELVRTVERRGITIWNTVPAIMDLALDHVGSHFENISLRLVLLSGDWIPLPLPAKI
NRHFPVADVISLGGATEASIWSIYWPIEQVEANWKSIPYGKPLANQTYYVLNYDQKMCPVGVIGDLYIGGAGLAQGYLND
DQKTKDAFIMHPEFGPIYKTGDCGRMRPEGYIEFLGRQDYQVKIQGYRVELEEISHCLLTYPDVDQAVVIDQTDERGMKF
LVGYVVAQQEIDEKALRKHLMEHLPEYMIPAHLVHLEQLPLTPNGKLDRKALPVPKKQRNAEKFVAPQAGLEKILASVWQ
EVLNVEQIGANDHFFALGGDSIKAIQVSARLFVQGYHLDTKSLFEFPVLRDVARTIKKLAAAENLYFQ
;
E
#
# COMPACT_ATOMS: atom_id res chain seq x y z
N GLY A 4 18.78 64.34 -14.09
CA GLY A 4 19.39 64.24 -15.41
C GLY A 4 20.81 63.76 -15.28
N GLU A 5 21.24 63.62 -14.05
CA GLU A 5 22.57 63.16 -13.71
C GLU A 5 22.60 61.64 -13.80
N GLN A 6 23.76 61.10 -14.10
CA GLN A 6 23.92 59.66 -14.14
C GLN A 6 23.88 59.09 -12.74
N ILE A 7 23.22 57.94 -12.59
CA ILE A 7 23.13 57.26 -11.31
C ILE A 7 24.22 56.25 -11.12
N PHE A 8 24.88 56.35 -9.98
CA PHE A 8 25.92 55.42 -9.63
C PHE A 8 25.51 54.62 -8.42
N TYR A 9 25.97 53.40 -8.38
CA TYR A 9 25.68 52.49 -7.31
C TYR A 9 26.92 51.95 -6.65
N TRP A 10 26.84 51.67 -5.35
CA TRP A 10 27.98 50.99 -4.78
C TRP A 10 28.12 49.70 -5.57
N SER A 11 29.29 49.41 -6.10
CA SER A 11 29.44 48.20 -6.87
C SER A 11 29.24 47.00 -5.98
N PRO A 12 28.45 45.99 -6.38
CA PRO A 12 28.20 44.81 -5.61
C PRO A 12 29.44 43.96 -5.47
N ALA A 13 30.43 44.22 -6.31
CA ALA A 13 31.66 43.46 -6.30
C ALA A 13 32.70 44.02 -5.35
N LYS A 14 32.40 45.12 -4.67
CA LYS A 14 33.41 45.70 -3.80
C LYS A 14 33.08 45.67 -2.32
N HIS A 15 34.00 45.09 -1.57
CA HIS A 15 33.81 44.96 -0.15
C HIS A 15 34.72 45.92 0.59
N TRP A 16 34.07 46.72 1.39
CA TRP A 16 34.63 47.77 2.21
C TRP A 16 35.17 47.31 3.53
N ARG A 17 36.30 47.86 3.94
CA ARG A 17 36.79 47.59 5.28
C ARG A 17 37.60 48.76 5.82
N MET A 18 37.77 48.83 7.12
CA MET A 18 38.56 49.92 7.67
C MET A 18 39.88 49.45 8.20
N SER A 19 40.90 50.29 8.04
CA SER A 19 42.21 50.03 8.60
C SER A 19 42.73 51.28 9.26
N ASP A 20 44.02 51.27 9.57
CA ASP A 20 44.64 52.41 10.22
C ASP A 20 45.09 53.45 9.21
N GLU A 21 45.44 53.00 8.02
CA GLU A 21 45.90 53.89 6.97
C GLU A 21 44.72 54.70 6.45
N GLY A 22 43.58 54.04 6.33
CA GLY A 22 42.43 54.65 5.74
C GLY A 22 41.31 53.67 5.43
N VAL A 23 40.60 54.02 4.37
CA VAL A 23 39.46 53.26 3.93
C VAL A 23 39.97 52.25 2.95
N VAL A 24 39.64 50.99 3.10
CA VAL A 24 40.17 50.08 2.11
C VAL A 24 39.02 49.46 1.35
N ILE A 25 39.07 49.57 0.05
CA ILE A 25 38.01 48.99 -0.75
C ILE A 25 38.65 48.02 -1.70
N GLY A 26 38.33 46.75 -1.57
CA GLY A 26 38.98 45.81 -2.44
C GLY A 26 40.48 45.85 -2.22
N GLU A 27 41.21 46.05 -3.31
CA GLU A 27 42.66 46.12 -3.39
C GLU A 27 43.33 47.44 -3.00
N SER A 28 42.58 48.55 -2.90
CA SER A 28 43.24 49.85 -2.67
C SER A 28 42.86 50.57 -1.39
N THR A 29 43.80 51.38 -0.90
CA THR A 29 43.58 52.18 0.29
C THR A 29 43.41 53.63 -0.06
N TYR A 30 42.38 54.24 0.50
CA TYR A 30 42.11 55.63 0.26
C TYR A 30 42.34 56.40 1.55
N THR A 31 42.95 57.56 1.43
CA THR A 31 43.29 58.38 2.58
C THR A 31 42.79 59.79 2.41
N GLY A 32 42.94 60.61 3.43
CA GLY A 32 42.48 61.99 3.36
C GLY A 32 41.02 62.04 3.77
N MET A 33 40.28 63.01 3.27
CA MET A 33 38.91 63.27 3.68
C MET A 33 38.02 62.05 3.54
N ILE A 34 38.31 61.16 2.62
CA ILE A 34 37.43 60.01 2.46
C ILE A 34 37.24 59.23 3.76
N LEU A 35 38.21 59.25 4.66
CA LEU A 35 38.04 58.47 5.87
C LEU A 35 36.93 59.02 6.73
N GLU A 36 36.63 60.29 6.55
CA GLU A 36 35.66 61.00 7.31
C GLU A 36 34.26 60.77 6.74
N TRP A 37 34.16 59.97 5.68
CA TRP A 37 32.86 59.69 5.12
C TRP A 37 32.23 58.46 5.75
N PHE A 38 33.01 57.67 6.52
CA PHE A 38 32.41 56.61 7.32
C PHE A 38 31.78 55.40 6.60
N PRO A 39 31.05 54.54 7.37
CA PRO A 39 30.07 53.57 6.92
C PRO A 39 28.82 54.24 6.34
N GLU A 40 28.46 55.45 6.77
CA GLU A 40 27.28 56.07 6.19
C GLU A 40 27.41 56.21 4.69
N PHE A 41 28.61 56.51 4.20
CA PHE A 41 28.81 56.59 2.76
C PHE A 41 28.52 55.22 2.19
N TYR A 42 29.10 54.20 2.80
CA TYR A 42 28.85 52.83 2.35
C TYR A 42 27.36 52.51 2.27
N PHE A 43 26.58 52.88 3.27
CA PHE A 43 25.15 52.59 3.27
C PHE A 43 24.39 53.41 2.24
N PHE A 44 24.67 54.69 2.22
CA PHE A 44 23.95 55.65 1.40
C PHE A 44 24.06 55.26 -0.06
N ALA A 45 25.27 54.94 -0.49
CA ALA A 45 25.58 54.62 -1.87
C ALA A 45 24.85 53.38 -2.39
N GLN A 46 24.34 52.53 -1.52
CA GLN A 46 23.71 51.31 -1.97
C GLN A 46 22.38 51.51 -2.67
N THR A 47 21.74 52.67 -2.50
CA THR A 47 20.45 52.84 -3.13
C THR A 47 20.50 53.40 -4.54
N GLY A 48 21.63 53.97 -4.95
CA GLY A 48 21.73 54.61 -6.26
C GLY A 48 21.63 56.11 -6.07
N VAL A 49 22.69 56.82 -6.41
CA VAL A 49 22.69 58.26 -6.19
C VAL A 49 23.22 59.10 -7.35
N THR A 50 22.87 60.38 -7.35
CA THR A 50 23.45 61.30 -8.32
C THR A 50 24.71 61.86 -7.70
N ILE A 51 25.56 62.48 -8.51
CA ILE A 51 26.79 63.00 -7.95
C ILE A 51 26.56 64.18 -7.04
N ASN A 52 25.60 65.05 -7.37
CA ASN A 52 25.39 66.19 -6.50
C ASN A 52 24.62 65.83 -5.25
N ARG A 53 23.79 64.81 -5.31
CA ARG A 53 23.04 64.44 -4.12
C ARG A 53 24.03 63.87 -3.10
N LEU A 54 24.96 63.08 -3.61
CA LEU A 54 25.95 62.44 -2.78
C LEU A 54 26.90 63.47 -2.21
N LEU A 55 27.31 64.44 -3.03
CA LEU A 55 28.22 65.43 -2.56
C LEU A 55 27.57 66.26 -1.48
N GLU A 56 26.32 66.68 -1.63
CA GLU A 56 25.78 67.45 -0.53
C GLU A 56 25.72 66.64 0.76
N ARG A 57 25.39 65.35 0.68
CA ARG A 57 25.35 64.58 1.92
C ARG A 57 26.70 64.39 2.62
N PHE A 58 27.77 64.16 1.85
CA PHE A 58 29.06 63.91 2.48
C PHE A 58 30.15 64.97 2.41
N SER A 59 29.93 66.10 1.76
CA SER A 59 30.98 67.09 1.70
C SER A 59 30.87 68.10 2.81
N SER A 60 30.14 69.19 2.58
CA SER A 60 30.03 70.26 3.58
C SER A 60 31.42 70.71 3.98
N GLY A 61 32.23 70.90 2.94
CA GLY A 61 33.62 71.32 3.01
C GLY A 61 33.99 71.56 1.57
N SER A 62 35.26 71.78 1.26
CA SER A 62 35.53 72.09 -0.13
C SER A 62 35.12 70.97 -1.05
N GLU A 63 34.41 71.36 -2.10
CA GLU A 63 33.94 70.43 -3.08
C GLU A 63 35.08 69.96 -3.93
N LYS A 64 36.21 70.65 -3.91
CA LYS A 64 37.29 70.23 -4.77
C LYS A 64 37.82 68.88 -4.31
N GLU A 65 37.96 68.70 -3.00
CA GLU A 65 38.46 67.45 -2.54
C GLU A 65 37.37 66.43 -2.68
N ALA A 66 36.13 66.84 -2.38
CA ALA A 66 35.08 65.86 -2.50
C ALA A 66 34.96 65.35 -3.94
N ASN A 67 35.14 66.24 -4.91
CA ASN A 67 35.03 65.84 -6.29
C ASN A 67 36.14 64.92 -6.71
N GLU A 68 37.36 65.15 -6.22
CA GLU A 68 38.44 64.27 -6.63
C GLU A 68 38.20 62.89 -6.04
N ILE A 69 37.72 62.83 -4.81
CA ILE A 69 37.52 61.53 -4.21
C ILE A 69 36.46 60.78 -4.96
N LEU A 70 35.36 61.45 -5.25
CA LEU A 70 34.29 60.77 -5.92
C LEU A 70 34.70 60.35 -7.31
N GLU A 71 35.52 61.16 -7.99
CA GLU A 71 35.96 60.82 -9.31
C GLU A 71 36.82 59.57 -9.28
N LEU A 72 37.69 59.45 -8.29
CA LEU A 72 38.50 58.26 -8.23
C LEU A 72 37.66 57.04 -7.97
N LEU A 73 36.67 57.16 -7.09
CA LEU A 73 35.86 55.99 -6.78
C LEU A 73 35.12 55.53 -8.04
N ILE A 74 34.69 56.46 -8.88
CA ILE A 74 34.07 56.05 -10.12
C ILE A 74 35.10 55.39 -11.05
N GLN A 75 36.28 55.99 -11.18
CA GLN A 75 37.31 55.45 -12.07
C GLN A 75 37.78 54.08 -11.63
N ASP A 76 37.76 53.84 -10.33
CA ASP A 76 38.20 52.59 -9.74
C ASP A 76 37.09 51.56 -9.68
N ARG A 77 35.94 51.85 -10.26
CA ARG A 77 34.80 50.97 -10.28
C ARG A 77 34.28 50.64 -8.90
N VAL A 78 34.27 51.62 -8.02
CA VAL A 78 33.69 51.46 -6.72
C VAL A 78 32.26 51.89 -6.88
N LEU A 79 32.07 52.98 -7.60
CA LEU A 79 30.76 53.54 -7.88
C LEU A 79 30.50 53.31 -9.35
N VAL A 80 29.52 52.47 -9.66
CA VAL A 80 29.29 52.09 -11.05
C VAL A 80 27.89 52.36 -11.54
N GLU A 81 27.77 52.47 -12.85
CA GLU A 81 26.51 52.80 -13.49
C GLU A 81 25.56 51.66 -13.89
N GLY A 82 26.00 50.41 -13.89
CA GLY A 82 25.11 49.37 -14.40
C GLY A 82 25.70 47.98 -14.33
N ILE A 83 25.12 47.05 -15.12
CA ILE A 83 25.46 45.62 -15.11
C ILE A 83 26.91 45.38 -15.40
N LEU A 84 27.52 44.49 -14.64
CA LEU A 84 28.92 44.25 -14.80
C LEU A 84 29.14 43.14 -15.81
N PRO A 85 30.23 43.16 -16.60
CA PRO A 85 30.65 42.13 -17.52
C PRO A 85 31.11 40.95 -16.69
N PRO A 86 31.16 39.74 -17.24
CA PRO A 86 31.52 38.53 -16.54
C PRO A 86 32.89 38.56 -15.90
N ARG A 87 33.81 39.36 -16.41
CA ARG A 87 35.10 39.34 -15.77
C ARG A 87 35.00 39.94 -14.37
N GLU A 88 34.11 40.89 -14.18
CA GLU A 88 33.95 41.49 -12.88
C GLU A 88 32.98 40.66 -12.05
N VAL A 89 31.99 40.05 -12.71
CA VAL A 89 30.96 39.31 -11.99
C VAL A 89 31.49 38.14 -11.20
N PHE A 90 32.41 37.39 -11.77
CA PHE A 90 32.91 36.23 -11.07
C PHE A 90 34.16 36.49 -10.26
N SER A 91 34.66 37.72 -10.23
CA SER A 91 35.92 37.96 -9.58
C SER A 91 36.04 37.51 -8.12
N PRO A 92 35.08 37.76 -7.22
CA PRO A 92 35.15 37.44 -5.81
C PRO A 92 35.28 35.95 -5.51
N GLN A 93 34.98 35.09 -6.48
CA GLN A 93 35.01 33.66 -6.22
C GLN A 93 36.42 33.16 -5.96
N GLU A 94 37.44 33.93 -6.37
CA GLU A 94 38.80 33.48 -6.15
C GLU A 94 39.12 33.48 -4.67
N GLY A 95 38.36 34.21 -3.86
CA GLY A 95 38.63 34.27 -2.44
C GLY A 95 38.05 33.07 -1.71
N LEU A 96 37.28 32.25 -2.42
CA LEU A 96 36.66 31.07 -1.84
C LEU A 96 37.43 29.80 -2.24
N PHE A 97 38.08 29.85 -3.39
CA PHE A 97 38.84 28.71 -3.89
C PHE A 97 40.21 28.55 -3.25
N VAL A 98 40.55 27.34 -2.86
CA VAL A 98 41.89 27.05 -2.35
C VAL A 98 42.65 26.20 -3.32
N ASN A 99 43.79 26.71 -3.75
CA ASN A 99 44.63 26.08 -4.76
C ASN A 99 45.71 25.16 -4.19
N PRO A 100 45.64 23.83 -4.36
CA PRO A 100 46.60 22.86 -3.86
C PRO A 100 47.85 22.75 -4.74
N TYR A 101 47.86 23.46 -5.86
CA TYR A 101 48.96 23.36 -6.81
C TYR A 101 49.80 24.62 -6.82
N SER A 102 51.05 24.49 -7.22
CA SER A 102 51.94 25.63 -7.34
C SER A 102 51.60 26.49 -8.54
N GLU A 103 52.13 27.71 -8.51
CA GLU A 103 51.92 28.73 -9.52
C GLU A 103 52.55 28.37 -10.85
N GLN A 104 53.43 27.38 -10.82
CA GLN A 104 54.22 26.94 -11.96
C GLN A 104 53.36 26.48 -13.10
N ILE A 105 52.11 26.15 -12.84
CA ILE A 105 51.21 25.76 -13.90
C ILE A 105 51.17 26.89 -14.94
N ARG A 106 51.26 28.15 -14.50
CA ARG A 106 51.21 29.30 -15.38
C ARG A 106 52.55 29.74 -15.96
N TYR A 107 53.64 29.12 -15.56
CA TYR A 107 54.95 29.59 -15.99
C TYR A 107 55.80 28.55 -16.70
N SER A 108 55.78 27.33 -16.19
CA SER A 108 56.57 26.26 -16.74
C SER A 108 55.70 25.41 -17.65
N LYS A 109 56.05 25.31 -18.93
CA LYS A 109 55.19 24.53 -19.79
C LYS A 109 55.18 23.08 -19.35
N GLU A 110 56.28 22.62 -18.77
CA GLU A 110 56.33 21.27 -18.26
C GLU A 110 55.42 21.11 -17.06
N ALA A 111 55.38 22.12 -16.17
CA ALA A 111 54.50 22.04 -15.02
C ALA A 111 53.07 21.96 -15.49
N LEU A 112 52.77 22.67 -16.57
CA LEU A 112 51.45 22.62 -17.12
C LEU A 112 51.19 21.25 -17.74
N ASP A 113 52.13 20.72 -18.52
CA ASP A 113 51.82 19.44 -19.12
C ASP A 113 51.56 18.40 -18.07
N TYR A 114 52.33 18.43 -16.99
CA TYR A 114 52.09 17.48 -15.94
C TYR A 114 50.70 17.65 -15.38
N TYR A 115 50.34 18.89 -15.06
CA TYR A 115 49.03 19.20 -14.53
C TYR A 115 47.93 18.68 -15.41
N VAL A 116 48.04 18.92 -16.70
CA VAL A 116 47.00 18.52 -17.61
C VAL A 116 46.87 17.00 -17.63
N SER A 117 47.99 16.28 -17.68
CA SER A 117 47.90 14.84 -17.69
C SER A 117 47.22 14.33 -16.43
N GLU A 118 47.46 14.96 -15.27
CA GLU A 118 46.71 14.47 -14.13
C GLU A 118 45.23 14.74 -14.31
N GLN A 119 44.88 15.91 -14.82
CA GLN A 119 43.47 16.22 -14.94
C GLN A 119 42.71 15.37 -15.93
N LEU A 120 43.35 14.96 -17.00
CA LEU A 120 42.66 14.18 -18.03
C LEU A 120 42.49 12.73 -17.63
N ASN A 121 43.07 12.36 -16.49
CA ASN A 121 42.96 11.01 -15.99
C ASN A 121 42.29 10.98 -14.62
N ARG A 122 41.55 12.04 -14.27
CA ARG A 122 40.89 12.10 -12.98
C ARG A 122 39.64 11.22 -12.92
N THR A 123 39.30 10.78 -11.71
CA THR A 123 38.03 10.07 -11.48
C THR A 123 37.33 10.65 -10.26
N HIS A 124 36.05 10.36 -10.11
CA HIS A 124 35.31 10.82 -8.94
C HIS A 124 35.55 10.00 -7.70
N ALA A 125 35.77 10.68 -6.58
CA ALA A 125 36.09 10.09 -5.29
C ALA A 125 35.04 9.13 -4.73
N ALA A 126 33.78 9.37 -5.00
CA ALA A 126 32.70 8.55 -4.44
C ALA A 126 32.39 7.31 -5.25
N CYS A 127 33.13 7.06 -6.32
CA CYS A 127 32.81 5.91 -7.15
C CYS A 127 32.94 4.59 -6.38
N ARG A 128 31.93 3.74 -6.52
CA ARG A 128 31.91 2.42 -5.90
C ARG A 128 32.62 1.45 -6.81
N SER A 129 33.05 0.31 -6.28
CA SER A 129 33.80 -0.66 -7.08
C SER A 129 32.97 -1.52 -8.02
N THR A 130 32.37 -0.88 -9.00
CA THR A 130 31.59 -1.56 -10.03
C THR A 130 31.99 -1.01 -11.37
N LYS A 131 31.39 -1.54 -12.43
CA LYS A 131 31.70 -1.05 -13.75
C LYS A 131 30.78 -1.54 -14.86
N ILE A 132 30.23 -0.61 -15.63
CA ILE A 132 29.48 -0.97 -16.81
C ILE A 132 30.30 -0.61 -18.00
N GLN A 133 30.73 -1.60 -18.76
CA GLN A 133 31.56 -1.28 -19.91
C GLN A 133 30.65 -1.00 -21.08
N LEU A 134 30.81 0.17 -21.69
CA LEU A 134 29.99 0.56 -22.81
C LEU A 134 30.59 0.10 -24.11
N GLU A 135 29.74 -0.06 -25.12
CA GLU A 135 30.17 -0.48 -26.45
C GLU A 135 30.86 0.64 -27.21
N THR A 136 31.86 0.26 -28.01
CA THR A 136 32.62 1.16 -28.88
C THR A 136 32.32 0.84 -30.33
N SER A 137 31.24 0.11 -30.53
CA SER A 137 30.73 -0.41 -31.79
C SER A 137 30.11 0.59 -32.77
N GLY A 138 29.78 1.81 -32.33
CA GLY A 138 29.12 2.78 -33.18
C GLY A 138 30.08 3.74 -33.87
N ALA A 139 29.54 4.85 -34.36
CA ALA A 139 30.30 5.86 -35.09
C ALA A 139 29.62 7.19 -34.94
N LEU A 140 30.35 8.27 -35.09
CA LEU A 140 29.73 9.58 -35.04
C LEU A 140 29.68 10.06 -36.46
N PRO A 141 28.84 11.03 -36.81
CA PRO A 141 28.84 11.65 -38.10
C PRO A 141 30.11 12.45 -38.28
N ASP A 142 30.61 12.54 -39.52
CA ASP A 142 31.85 13.25 -39.85
C ASP A 142 31.86 14.70 -39.45
N ILE A 143 30.70 15.34 -39.48
CA ILE A 143 30.62 16.75 -39.15
C ILE A 143 31.18 17.00 -37.75
N ILE A 144 31.12 16.02 -36.84
CA ILE A 144 31.66 16.19 -35.51
C ILE A 144 33.05 15.57 -35.40
N GLN A 145 33.18 14.31 -35.76
CA GLN A 145 34.43 13.59 -35.49
C GLN A 145 35.64 14.06 -36.30
N LYS A 146 35.44 14.72 -37.45
CA LYS A 146 36.57 15.19 -38.24
C LYS A 146 36.88 16.67 -38.03
N ARG A 147 36.19 17.30 -37.09
CA ARG A 147 36.40 18.72 -36.85
C ARG A 147 37.65 18.99 -36.01
N ARG A 148 38.49 19.96 -36.41
CA ARG A 148 39.68 20.35 -35.65
C ARG A 148 39.80 21.86 -35.64
N SER A 149 40.39 22.43 -34.59
CA SER A 149 40.63 23.87 -34.52
C SER A 149 41.58 24.33 -35.60
N CYS A 150 41.31 25.49 -36.19
CA CYS A 150 42.15 26.04 -37.25
C CYS A 150 43.01 27.23 -36.82
N ARG A 151 44.33 27.10 -36.96
CA ARG A 151 45.21 28.19 -36.53
C ARG A 151 45.98 28.87 -37.66
N ARG A 152 45.68 28.51 -38.89
CA ARG A 152 46.32 29.11 -40.04
C ARG A 152 45.29 29.19 -41.15
N PHE A 153 45.32 30.26 -41.93
CA PHE A 153 44.28 30.48 -42.94
C PHE A 153 44.79 30.82 -44.33
N ASP A 154 43.91 30.67 -45.32
CA ASP A 154 44.27 31.14 -46.65
C ASP A 154 44.19 32.67 -46.64
N MET A 155 45.36 33.29 -46.79
CA MET A 155 45.51 34.73 -46.72
C MET A 155 45.34 35.46 -48.03
N LYS A 156 45.17 34.71 -49.12
CA LYS A 156 45.10 35.36 -50.42
C LYS A 156 43.73 35.25 -51.05
N THR A 157 43.07 34.12 -50.86
CA THR A 157 41.76 33.90 -51.47
C THR A 157 40.72 34.55 -50.56
N PRO A 158 39.84 35.43 -51.03
CA PRO A 158 38.83 36.04 -50.22
C PRO A 158 37.82 34.97 -49.91
N VAL A 159 37.14 35.10 -48.81
CA VAL A 159 36.11 34.14 -48.49
C VAL A 159 35.07 34.32 -49.57
N SER A 160 34.59 33.26 -50.20
CA SER A 160 33.62 33.50 -51.24
C SER A 160 32.35 34.02 -50.62
N PHE A 161 31.56 34.76 -51.40
CA PHE A 161 30.35 35.31 -50.85
C PHE A 161 29.41 34.24 -50.38
N ALA A 162 29.18 33.24 -51.22
CA ALA A 162 28.23 32.22 -50.83
C ALA A 162 28.64 31.52 -49.57
N THR A 163 29.93 31.25 -49.40
CA THR A 163 30.36 30.58 -48.20
C THR A 163 30.08 31.42 -47.00
N PHE A 164 30.41 32.69 -47.11
CA PHE A 164 30.25 33.61 -46.02
C PHE A 164 28.78 33.67 -45.61
N SER A 165 27.89 33.82 -46.59
CA SER A 165 26.47 33.91 -46.32
C SER A 165 25.91 32.63 -45.76
N ASN A 166 26.38 31.49 -46.27
CA ASN A 166 25.86 30.24 -45.81
C ASN A 166 26.22 29.99 -44.37
N LEU A 167 27.41 30.43 -43.96
CA LEU A 167 27.79 30.21 -42.58
C LEU A 167 26.93 31.04 -41.65
N LEU A 168 26.67 32.29 -42.02
CA LEU A 168 25.86 33.15 -41.18
C LEU A 168 24.43 32.66 -41.10
N SER A 169 23.94 32.03 -42.17
CA SER A 169 22.58 31.56 -42.24
C SER A 169 22.27 30.53 -41.20
N SER A 170 23.28 29.92 -40.62
CA SER A 170 23.02 28.90 -39.65
C SER A 170 22.31 29.44 -38.43
N LEU A 171 22.38 30.75 -38.19
CA LEU A 171 21.73 31.34 -37.04
C LEU A 171 20.49 32.16 -37.41
N LYS A 172 20.00 32.05 -38.65
CA LYS A 172 18.87 32.87 -39.10
C LYS A 172 17.54 32.39 -38.55
N GLN A 173 16.55 33.28 -38.61
CA GLN A 173 15.19 32.91 -38.22
C GLN A 173 14.48 32.14 -39.33
N ARG A 174 13.61 31.24 -38.90
CA ARG A 174 12.70 30.50 -39.77
C ARG A 174 11.29 30.69 -39.28
N LYS A 175 10.32 30.61 -40.19
CA LYS A 175 8.95 30.70 -39.74
C LYS A 175 8.14 29.47 -40.11
N GLU A 176 7.67 28.81 -39.07
CA GLU A 176 6.88 27.58 -39.18
C GLU A 176 5.73 27.75 -38.21
N ASP A 177 4.87 28.74 -38.51
CA ASP A 177 3.73 29.20 -37.69
C ASP A 177 4.15 29.87 -36.38
N LYS A 178 5.43 30.14 -36.26
CA LYS A 178 6.07 30.80 -35.13
C LYS A 178 7.49 31.09 -35.54
N ILE A 179 8.25 31.85 -34.75
CA ILE A 179 9.66 32.03 -35.07
C ILE A 179 10.53 30.96 -34.44
N LEU A 180 11.32 30.31 -35.28
CA LEU A 180 12.22 29.25 -34.88
C LEU A 180 13.66 29.53 -35.28
N TYR A 181 14.57 28.92 -34.56
CA TYR A 181 15.98 28.94 -34.84
C TYR A 181 16.49 27.52 -34.94
N ASN A 182 17.76 27.38 -35.29
CA ASN A 182 18.39 26.07 -35.41
C ASN A 182 19.06 25.65 -34.11
N TYR A 183 18.83 26.43 -33.07
CA TYR A 183 19.38 26.15 -31.76
C TYR A 183 18.41 26.60 -30.67
N ALA A 184 18.55 26.01 -29.48
CA ALA A 184 17.74 26.31 -28.30
C ALA A 184 18.16 27.58 -27.58
N SER A 185 17.19 28.16 -26.87
CA SER A 185 17.39 29.32 -26.02
C SER A 185 16.53 29.22 -24.77
N ALA A 186 17.09 29.59 -23.62
CA ALA A 186 16.31 29.47 -22.42
C ALA A 186 15.19 30.47 -22.43
N GLY A 187 13.98 29.98 -22.33
CA GLY A 187 12.82 30.85 -22.35
C GLY A 187 12.40 31.26 -23.76
N GLY A 188 13.15 30.83 -24.78
CA GLY A 188 12.90 31.13 -26.18
C GLY A 188 13.16 32.59 -26.57
N LEU A 189 14.03 33.30 -25.86
CA LEU A 189 14.20 34.71 -26.16
C LEU A 189 15.33 35.06 -27.13
N TYR A 190 16.36 34.22 -27.22
CA TYR A 190 17.50 34.50 -28.10
C TYR A 190 18.10 35.91 -27.89
N PRO A 191 18.67 36.20 -26.70
CA PRO A 191 19.20 37.48 -26.26
C PRO A 191 20.61 37.81 -26.70
N ILE A 192 21.16 37.06 -27.64
CA ILE A 192 22.52 37.34 -28.07
C ILE A 192 22.59 38.01 -29.43
N ASP A 193 23.15 39.21 -29.43
CA ASP A 193 23.31 40.06 -30.59
C ASP A 193 24.60 39.63 -31.27
N VAL A 194 24.63 39.61 -32.58
CA VAL A 194 25.85 39.21 -33.24
C VAL A 194 26.45 40.28 -34.11
N PHE A 195 27.72 40.55 -33.86
CA PHE A 195 28.42 41.56 -34.63
C PHE A 195 29.55 40.92 -35.41
N VAL A 196 29.69 41.33 -36.64
CA VAL A 196 30.70 40.74 -37.50
C VAL A 196 31.69 41.77 -38.00
N TYR A 197 32.96 41.49 -37.83
CA TYR A 197 34.00 42.39 -38.29
C TYR A 197 34.75 41.81 -39.48
N VAL A 198 34.83 42.61 -40.54
CA VAL A 198 35.50 42.20 -41.77
C VAL A 198 36.68 43.05 -42.19
N LYS A 199 37.79 42.40 -42.47
CA LYS A 199 39.01 43.07 -42.92
C LYS A 199 38.99 43.36 -44.43
N PRO A 200 39.71 44.39 -44.92
CA PRO A 200 39.79 44.75 -46.32
C PRO A 200 40.23 43.65 -47.23
N ARG A 201 39.46 43.46 -48.29
CA ARG A 201 39.70 42.47 -49.32
C ARG A 201 39.80 41.05 -48.81
N ARG A 202 39.18 40.73 -47.68
CA ARG A 202 39.26 39.35 -47.24
C ARG A 202 37.96 38.59 -47.38
N VAL A 203 36.85 39.29 -47.55
CA VAL A 203 35.57 38.63 -47.72
C VAL A 203 34.95 39.16 -48.99
N GLU A 204 34.63 38.26 -49.91
CA GLU A 204 34.08 38.67 -51.18
C GLU A 204 32.75 39.37 -51.05
N GLY A 205 32.66 40.53 -51.69
CA GLY A 205 31.43 41.28 -51.68
C GLY A 205 31.24 42.13 -50.42
N VAL A 206 32.20 42.12 -49.50
CA VAL A 206 32.01 42.88 -48.28
C VAL A 206 33.11 43.91 -48.06
N LYS A 207 32.71 45.14 -47.82
CA LYS A 207 33.68 46.19 -47.56
C LYS A 207 34.12 46.10 -46.12
N ALA A 208 35.34 46.49 -45.85
CA ALA A 208 35.81 46.39 -44.49
C ALA A 208 34.98 47.23 -43.53
N GLY A 209 34.77 46.70 -42.33
CA GLY A 209 34.05 47.40 -41.28
C GLY A 209 33.33 46.48 -40.31
N PHE A 210 32.66 47.09 -39.36
CA PHE A 210 31.93 46.38 -38.32
C PHE A 210 30.47 46.39 -38.70
N TYR A 211 29.86 45.21 -38.76
CA TYR A 211 28.45 45.09 -39.11
C TYR A 211 27.60 44.39 -38.08
N TYR A 212 26.35 44.77 -37.98
CA TYR A 212 25.40 44.10 -37.14
C TYR A 212 24.65 43.03 -37.92
N PHE A 213 24.56 41.84 -37.40
CA PHE A 213 23.81 40.81 -38.10
C PHE A 213 22.42 40.66 -37.56
N ASN A 214 21.43 40.75 -38.45
CA ASN A 214 20.05 40.58 -38.05
C ASN A 214 19.47 39.29 -38.61
N PRO A 215 19.30 38.23 -37.80
CA PRO A 215 18.77 36.92 -38.15
C PRO A 215 17.39 37.02 -38.78
N ALA A 216 16.66 38.11 -38.49
CA ALA A 216 15.33 38.29 -39.03
C ALA A 216 15.36 38.74 -40.48
N ASP A 217 16.40 39.47 -40.87
CA ASP A 217 16.52 40.01 -42.20
C ASP A 217 17.45 39.17 -43.03
N HIS A 218 18.32 38.44 -42.32
CA HIS A 218 19.38 37.70 -42.92
C HIS A 218 20.30 38.65 -43.62
N SER A 219 20.69 39.68 -42.89
CA SER A 219 21.58 40.68 -43.47
C SER A 219 22.54 41.35 -42.49
N LEU A 220 23.60 41.94 -43.07
CA LEU A 220 24.59 42.71 -42.33
C LEU A 220 24.42 44.20 -42.48
N VAL A 221 24.18 44.85 -41.37
CA VAL A 221 23.95 46.29 -41.32
C VAL A 221 25.20 47.01 -40.86
N LEU A 222 25.68 47.93 -41.64
CA LEU A 222 26.93 48.55 -41.21
C LEU A 222 26.75 49.35 -39.94
N VAL A 223 27.67 49.19 -38.98
CA VAL A 223 27.70 49.96 -37.74
C VAL A 223 28.84 50.96 -37.72
N ASN A 224 30.03 50.49 -38.08
CA ASN A 224 31.22 51.33 -37.99
C ASN A 224 32.25 51.06 -39.08
N ASN A 225 32.48 52.05 -39.94
CA ASN A 225 33.47 51.93 -41.01
C ASN A 225 34.57 52.95 -40.85
N ILE A 226 34.76 53.40 -39.63
CA ILE A 226 35.76 54.40 -39.31
C ILE A 226 36.91 53.79 -38.53
N ASP A 227 36.58 53.06 -37.48
CA ASP A 227 37.58 52.49 -36.61
C ASP A 227 37.99 51.13 -37.10
N GLN A 228 38.94 50.51 -36.40
CA GLN A 228 39.42 49.20 -36.77
C GLN A 228 39.91 48.44 -35.57
N VAL A 229 39.95 47.12 -35.68
CA VAL A 229 40.49 46.27 -34.63
C VAL A 229 41.96 46.12 -34.88
N ILE A 230 42.79 46.24 -33.85
CA ILE A 230 44.21 46.11 -34.12
C ILE A 230 44.82 44.99 -33.29
N LYS A 231 45.98 44.54 -33.70
CA LYS A 231 46.67 43.44 -33.03
C LYS A 231 47.01 43.73 -31.57
N ASP A 232 47.06 44.99 -31.20
CA ASP A 232 47.44 45.34 -29.86
C ASP A 232 46.25 45.28 -28.91
N ASP A 233 45.10 44.89 -29.44
CA ASP A 233 43.91 44.72 -28.65
C ASP A 233 43.84 43.27 -28.20
N HIS A 234 44.86 42.50 -28.55
CA HIS A 234 44.87 41.09 -28.23
C HIS A 234 46.07 40.68 -27.41
N GLU A 235 45.90 39.61 -26.65
CA GLU A 235 47.00 39.01 -25.95
C GLU A 235 47.91 38.50 -27.04
N LEU A 236 49.22 38.64 -26.87
CA LEU A 236 50.16 38.29 -27.92
C LEU A 236 50.07 36.85 -28.37
N ILE A 237 49.67 35.95 -27.50
CA ILE A 237 49.58 34.56 -27.90
C ILE A 237 48.63 34.36 -29.09
N ASN A 238 47.67 35.27 -29.27
CA ASN A 238 46.69 35.21 -30.32
C ASN A 238 46.97 36.16 -31.50
N GLN A 239 48.13 36.80 -31.52
CA GLN A 239 48.34 37.80 -32.57
C GLN A 239 48.47 37.20 -33.95
N ASP A 240 48.85 35.93 -34.06
CA ASP A 240 49.00 35.34 -35.39
C ASP A 240 47.64 34.91 -35.89
N ILE A 241 46.76 34.52 -34.98
CA ILE A 241 45.45 34.09 -35.40
C ILE A 241 44.77 35.33 -35.94
N PHE A 242 44.88 36.42 -35.18
CA PHE A 242 44.30 37.67 -35.56
C PHE A 242 44.85 38.12 -36.89
N ALA A 243 46.16 38.10 -37.06
CA ALA A 243 46.75 38.55 -38.30
C ALA A 243 46.31 37.73 -39.51
N GLN A 244 46.17 36.40 -39.38
CA GLN A 244 45.79 35.63 -40.56
C GLN A 244 44.29 35.50 -40.83
N SER A 245 43.42 35.80 -39.88
CA SER A 245 42.00 35.62 -40.12
C SER A 245 41.46 36.64 -41.11
N ALA A 246 40.29 36.32 -41.70
CA ALA A 246 39.60 37.17 -42.66
C ALA A 246 38.53 38.00 -41.99
N PHE A 247 37.90 37.39 -41.02
CA PHE A 247 36.79 37.99 -40.31
C PHE A 247 36.75 37.51 -38.89
N SER A 248 36.01 38.25 -38.06
CA SER A 248 35.85 37.90 -36.66
C SER A 248 34.45 38.21 -36.14
N VAL A 249 33.91 37.31 -35.33
CA VAL A 249 32.56 37.46 -34.83
C VAL A 249 32.45 37.62 -33.33
N TYR A 250 31.71 38.64 -32.93
CA TYR A 250 31.51 38.92 -31.52
C TYR A 250 30.09 38.58 -31.07
N LEU A 251 29.99 37.97 -29.90
CA LEU A 251 28.71 37.63 -29.29
C LEU A 251 28.43 38.54 -28.12
N VAL A 252 27.32 39.27 -28.22
CA VAL A 252 26.95 40.25 -27.21
C VAL A 252 25.63 39.96 -26.52
N TYR A 253 25.64 39.99 -25.20
CA TYR A 253 24.44 39.74 -24.44
C TYR A 253 23.63 40.97 -24.17
N ASN A 254 22.36 40.93 -24.56
CA ASN A 254 21.47 42.04 -24.37
C ASN A 254 20.58 41.81 -23.17
N ALA A 255 20.85 42.50 -22.10
CA ALA A 255 20.13 42.28 -20.86
C ALA A 255 18.64 42.52 -20.98
N ARG A 256 18.19 43.40 -21.86
CA ARG A 256 16.77 43.72 -21.89
C ARG A 256 15.98 42.59 -22.51
N ALA A 257 16.70 41.70 -23.21
CA ALA A 257 16.14 40.59 -23.92
C ALA A 257 16.07 39.36 -23.04
N SER A 258 16.48 39.49 -21.77
CA SER A 258 16.47 38.34 -20.87
C SER A 258 16.10 38.68 -19.42
N MET A 259 16.76 39.69 -18.85
CA MET A 259 16.58 40.01 -17.44
C MET A 259 15.11 40.23 -17.06
N PRO A 260 14.27 40.93 -17.84
CA PRO A 260 12.89 41.14 -17.49
C PRO A 260 12.09 39.85 -17.26
N LYS A 261 12.54 38.71 -17.84
CA LYS A 261 11.80 37.47 -17.70
C LYS A 261 12.41 36.57 -16.62
N TYR A 262 13.74 36.53 -16.55
CA TYR A 262 14.39 35.63 -15.61
C TYR A 262 15.17 36.24 -14.47
N GLY A 263 15.42 37.54 -14.52
CA GLY A 263 16.24 38.12 -13.50
C GLY A 263 17.65 37.65 -13.72
N ALA A 264 18.42 37.54 -12.65
CA ALA A 264 19.83 37.21 -12.72
C ALA A 264 20.09 35.93 -13.46
N ALA A 265 19.17 34.98 -13.36
CA ALA A 265 19.34 33.71 -14.02
C ALA A 265 19.49 33.91 -15.50
N GLY A 266 18.89 34.96 -16.06
CA GLY A 266 18.95 35.24 -17.47
C GLY A 266 20.37 35.47 -17.97
N TYR A 267 21.22 36.08 -17.14
CA TYR A 267 22.58 36.38 -17.53
C TYR A 267 23.32 35.05 -17.56
N PHE A 268 23.07 34.24 -16.55
CA PHE A 268 23.69 32.94 -16.51
C PHE A 268 23.29 32.10 -17.71
N TYR A 269 22.00 32.07 -18.01
CA TYR A 269 21.56 31.27 -19.12
C TYR A 269 22.24 31.74 -20.39
N ALA A 270 22.37 33.06 -20.57
CA ALA A 270 23.02 33.56 -21.75
C ALA A 270 24.47 33.04 -21.85
N CYS A 271 25.12 32.89 -20.69
CA CYS A 271 26.50 32.42 -20.67
C CYS A 271 26.58 30.98 -21.16
N ILE A 272 25.50 30.21 -20.96
CA ILE A 272 25.42 28.83 -21.46
C ILE A 272 25.20 28.88 -22.95
N GLU A 273 24.28 29.77 -23.35
CA GLU A 273 23.88 29.91 -24.73
C GLU A 273 25.05 30.28 -25.59
N ALA A 274 26.01 30.98 -25.04
CA ALA A 274 27.20 31.29 -25.78
C ALA A 274 27.92 30.02 -26.28
N GLY A 275 27.86 28.87 -25.54
CA GLY A 275 28.50 27.61 -25.99
C GLY A 275 27.67 27.03 -27.13
N ILE A 276 26.37 27.23 -26.98
CA ILE A 276 25.36 26.86 -27.95
C ILE A 276 25.66 27.93 -28.96
N ILE A 277 25.24 27.84 -30.19
CA ILE A 277 25.57 28.85 -31.21
C ILE A 277 26.98 28.65 -31.69
N THR A 278 27.96 28.73 -30.80
CA THR A 278 29.33 28.52 -31.17
C THR A 278 29.50 27.13 -31.71
N ALA A 279 28.99 26.14 -31.01
CA ALA A 279 29.11 24.80 -31.52
C ALA A 279 28.35 24.63 -32.83
N THR A 280 27.21 25.27 -32.94
CA THR A 280 26.39 25.15 -34.13
C THR A 280 27.13 25.70 -35.33
N LEU A 281 27.73 26.85 -35.12
CA LEU A 281 28.44 27.55 -36.15
C LEU A 281 29.63 26.72 -36.57
N ASN A 282 30.28 26.08 -35.60
CA ASN A 282 31.45 25.27 -35.89
C ASN A 282 31.12 24.11 -36.77
N MET A 283 29.94 23.52 -36.59
CA MET A 283 29.56 22.39 -37.41
C MET A 283 29.30 22.80 -38.83
N VAL A 284 28.69 23.96 -39.01
CA VAL A 284 28.44 24.42 -40.34
C VAL A 284 29.76 24.78 -41.01
N ALA A 285 30.65 25.41 -40.27
CA ALA A 285 31.94 25.75 -40.83
C ALA A 285 32.64 24.50 -41.33
N GLU A 286 32.44 23.36 -40.66
CA GLU A 286 33.10 22.16 -41.13
C GLU A 286 32.51 21.76 -42.49
N ASP A 287 31.19 21.82 -42.64
CA ASP A 287 30.59 21.45 -43.92
C ASP A 287 31.02 22.37 -45.06
N LEU A 288 31.24 23.62 -44.72
CA LEU A 288 31.62 24.63 -45.68
C LEU A 288 33.13 24.77 -45.91
N ASN A 289 33.96 23.94 -45.28
CA ASN A 289 35.41 24.02 -45.39
C ASN A 289 35.97 25.37 -44.92
N VAL A 290 35.44 25.86 -43.81
CA VAL A 290 35.85 27.09 -43.17
C VAL A 290 36.49 26.81 -41.82
N GLY A 291 37.61 27.47 -41.53
CA GLY A 291 38.26 27.23 -40.27
C GLY A 291 37.86 28.28 -39.24
N LEU A 292 37.74 27.86 -37.99
CA LEU A 292 37.43 28.77 -36.90
C LEU A 292 38.30 28.51 -35.67
N CYS A 293 38.59 29.57 -34.91
CA CYS A 293 39.26 29.45 -33.62
C CYS A 293 38.74 30.47 -32.64
N SER A 294 38.26 30.01 -31.49
CA SER A 294 37.71 30.94 -30.51
C SER A 294 38.79 31.64 -29.71
N ILE A 295 38.45 32.80 -29.15
CA ILE A 295 39.34 33.57 -28.31
C ILE A 295 38.75 33.80 -26.91
N GLY A 296 39.49 33.47 -25.86
CA GLY A 296 38.99 33.66 -24.50
C GLY A 296 38.98 35.08 -23.94
N HIS A 297 39.88 35.94 -24.40
CA HIS A 297 39.96 37.29 -23.86
C HIS A 297 40.67 38.23 -24.79
N MET A 298 40.19 39.45 -24.88
CA MET A 298 40.80 40.51 -25.66
C MET A 298 40.31 41.86 -25.12
N ASN A 299 40.77 42.96 -25.69
CA ASN A 299 40.37 44.25 -25.15
C ASN A 299 38.95 44.62 -25.56
N PHE A 300 38.03 44.23 -24.69
CA PHE A 300 36.63 44.40 -24.92
C PHE A 300 36.18 45.82 -24.72
N GLU A 301 36.87 46.59 -23.90
CA GLU A 301 36.46 47.95 -23.68
C GLU A 301 36.58 48.78 -24.95
N GLU A 302 37.62 48.56 -25.72
CA GLU A 302 37.70 49.32 -26.93
C GLU A 302 36.63 48.87 -27.89
N ILE A 303 36.33 47.57 -27.91
CA ILE A 303 35.32 47.10 -28.84
C ILE A 303 33.94 47.61 -28.49
N GLN A 304 33.57 47.60 -27.21
CA GLN A 304 32.23 48.05 -26.89
C GLN A 304 32.11 49.54 -27.20
N THR A 305 33.23 50.24 -27.14
CA THR A 305 33.20 51.63 -27.51
C THR A 305 32.93 51.76 -29.01
N PHE A 306 33.62 50.97 -29.83
CA PHE A 306 33.50 51.04 -31.28
C PHE A 306 32.11 50.69 -31.76
N LEU A 307 31.50 49.72 -31.12
CA LEU A 307 30.19 49.25 -31.51
C LEU A 307 29.08 50.09 -30.93
N LYS A 308 29.42 51.10 -30.16
CA LYS A 308 28.45 51.94 -29.54
C LYS A 308 27.49 51.11 -28.75
N LEU A 309 28.00 50.19 -27.93
CA LEU A 309 27.09 49.39 -27.15
C LEU A 309 26.53 50.21 -26.02
N GLU A 310 25.29 49.93 -25.69
CA GLU A 310 24.58 50.61 -24.61
C GLU A 310 24.81 49.95 -23.28
N ASP A 311 24.24 50.54 -22.24
CA ASP A 311 24.45 50.05 -20.88
C ASP A 311 24.00 48.62 -20.68
N HIS A 312 22.98 48.18 -21.38
CA HIS A 312 22.49 46.84 -21.23
C HIS A 312 23.23 45.77 -22.05
N GLN A 313 24.19 46.17 -22.89
CA GLN A 313 24.90 45.23 -23.75
C GLN A 313 26.29 44.84 -23.21
N VAL A 314 26.53 43.54 -23.11
CA VAL A 314 27.79 43.00 -22.61
C VAL A 314 28.50 42.08 -23.60
N ILE A 315 29.77 42.30 -23.88
CA ILE A 315 30.42 41.38 -24.83
C ILE A 315 30.80 40.13 -24.07
N LEU A 316 30.39 38.95 -24.55
CA LEU A 316 30.74 37.74 -23.83
C LEU A 316 31.84 36.92 -24.47
N HIS A 317 31.86 36.91 -25.81
CA HIS A 317 32.79 35.99 -26.49
C HIS A 317 33.10 36.39 -27.92
N ALA A 318 34.25 35.97 -28.46
CA ALA A 318 34.54 36.24 -29.86
C ALA A 318 35.29 35.09 -30.54
N ILE A 319 35.01 34.91 -31.85
CA ILE A 319 35.61 33.87 -32.69
C ILE A 319 36.27 34.40 -33.97
N GLU A 320 37.50 33.96 -34.25
CA GLU A 320 38.21 34.36 -35.47
C GLU A 320 38.12 33.30 -36.56
N GLY A 321 38.14 33.69 -37.84
CA GLY A 321 38.16 32.65 -38.87
C GLY A 321 38.46 33.08 -40.32
N GLY A 322 38.42 32.08 -41.20
CA GLY A 322 38.73 32.27 -42.62
C GLY A 322 38.65 30.92 -43.34
N LEU A 323 38.99 30.88 -44.63
CA LEU A 323 38.88 29.65 -45.39
C LEU A 323 39.93 28.68 -44.96
N LYS A 324 39.59 27.39 -44.98
CA LYS A 324 40.61 26.42 -44.64
C LYS A 324 41.66 26.41 -45.73
N ILE A 325 42.90 26.29 -45.30
CA ILE A 325 44.05 26.28 -46.19
C ILE A 325 44.70 24.94 -46.35
N ASP A 326 44.91 24.57 -47.60
CA ASP A 326 45.55 23.33 -47.97
C ASP A 326 46.58 23.56 -49.06
N GLY B 4 40.18 21.24 11.33
CA GLY B 4 39.17 20.42 10.67
C GLY B 4 37.80 21.05 10.87
N GLU B 5 37.80 22.08 11.69
CA GLU B 5 36.60 22.83 11.98
C GLU B 5 36.23 23.60 10.73
N GLN B 6 34.96 23.67 10.39
CA GLN B 6 34.60 24.39 9.18
C GLN B 6 34.78 25.90 9.31
N ILE B 7 35.46 26.46 8.32
CA ILE B 7 35.72 27.88 8.18
C ILE B 7 34.59 28.55 7.44
N PHE B 8 34.06 29.63 7.98
CA PHE B 8 33.02 30.30 7.25
C PHE B 8 33.44 31.69 6.83
N TYR B 9 33.00 32.06 5.66
CA TYR B 9 33.32 33.36 5.11
C TYR B 9 32.08 34.21 4.99
N TRP B 10 32.23 35.50 5.14
CA TRP B 10 31.09 36.37 4.84
C TRP B 10 30.81 36.11 3.38
N SER B 11 29.58 35.79 3.03
CA SER B 11 29.29 35.54 1.65
C SER B 11 29.46 36.80 0.87
N PRO B 12 30.19 36.81 -0.24
CA PRO B 12 30.46 37.98 -1.04
C PRO B 12 29.21 38.53 -1.66
N ALA B 13 28.15 37.74 -1.69
CA ALA B 13 26.90 38.17 -2.28
C ALA B 13 26.06 39.00 -1.32
N LYS B 14 26.52 39.17 -0.08
CA LYS B 14 25.73 39.92 0.89
C LYS B 14 26.31 41.27 1.24
N HIS B 15 25.42 42.22 1.35
CA HIS B 15 25.70 43.58 1.76
C HIS B 15 24.76 43.95 2.88
N TRP B 16 25.14 44.97 3.64
CA TRP B 16 24.36 45.31 4.81
C TRP B 16 24.28 46.79 5.12
N ARG B 17 23.27 47.15 5.91
CA ARG B 17 23.06 48.52 6.38
C ARG B 17 22.56 48.60 7.81
N MET B 18 22.83 49.72 8.46
CA MET B 18 22.29 49.96 9.77
C MET B 18 20.92 50.57 9.66
N SER B 19 20.03 50.23 10.57
CA SER B 19 18.69 50.76 10.60
C SER B 19 18.23 50.97 12.04
N ASP B 20 17.04 51.53 12.20
CA ASP B 20 16.50 51.76 13.54
C ASP B 20 15.97 50.46 14.12
N GLU B 21 15.46 49.61 13.26
CA GLU B 21 14.93 48.32 13.65
C GLU B 21 16.05 47.40 14.07
N GLY B 22 17.16 47.48 13.35
CA GLY B 22 18.30 46.62 13.59
C GLY B 22 19.29 46.65 12.45
N VAL B 23 19.85 45.49 12.17
CA VAL B 23 20.84 45.43 11.10
C VAL B 23 20.23 44.67 9.98
N VAL B 24 20.39 45.20 8.79
CA VAL B 24 19.83 44.53 7.65
C VAL B 24 20.90 43.90 6.83
N ILE B 25 20.76 42.59 6.63
CA ILE B 25 21.72 41.88 5.83
C ILE B 25 20.97 41.23 4.70
N GLY B 26 21.28 41.61 3.48
CA GLY B 26 20.51 41.05 2.41
C GLY B 26 19.06 41.49 2.60
N GLU B 27 18.15 40.53 2.65
CA GLU B 27 16.73 40.79 2.81
C GLU B 27 16.20 40.67 4.24
N SER B 28 17.06 40.34 5.21
CA SER B 28 16.56 40.10 6.57
C SER B 28 17.01 41.13 7.59
N THR B 29 16.16 41.36 8.60
CA THR B 29 16.52 42.28 9.67
C THR B 29 16.78 41.51 10.94
N TYR B 30 17.89 41.81 11.58
CA TYR B 30 18.27 41.12 12.80
C TYR B 30 18.44 42.09 13.95
N THR B 31 18.24 41.58 15.16
CA THR B 31 18.43 42.34 16.40
C THR B 31 19.25 41.53 17.39
N GLY B 32 19.65 42.14 18.50
CA GLY B 32 20.44 41.42 19.51
C GLY B 32 21.92 41.61 19.26
N MET B 33 22.72 40.62 19.66
CA MET B 33 24.17 40.73 19.63
C MET B 33 24.68 41.08 18.27
N ILE B 34 24.03 40.57 17.27
CA ILE B 34 24.46 40.84 15.94
C ILE B 34 24.50 42.32 15.62
N LEU B 35 23.62 43.09 16.23
CA LEU B 35 23.58 44.50 16.01
C LEU B 35 24.68 45.13 16.82
N GLU B 36 24.82 44.60 18.03
CA GLU B 36 25.76 45.09 19.01
C GLU B 36 27.19 44.90 18.54
N TRP B 37 27.39 43.96 17.64
CA TRP B 37 28.69 43.64 17.07
C TRP B 37 29.31 44.67 16.12
N PHE B 38 28.53 45.53 15.44
CA PHE B 38 29.22 46.50 14.56
C PHE B 38 30.10 45.87 13.43
N PRO B 39 30.77 46.70 12.57
CA PRO B 39 31.63 46.26 11.49
C PRO B 39 32.68 45.28 11.94
N GLU B 40 33.07 45.26 13.20
CA GLU B 40 34.06 44.26 13.53
C GLU B 40 33.54 42.88 13.22
N PHE B 41 32.25 42.61 13.42
CA PHE B 41 31.80 41.28 13.06
C PHE B 41 31.96 41.10 11.59
N TYR B 42 31.50 42.09 10.87
CA TYR B 42 31.58 42.03 9.43
C TYR B 42 33.02 41.77 8.94
N PHE B 43 33.99 42.52 9.45
CA PHE B 43 35.40 42.42 9.04
C PHE B 43 35.95 41.05 9.37
N PHE B 44 35.62 40.50 10.53
CA PHE B 44 36.12 39.17 10.81
C PHE B 44 35.52 38.13 9.92
N ALA B 45 34.21 38.18 9.70
CA ALA B 45 33.58 37.18 8.88
C ALA B 45 34.17 37.20 7.49
N GLN B 46 34.53 38.39 7.05
CA GLN B 46 35.10 38.67 5.75
C GLN B 46 36.38 37.90 5.44
N THR B 47 37.19 37.53 6.44
CA THR B 47 38.45 36.88 6.11
C THR B 47 38.43 35.37 6.25
N GLY B 48 37.35 34.78 6.75
CA GLY B 48 37.30 33.33 6.96
C GLY B 48 37.64 32.96 8.39
N VAL B 49 36.63 32.65 9.18
CA VAL B 49 36.87 32.33 10.59
C VAL B 49 36.04 31.11 10.99
N THR B 50 36.58 30.23 11.82
CA THR B 50 35.78 29.10 12.27
C THR B 50 34.88 29.52 13.42
N ILE B 51 33.92 28.68 13.78
CA ILE B 51 32.99 29.05 14.84
C ILE B 51 33.63 29.25 16.19
N ASN B 52 34.50 28.36 16.61
CA ASN B 52 35.06 28.58 17.93
C ASN B 52 35.83 29.89 17.99
N ARG B 53 36.46 30.30 16.89
CA ARG B 53 37.16 31.55 16.92
C ARG B 53 36.17 32.70 16.94
N LEU B 54 35.08 32.62 16.17
CA LEU B 54 34.15 33.72 16.23
C LEU B 54 33.57 33.82 17.63
N LEU B 55 33.32 32.70 18.29
CA LEU B 55 32.76 32.79 19.62
C LEU B 55 33.79 33.38 20.58
N GLU B 56 35.07 33.01 20.44
CA GLU B 56 36.07 33.56 21.32
C GLU B 56 36.12 35.08 21.22
N ARG B 57 36.03 35.59 19.99
CA ARG B 57 36.11 37.02 19.74
C ARG B 57 34.80 37.79 19.94
N PHE B 58 33.69 37.19 19.57
CA PHE B 58 32.41 37.86 19.60
C PHE B 58 31.36 37.40 20.61
N SER B 59 31.69 36.49 21.52
CA SER B 59 30.68 36.08 22.47
C SER B 59 30.65 37.06 23.63
N SER B 60 31.35 36.78 24.72
CA SER B 60 31.34 37.73 25.85
C SER B 60 29.89 38.11 26.24
N GLY B 61 29.03 37.10 26.35
CA GLY B 61 27.61 37.22 26.64
C GLY B 61 27.14 35.79 26.83
N SER B 62 25.85 35.52 26.81
CA SER B 62 25.47 34.15 27.04
C SER B 62 25.91 33.29 25.87
N GLU B 63 26.34 32.06 26.14
CA GLU B 63 26.78 31.18 25.07
C GLU B 63 25.63 30.89 24.15
N LYS B 64 24.45 30.74 24.71
CA LYS B 64 23.29 30.43 23.91
C LYS B 64 23.00 31.54 22.93
N GLU B 65 23.16 32.77 23.39
CA GLU B 65 22.86 33.89 22.52
C GLU B 65 23.85 33.91 21.38
N ALA B 66 25.12 33.67 21.72
CA ALA B 66 26.15 33.70 20.73
C ALA B 66 25.97 32.61 19.70
N ASN B 67 25.53 31.45 20.16
CA ASN B 67 25.35 30.33 19.27
C ASN B 67 24.16 30.49 18.37
N GLU B 68 23.07 31.05 18.89
CA GLU B 68 21.90 31.24 18.07
C GLU B 68 22.20 32.19 16.94
N ILE B 69 22.95 33.25 17.21
CA ILE B 69 23.22 34.19 16.15
C ILE B 69 24.07 33.54 15.07
N LEU B 70 25.11 32.80 15.44
CA LEU B 70 25.91 32.24 14.39
C LEU B 70 25.15 31.18 13.61
N GLU B 71 24.29 30.42 14.28
CA GLU B 71 23.54 29.39 13.56
C GLU B 71 22.60 30.01 12.55
N LEU B 72 21.96 31.11 12.91
CA LEU B 72 21.06 31.70 11.95
C LEU B 72 21.80 32.22 10.74
N LEU B 73 22.95 32.83 10.96
CA LEU B 73 23.68 33.39 9.84
C LEU B 73 24.16 32.32 8.88
N ILE B 74 24.49 31.15 9.38
CA ILE B 74 24.89 30.08 8.49
C ILE B 74 23.67 29.62 7.70
N GLN B 75 22.53 29.45 8.37
CA GLN B 75 21.31 28.98 7.70
C GLN B 75 20.84 29.93 6.63
N ASP B 76 21.06 31.22 6.84
CA ASP B 76 20.64 32.26 5.92
C ASP B 76 21.67 32.53 4.82
N ARG B 77 22.74 31.73 4.79
CA ARG B 77 23.80 31.89 3.82
C ARG B 77 24.50 33.22 3.90
N VAL B 78 24.65 33.74 5.11
CA VAL B 78 25.39 34.96 5.29
C VAL B 78 26.81 34.54 5.45
N LEU B 79 26.99 33.46 6.17
CA LEU B 79 28.29 32.88 6.40
C LEU B 79 28.30 31.59 5.62
N VAL B 80 29.29 31.42 4.73
CA VAL B 80 29.30 30.25 3.86
C VAL B 80 30.62 29.50 3.85
N GLU B 81 30.55 28.25 3.43
CA GLU B 81 31.68 27.33 3.36
C GLU B 81 32.69 27.52 2.22
N GLY B 82 32.19 27.90 1.04
CA GLY B 82 33.06 27.95 -0.14
C GLY B 82 32.39 28.56 -1.36
N ILE B 83 32.82 28.11 -2.54
CA ILE B 83 32.41 28.61 -3.86
C ILE B 83 30.91 28.55 -4.06
N LEU B 84 30.36 29.62 -4.59
CA LEU B 84 28.92 29.70 -4.73
C LEU B 84 28.45 29.12 -6.07
N PRO B 85 27.25 28.56 -6.13
CA PRO B 85 26.61 28.10 -7.33
C PRO B 85 26.16 29.31 -8.12
N PRO B 86 25.93 29.20 -9.43
CA PRO B 86 25.52 30.26 -10.33
C PRO B 86 24.31 31.06 -9.90
N ARG B 87 23.38 30.45 -9.19
CA ARG B 87 22.22 31.21 -8.80
C ARG B 87 22.55 32.23 -7.74
N GLU B 88 23.60 31.99 -6.97
CA GLU B 88 23.98 32.94 -5.95
C GLU B 88 24.98 33.91 -6.57
N VAL B 89 25.79 33.42 -7.50
CA VAL B 89 26.83 34.24 -8.09
C VAL B 89 26.29 35.43 -8.83
N PHE B 90 25.23 35.24 -9.60
CA PHE B 90 24.68 36.33 -10.37
C PHE B 90 23.59 37.11 -9.64
N SER B 91 23.26 36.74 -8.42
CA SER B 91 22.14 37.37 -7.75
C SER B 91 22.22 38.90 -7.63
N PRO B 92 23.34 39.51 -7.23
CA PRO B 92 23.48 40.94 -7.03
C PRO B 92 23.26 41.77 -8.28
N GLN B 93 23.23 41.16 -9.47
CA GLN B 93 23.07 41.93 -10.70
C GLN B 93 21.64 42.44 -10.82
N GLU B 94 20.74 41.91 -9.99
CA GLU B 94 19.35 42.33 -9.99
C GLU B 94 19.24 43.78 -9.60
N GLY B 95 20.18 44.28 -8.80
CA GLY B 95 20.06 45.66 -8.37
C GLY B 95 20.60 46.63 -9.40
N LEU B 96 21.19 46.12 -10.47
CA LEU B 96 21.75 46.99 -11.49
C LEU B 96 20.85 47.08 -12.71
N PHE B 97 20.11 46.02 -12.98
CA PHE B 97 19.23 46.04 -14.12
C PHE B 97 17.93 46.78 -13.84
N VAL B 98 17.53 47.66 -14.73
CA VAL B 98 16.26 48.34 -14.58
C VAL B 98 15.35 47.86 -15.68
N ASN B 99 14.22 47.29 -15.28
CA ASN B 99 13.27 46.69 -16.20
C ASN B 99 12.31 47.73 -16.80
N PRO B 100 12.34 48.02 -18.12
CA PRO B 100 11.49 48.98 -18.79
C PRO B 100 10.06 48.45 -18.94
N TYR B 101 9.87 47.16 -18.65
CA TYR B 101 8.58 46.49 -18.79
C TYR B 101 7.93 46.34 -17.42
N SER B 102 6.61 46.20 -17.41
CA SER B 102 5.93 45.95 -16.15
C SER B 102 6.21 44.53 -15.70
N GLU B 103 5.98 44.28 -14.42
CA GLU B 103 6.22 42.99 -13.77
C GLU B 103 5.27 41.93 -14.24
N GLN B 104 4.22 42.36 -14.91
CA GLN B 104 3.18 41.52 -15.38
C GLN B 104 3.68 40.55 -16.41
N ILE B 105 4.80 40.84 -17.06
CA ILE B 105 5.28 39.88 -18.05
C ILE B 105 5.70 38.56 -17.37
N ARG B 106 5.83 38.54 -16.04
CA ARG B 106 6.18 37.30 -15.36
C ARG B 106 4.96 36.63 -14.73
N TYR B 107 3.76 37.22 -14.90
CA TYR B 107 2.56 36.68 -14.30
C TYR B 107 1.46 36.39 -15.32
N SER B 108 1.26 37.33 -16.23
CA SER B 108 0.23 37.29 -17.24
C SER B 108 0.74 36.65 -18.52
N LYS B 109 0.03 35.64 -19.01
CA LYS B 109 0.46 34.97 -20.22
C LYS B 109 0.47 35.94 -21.39
N GLU B 110 -0.54 36.78 -21.46
CA GLU B 110 -0.63 37.72 -22.53
C GLU B 110 0.46 38.77 -22.45
N ALA B 111 0.76 39.25 -21.23
CA ALA B 111 1.82 40.25 -21.09
C ALA B 111 3.13 39.65 -21.54
N LEU B 112 3.34 38.38 -21.22
CA LEU B 112 4.56 37.73 -21.62
C LEU B 112 4.59 37.53 -23.11
N ASP B 113 3.49 37.09 -23.71
CA ASP B 113 3.53 36.87 -25.13
C ASP B 113 3.85 38.17 -25.83
N TYR B 114 3.33 39.30 -25.33
CA TYR B 114 3.68 40.58 -25.92
C TYR B 114 5.19 40.76 -25.86
N TYR B 115 5.77 40.57 -24.66
CA TYR B 115 7.20 40.75 -24.46
C TYR B 115 8.02 39.92 -25.42
N VAL B 116 7.68 38.66 -25.56
CA VAL B 116 8.46 37.79 -26.39
C VAL B 116 8.38 38.18 -27.85
N SER B 117 7.18 38.48 -28.34
CA SER B 117 7.04 38.84 -29.74
C SER B 117 7.76 40.13 -30.07
N GLU B 118 7.73 41.07 -29.14
CA GLU B 118 8.41 42.33 -29.38
C GLU B 118 9.92 42.10 -29.44
N GLN B 119 10.46 41.30 -28.51
CA GLN B 119 11.89 41.06 -28.48
C GLN B 119 12.41 40.30 -29.69
N LEU B 120 11.62 39.41 -30.25
CA LEU B 120 12.08 38.63 -31.39
C LEU B 120 12.23 39.45 -32.65
N ASN B 121 11.74 40.67 -32.64
CA ASN B 121 11.84 41.52 -33.79
C ASN B 121 12.70 42.78 -33.53
N ARG B 122 13.51 42.75 -32.48
CA ARG B 122 14.40 43.85 -32.08
C ARG B 122 15.69 43.91 -32.91
N THR B 123 16.25 45.12 -33.07
CA THR B 123 17.54 45.33 -33.75
C THR B 123 18.44 46.26 -32.93
N HIS B 124 19.71 46.38 -33.33
CA HIS B 124 20.67 47.28 -32.68
C HIS B 124 20.38 48.71 -33.09
N ALA B 125 20.31 49.60 -32.11
CA ALA B 125 19.98 50.99 -32.42
C ALA B 125 21.04 51.77 -33.17
N ALA B 126 22.30 51.54 -32.87
CA ALA B 126 23.36 52.34 -33.47
C ALA B 126 23.79 51.83 -34.81
N CYS B 127 22.91 51.94 -35.79
CA CYS B 127 23.18 51.44 -37.13
C CYS B 127 23.19 52.52 -38.18
N ARG B 128 23.92 52.29 -39.27
CA ARG B 128 23.98 53.23 -40.39
C ARG B 128 23.06 52.74 -41.50
N SER B 129 22.64 53.64 -42.39
CA SER B 129 21.70 53.27 -43.44
C SER B 129 22.30 52.61 -44.68
N THR B 130 22.90 51.46 -44.47
CA THR B 130 23.45 50.65 -45.56
C THR B 130 23.62 49.22 -45.13
N LYS B 131 23.43 48.27 -46.05
CA LYS B 131 23.54 46.88 -45.70
C LYS B 131 23.86 45.96 -46.83
N ILE B 132 24.37 44.79 -46.46
CA ILE B 132 24.65 43.70 -47.38
C ILE B 132 23.70 42.55 -47.14
N GLN B 133 22.90 42.23 -48.14
CA GLN B 133 21.91 41.16 -47.99
C GLN B 133 22.52 39.82 -48.29
N LEU B 134 22.33 38.86 -47.39
CA LEU B 134 22.88 37.55 -47.61
C LEU B 134 21.85 36.63 -48.26
N GLU B 135 22.35 35.73 -49.11
CA GLU B 135 21.55 34.72 -49.79
C GLU B 135 21.21 33.57 -48.87
N THR B 136 20.06 32.95 -49.14
CA THR B 136 19.54 31.79 -48.40
C THR B 136 19.57 30.56 -49.29
N SER B 137 20.39 30.65 -50.32
CA SER B 137 20.63 29.70 -51.40
C SER B 137 21.37 28.39 -51.06
N GLY B 138 21.98 28.31 -49.88
CA GLY B 138 22.74 27.13 -49.47
C GLY B 138 21.91 26.14 -48.65
N ALA B 139 22.57 25.35 -47.81
CA ALA B 139 21.84 24.35 -47.04
C ALA B 139 22.51 24.00 -45.74
N LEU B 140 21.69 23.55 -44.80
CA LEU B 140 22.14 23.03 -43.53
C LEU B 140 21.85 21.54 -43.56
N PRO B 141 22.62 20.70 -42.86
CA PRO B 141 22.35 19.29 -42.71
C PRO B 141 21.20 19.07 -41.76
N ASP B 142 20.48 17.97 -41.93
CA ASP B 142 19.34 17.63 -41.06
C ASP B 142 19.69 17.51 -39.61
N ILE B 143 20.89 17.03 -39.35
CA ILE B 143 21.34 16.83 -37.98
C ILE B 143 21.26 18.13 -37.15
N ILE B 144 21.29 19.29 -37.79
CA ILE B 144 21.16 20.55 -37.08
C ILE B 144 19.79 21.18 -37.31
N GLN B 145 19.39 21.33 -38.55
CA GLN B 145 18.18 22.10 -38.80
C GLN B 145 16.88 21.43 -38.33
N LYS B 146 16.88 20.09 -38.18
CA LYS B 146 15.68 19.40 -37.75
C LYS B 146 15.64 19.06 -36.27
N ARG B 147 16.60 19.51 -35.49
CA ARG B 147 16.59 19.14 -34.08
C ARG B 147 15.50 19.87 -33.33
N ARG B 148 14.82 19.17 -32.42
CA ARG B 148 13.77 19.83 -31.62
C ARG B 148 13.76 19.28 -30.21
N SER B 149 13.50 20.16 -29.22
CA SER B 149 13.39 19.67 -27.85
C SER B 149 12.16 18.78 -27.73
N CYS B 150 12.28 17.73 -26.93
CA CYS B 150 11.15 16.82 -26.74
C CYS B 150 10.63 16.83 -25.32
N ARG B 151 9.31 16.88 -25.18
CA ARG B 151 8.71 16.83 -23.85
C ARG B 151 7.79 15.63 -23.70
N ARG B 152 7.84 14.74 -24.67
CA ARG B 152 7.01 13.55 -24.68
C ARG B 152 7.85 12.35 -25.06
N PHE B 153 7.74 11.31 -24.25
CA PHE B 153 8.58 10.15 -24.41
C PHE B 153 7.85 8.84 -24.51
N ASP B 154 8.53 7.87 -25.11
CA ASP B 154 8.06 6.50 -25.17
C ASP B 154 8.40 5.81 -23.87
N MET B 155 7.41 5.61 -23.03
CA MET B 155 7.60 5.07 -21.70
C MET B 155 7.53 3.56 -21.66
N LYS B 156 7.36 2.92 -22.81
CA LYS B 156 7.26 1.48 -22.83
C LYS B 156 8.51 0.83 -23.39
N THR B 157 9.13 1.48 -24.36
CA THR B 157 10.33 0.93 -24.96
C THR B 157 11.54 1.39 -24.14
N PRO B 158 12.42 0.51 -23.62
CA PRO B 158 13.60 0.85 -22.87
C PRO B 158 14.61 1.39 -23.85
N VAL B 159 15.53 2.20 -23.40
CA VAL B 159 16.58 2.65 -24.29
C VAL B 159 17.46 1.44 -24.50
N SER B 160 17.80 1.10 -25.74
CA SER B 160 18.62 -0.09 -25.91
C SER B 160 20.01 0.18 -25.40
N PHE B 161 20.72 -0.88 -25.07
CA PHE B 161 22.06 -0.73 -24.54
C PHE B 161 22.98 -0.13 -25.58
N ALA B 162 22.93 -0.64 -26.80
CA ALA B 162 23.80 -0.11 -27.82
C ALA B 162 23.51 1.36 -28.10
N THR B 163 22.24 1.76 -28.08
CA THR B 163 21.92 3.16 -28.32
C THR B 163 22.51 4.04 -27.24
N PHE B 164 22.38 3.60 -26.00
CA PHE B 164 22.86 4.37 -24.89
C PHE B 164 24.37 4.49 -24.99
N SER B 165 25.05 3.39 -25.34
CA SER B 165 26.49 3.44 -25.47
C SER B 165 26.92 4.36 -26.59
N ASN B 166 26.22 4.32 -27.72
CA ASN B 166 26.64 5.14 -28.83
C ASN B 166 26.41 6.61 -28.55
N LEU B 167 25.36 6.94 -27.80
CA LEU B 167 25.14 8.35 -27.47
C LEU B 167 26.23 8.84 -26.52
N LEU B 168 26.60 8.03 -25.54
CA LEU B 168 27.62 8.43 -24.60
C LEU B 168 28.99 8.52 -25.26
N SER B 169 29.23 7.74 -26.31
CA SER B 169 30.52 7.73 -26.99
C SER B 169 30.80 9.07 -27.62
N SER B 170 29.78 9.90 -27.77
CA SER B 170 29.97 11.19 -28.37
C SER B 170 30.90 12.07 -27.56
N LEU B 171 31.07 11.77 -26.27
CA LEU B 171 31.95 12.57 -25.44
C LEU B 171 33.20 11.81 -24.98
N LYS B 172 33.52 10.65 -25.57
CA LYS B 172 34.67 9.88 -25.10
C LYS B 172 35.99 10.41 -25.62
N GLN B 173 37.07 9.99 -24.97
CA GLN B 173 38.42 10.35 -25.40
C GLN B 173 38.88 9.49 -26.57
N ARG B 174 39.71 10.09 -27.41
CA ARG B 174 40.37 9.43 -28.51
C ARG B 174 41.85 9.62 -28.38
N LYS B 175 42.65 8.66 -28.84
CA LYS B 175 44.09 8.82 -28.76
C LYS B 175 44.75 8.92 -30.12
N GLU B 176 45.25 10.12 -30.42
CA GLU B 176 45.91 10.37 -31.71
C GLU B 176 47.18 11.14 -31.41
N ASP B 177 48.09 10.46 -30.71
CA ASP B 177 49.35 10.99 -30.21
C ASP B 177 49.16 12.02 -29.11
N LYS B 178 47.94 12.15 -28.64
CA LYS B 178 47.51 13.02 -27.56
C LYS B 178 46.06 12.69 -27.27
N ILE B 179 45.52 13.21 -26.18
CA ILE B 179 44.10 13.00 -25.95
C ILE B 179 43.26 14.04 -26.64
N LEU B 180 42.34 13.54 -27.45
CA LEU B 180 41.42 14.35 -28.22
C LEU B 180 40.02 14.06 -27.81
N TYR B 181 39.18 15.03 -27.96
CA TYR B 181 37.78 14.86 -27.72
C TYR B 181 37.05 15.15 -29.00
N ASN B 182 35.74 14.97 -28.98
CA ASN B 182 34.91 15.21 -30.14
C ASN B 182 34.39 16.63 -30.17
N TYR B 183 34.85 17.43 -29.23
CA TYR B 183 34.45 18.80 -29.14
C TYR B 183 35.59 19.61 -28.54
N ALA B 184 35.59 20.91 -28.79
CA ALA B 184 36.57 21.83 -28.24
C ALA B 184 36.24 22.23 -26.82
N SER B 185 37.26 22.46 -25.98
CA SER B 185 36.97 22.96 -24.64
C SER B 185 38.12 23.65 -23.94
N ALA B 186 37.74 24.62 -23.11
CA ALA B 186 38.62 25.39 -22.24
C ALA B 186 39.89 25.75 -22.95
N GLY B 187 40.99 25.58 -22.24
CA GLY B 187 42.34 25.68 -22.76
C GLY B 187 42.85 24.29 -23.06
N GLY B 188 41.93 23.34 -23.29
CA GLY B 188 42.26 21.94 -23.50
C GLY B 188 42.22 21.13 -22.21
N LEU B 189 41.65 21.70 -21.15
CA LEU B 189 41.58 21.03 -19.87
C LEU B 189 40.37 20.14 -19.67
N TYR B 190 39.26 20.44 -20.33
CA TYR B 190 38.04 19.65 -20.17
C TYR B 190 37.68 19.39 -18.70
N PRO B 191 37.37 20.44 -17.90
CA PRO B 191 37.12 20.45 -16.46
C PRO B 191 35.70 20.08 -16.03
N ILE B 192 34.90 19.54 -16.94
CA ILE B 192 33.53 19.19 -16.60
C ILE B 192 33.28 17.68 -16.57
N ASP B 193 32.79 17.21 -15.43
CA ASP B 193 32.44 15.82 -15.19
C ASP B 193 31.04 15.48 -15.62
N VAL B 194 30.87 14.27 -16.08
CA VAL B 194 29.55 13.83 -16.48
C VAL B 194 29.00 12.73 -15.61
N PHE B 195 27.83 12.99 -15.09
CA PHE B 195 27.13 12.02 -14.28
C PHE B 195 25.84 11.64 -14.96
N VAL B 196 25.54 10.35 -14.94
CA VAL B 196 24.37 9.82 -15.60
C VAL B 196 23.39 9.16 -14.65
N TYR B 197 22.14 9.58 -14.69
CA TYR B 197 21.12 9.00 -13.83
C TYR B 197 20.10 8.19 -14.60
N VAL B 198 19.88 6.96 -14.15
CA VAL B 198 18.95 6.05 -14.79
C VAL B 198 17.80 5.59 -13.90
N LYS B 199 16.57 5.69 -14.43
CA LYS B 199 15.37 5.23 -13.74
C LYS B 199 15.19 3.71 -13.94
N PRO B 200 14.51 2.99 -13.04
CA PRO B 200 14.34 1.54 -13.12
C PRO B 200 13.74 1.05 -14.41
N ARG B 201 14.44 0.08 -15.00
CA ARG B 201 14.06 -0.59 -16.24
C ARG B 201 13.86 0.31 -17.44
N ARG B 202 14.33 1.55 -17.40
CA ARG B 202 14.11 2.38 -18.57
C ARG B 202 15.27 2.36 -19.54
N VAL B 203 16.38 1.79 -19.10
CA VAL B 203 17.56 1.65 -19.92
C VAL B 203 18.03 0.20 -19.86
N GLU B 204 18.17 -0.43 -21.02
CA GLU B 204 18.58 -1.82 -21.06
C GLU B 204 19.95 -2.03 -20.45
N GLY B 205 20.05 -3.01 -19.55
CA GLY B 205 21.33 -3.39 -18.98
C GLY B 205 21.80 -2.51 -17.85
N VAL B 206 21.05 -1.49 -17.49
CA VAL B 206 21.53 -0.60 -16.46
C VAL B 206 20.57 -0.54 -15.28
N LYS B 207 21.11 -0.73 -14.11
CA LYS B 207 20.31 -0.69 -12.90
C LYS B 207 20.04 0.74 -12.53
N ALA B 208 18.91 0.99 -11.89
CA ALA B 208 18.64 2.35 -11.52
C ALA B 208 19.69 2.89 -10.58
N GLY B 209 20.04 4.16 -10.77
CA GLY B 209 21.01 4.84 -9.93
C GLY B 209 21.83 5.91 -10.64
N PHE B 210 22.72 6.50 -9.87
CA PHE B 210 23.58 7.60 -10.32
C PHE B 210 24.99 7.10 -10.59
N TYR B 211 25.45 7.27 -11.82
CA TYR B 211 26.76 6.79 -12.24
C TYR B 211 27.72 7.87 -12.71
N TYR B 212 29.01 7.68 -12.47
CA TYR B 212 30.01 8.58 -12.99
C TYR B 212 30.51 8.09 -14.33
N PHE B 213 30.62 8.95 -15.33
CA PHE B 213 31.16 8.53 -16.61
C PHE B 213 32.63 8.81 -16.76
N ASN B 214 33.38 7.77 -17.07
CA ASN B 214 34.81 7.89 -17.26
C ASN B 214 35.14 7.80 -18.75
N PRO B 215 35.44 8.93 -19.43
CA PRO B 215 35.63 9.04 -20.87
C PRO B 215 36.87 8.33 -21.36
N ALA B 216 37.78 7.99 -20.46
CA ALA B 216 39.00 7.33 -20.89
C ALA B 216 38.75 5.85 -21.07
N ASP B 217 37.83 5.32 -20.27
CA ASP B 217 37.51 3.92 -20.26
C ASP B 217 36.28 3.59 -21.07
N HIS B 218 35.42 4.60 -21.23
CA HIS B 218 34.13 4.40 -21.84
C HIS B 218 33.31 3.49 -20.96
N SER B 219 33.14 3.94 -19.72
CA SER B 219 32.38 3.17 -18.75
C SER B 219 31.62 4.01 -17.73
N LEU B 220 30.63 3.38 -17.13
CA LEU B 220 29.85 4.00 -16.05
C LEU B 220 30.07 3.32 -14.72
N VAL B 221 30.33 4.11 -13.70
CA VAL B 221 30.56 3.54 -12.39
C VAL B 221 29.58 4.07 -11.37
N LEU B 222 28.89 3.16 -10.72
CA LEU B 222 27.88 3.58 -9.77
C LEU B 222 28.44 4.32 -8.60
N VAL B 223 27.79 5.43 -8.28
CA VAL B 223 28.08 6.22 -7.11
C VAL B 223 26.99 6.02 -6.05
N ASN B 224 25.73 6.08 -6.50
CA ASN B 224 24.58 6.00 -5.59
C ASN B 224 23.35 5.28 -6.12
N ASN B 225 22.99 4.15 -5.53
CA ASN B 225 21.79 3.40 -5.94
C ASN B 225 20.76 3.30 -4.84
N ILE B 226 20.83 4.20 -3.87
CA ILE B 226 19.92 4.20 -2.74
C ILE B 226 18.89 5.30 -2.78
N ASP B 227 19.31 6.52 -3.07
CA ASP B 227 18.34 7.59 -3.01
C ASP B 227 17.52 7.60 -4.29
N GLN B 228 16.55 8.51 -4.37
CA GLN B 228 15.66 8.64 -5.54
C GLN B 228 15.42 10.08 -5.87
N VAL B 229 15.20 10.35 -7.15
CA VAL B 229 14.81 11.66 -7.65
C VAL B 229 13.30 11.66 -7.66
N ILE B 230 12.66 12.71 -7.17
CA ILE B 230 11.20 12.71 -7.15
C ILE B 230 10.64 13.92 -7.87
N LYS B 231 9.36 13.90 -8.18
CA LYS B 231 8.74 15.02 -8.91
C LYS B 231 8.84 16.33 -8.16
N ASP B 232 8.98 16.30 -6.85
CA ASP B 232 9.01 17.54 -6.09
C ASP B 232 10.38 18.22 -6.15
N ASP B 233 11.31 17.60 -6.88
CA ASP B 233 12.64 18.16 -7.08
C ASP B 233 12.61 19.00 -8.36
N HIS B 234 11.43 19.10 -8.98
CA HIS B 234 11.20 19.86 -10.19
C HIS B 234 10.08 20.88 -10.02
N GLU B 235 10.19 21.98 -10.74
CA GLU B 235 9.15 23.00 -10.77
C GLU B 235 8.00 22.41 -11.55
N LEU B 236 6.78 22.88 -11.29
CA LEU B 236 5.59 22.26 -11.90
C LEU B 236 5.64 22.23 -13.41
N ILE B 237 6.21 23.25 -14.01
CA ILE B 237 6.27 23.33 -15.46
C ILE B 237 7.03 22.16 -16.08
N ASN B 238 7.97 21.58 -15.34
CA ASN B 238 8.77 20.49 -15.83
C ASN B 238 8.42 19.14 -15.20
N GLN B 239 7.30 19.04 -14.49
CA GLN B 239 7.01 17.74 -13.86
C GLN B 239 6.57 16.69 -14.85
N ASP B 240 6.04 17.08 -16.00
CA ASP B 240 5.65 16.09 -16.98
C ASP B 240 6.91 15.51 -17.57
N ILE B 241 7.93 16.36 -17.73
CA ILE B 241 9.18 15.92 -18.31
C ILE B 241 9.79 14.95 -17.34
N PHE B 242 9.79 15.34 -16.07
CA PHE B 242 10.34 14.46 -15.08
C PHE B 242 9.65 13.12 -15.08
N ALA B 243 8.33 13.12 -15.06
CA ALA B 243 7.63 11.86 -15.02
C ALA B 243 7.90 10.99 -16.24
N GLN B 244 8.00 11.58 -17.43
CA GLN B 244 8.19 10.78 -18.62
C GLN B 244 9.62 10.44 -19.04
N SER B 245 10.64 11.11 -18.53
CA SER B 245 11.98 10.81 -19.00
C SER B 245 12.46 9.45 -18.52
N ALA B 246 13.48 8.91 -19.20
CA ALA B 246 14.10 7.61 -18.89
C ALA B 246 15.38 7.76 -18.10
N PHE B 247 16.15 8.78 -18.46
CA PHE B 247 17.44 9.05 -17.88
C PHE B 247 17.74 10.53 -17.94
N SER B 248 18.76 10.95 -17.19
CA SER B 248 19.20 12.33 -17.24
C SER B 248 20.71 12.47 -17.09
N VAL B 249 21.24 13.56 -17.61
CA VAL B 249 22.66 13.83 -17.54
C VAL B 249 22.99 15.12 -16.84
N TYR B 250 23.91 15.03 -15.89
CA TYR B 250 24.34 16.19 -15.13
C TYR B 250 25.77 16.56 -15.49
N LEU B 251 25.99 17.86 -15.63
CA LEU B 251 27.28 18.43 -15.96
C LEU B 251 27.85 19.16 -14.75
N VAL B 252 28.95 18.63 -14.23
CA VAL B 252 29.58 19.14 -13.01
C VAL B 252 30.93 19.78 -13.20
N TYR B 253 31.04 21.00 -12.73
CA TYR B 253 32.28 21.74 -12.84
C TYR B 253 33.21 21.55 -11.68
N ASN B 254 34.44 21.16 -11.98
CA ASN B 254 35.45 20.98 -10.97
C ASN B 254 36.32 22.20 -10.86
N ALA B 255 36.16 22.96 -9.79
CA ALA B 255 36.96 24.16 -9.67
C ALA B 255 38.44 23.83 -9.65
N ARG B 256 38.79 22.68 -9.07
CA ARG B 256 40.17 22.28 -8.94
C ARG B 256 40.82 22.00 -10.26
N ALA B 257 40.04 21.77 -11.30
CA ALA B 257 40.56 21.46 -12.60
C ALA B 257 40.87 22.70 -13.43
N SER B 258 40.38 23.87 -13.02
CA SER B 258 40.49 25.07 -13.84
C SER B 258 40.98 26.30 -13.08
N MET B 259 40.45 26.53 -11.87
CA MET B 259 40.76 27.73 -11.12
C MET B 259 42.26 27.93 -10.94
N PRO B 260 43.11 26.90 -10.68
CA PRO B 260 44.53 27.06 -10.51
C PRO B 260 45.22 27.76 -11.67
N LYS B 261 44.63 27.73 -12.87
CA LYS B 261 45.28 28.38 -14.00
C LYS B 261 44.59 29.68 -14.40
N TYR B 262 43.26 29.72 -14.30
CA TYR B 262 42.55 30.89 -14.78
C TYR B 262 41.92 31.78 -13.73
N GLY B 263 41.88 31.37 -12.48
CA GLY B 263 41.23 32.20 -11.50
C GLY B 263 39.75 32.20 -11.80
N ALA B 264 39.07 33.30 -11.51
CA ALA B 264 37.62 33.38 -11.65
C ALA B 264 37.15 33.08 -13.04
N ALA B 265 37.97 33.42 -14.02
CA ALA B 265 37.64 33.21 -15.39
C ALA B 265 37.37 31.75 -15.66
N GLY B 266 37.98 30.85 -14.92
CA GLY B 266 37.78 29.44 -15.14
C GLY B 266 36.32 29.04 -14.96
N TYR B 267 35.63 29.68 -14.02
CA TYR B 267 34.24 29.37 -13.72
C TYR B 267 33.45 29.81 -14.92
N PHE B 268 33.75 31.01 -15.38
CA PHE B 268 33.09 31.58 -16.53
C PHE B 268 33.26 30.72 -17.75
N TYR B 269 34.48 30.31 -18.02
CA TYR B 269 34.67 29.54 -19.21
C TYR B 269 33.91 28.25 -19.11
N ALA B 270 33.87 27.64 -17.92
CA ALA B 270 33.13 26.40 -17.79
C ALA B 270 31.67 26.61 -18.14
N CYS B 271 31.12 27.78 -17.80
CA CYS B 271 29.73 28.06 -18.10
C CYS B 271 29.50 28.02 -19.60
N ILE B 272 30.48 28.49 -20.38
CA ILE B 272 30.40 28.48 -21.83
C ILE B 272 30.53 27.06 -22.35
N GLU B 273 31.50 26.32 -21.82
CA GLU B 273 31.80 24.98 -22.30
C GLU B 273 30.62 24.07 -22.20
N ALA B 274 29.82 24.26 -21.19
CA ALA B 274 28.65 23.42 -21.01
C ALA B 274 27.76 23.46 -22.25
N GLY B 275 27.71 24.59 -22.98
CA GLY B 275 26.83 24.67 -24.13
C GLY B 275 27.44 24.07 -25.40
N ILE B 276 28.74 23.77 -25.35
CA ILE B 276 29.41 23.22 -26.50
C ILE B 276 29.11 21.75 -26.44
N ILE B 277 29.20 21.26 -25.21
CA ILE B 277 28.95 19.87 -24.91
C ILE B 277 27.50 19.56 -25.20
N THR B 278 26.60 20.43 -24.75
CA THR B 278 25.18 20.23 -24.96
C THR B 278 24.83 20.16 -26.43
N ALA B 279 25.33 21.09 -27.24
CA ALA B 279 25.01 21.04 -28.64
C ALA B 279 25.54 19.79 -29.31
N THR B 280 26.75 19.37 -28.94
CA THR B 280 27.36 18.20 -29.54
C THR B 280 26.52 16.97 -29.26
N LEU B 281 26.08 16.87 -28.02
CA LEU B 281 25.29 15.73 -27.59
C LEU B 281 23.96 15.69 -28.31
N ASN B 282 23.30 16.85 -28.46
CA ASN B 282 22.00 16.84 -29.12
C ASN B 282 22.11 16.39 -30.56
N MET B 283 23.20 16.73 -31.25
CA MET B 283 23.30 16.29 -32.63
C MET B 283 23.32 14.79 -32.71
N VAL B 284 24.10 14.16 -31.85
CA VAL B 284 24.15 12.73 -31.89
C VAL B 284 22.81 12.11 -31.48
N ALA B 285 22.16 12.69 -30.47
CA ALA B 285 20.87 12.19 -30.02
C ALA B 285 19.84 12.20 -31.14
N GLU B 286 19.89 13.19 -32.03
CA GLU B 286 18.92 13.19 -33.10
C GLU B 286 19.17 12.03 -34.06
N ASP B 287 20.44 11.72 -34.38
CA ASP B 287 20.69 10.56 -35.26
C ASP B 287 20.19 9.26 -34.63
N LEU B 288 20.25 9.21 -33.32
CA LEU B 288 19.82 8.04 -32.57
C LEU B 288 18.36 8.03 -32.11
N ASN B 289 17.57 9.03 -32.50
CA ASN B 289 16.16 9.14 -32.11
C ASN B 289 15.91 9.22 -30.61
N VAL B 290 16.78 9.91 -29.90
CA VAL B 290 16.65 10.10 -28.47
C VAL B 290 16.23 11.52 -28.19
N GLY B 291 15.13 11.69 -27.52
CA GLY B 291 14.69 13.03 -27.24
C GLY B 291 15.47 13.58 -26.07
N LEU B 292 15.79 14.86 -26.14
CA LEU B 292 16.45 15.54 -25.03
C LEU B 292 15.79 16.90 -24.73
N CYS B 293 15.81 17.32 -23.45
CA CYS B 293 15.35 18.65 -23.06
C CYS B 293 16.14 19.24 -21.89
N SER B 294 16.63 20.45 -22.09
CA SER B 294 17.36 21.16 -21.07
C SER B 294 16.44 21.59 -19.95
N ILE B 295 16.95 21.60 -18.71
CA ILE B 295 16.17 22.10 -17.58
C ILE B 295 16.75 23.39 -17.03
N GLY B 296 15.94 24.43 -16.95
CA GLY B 296 16.38 25.74 -16.46
C GLY B 296 16.74 25.76 -14.99
N HIS B 297 16.03 24.97 -14.20
CA HIS B 297 16.23 24.89 -12.76
C HIS B 297 15.72 23.59 -12.20
N MET B 298 16.45 23.07 -11.24
CA MET B 298 16.13 21.83 -10.56
C MET B 298 16.64 21.89 -9.12
N ASN B 299 16.13 21.01 -8.26
CA ASN B 299 16.67 20.94 -6.92
C ASN B 299 18.05 20.30 -6.95
N PHE B 300 19.01 21.12 -7.30
CA PHE B 300 20.35 20.66 -7.45
C PHE B 300 20.95 20.39 -6.11
N GLU B 301 20.55 21.09 -5.06
CA GLU B 301 21.18 20.84 -3.78
C GLU B 301 20.95 19.40 -3.36
N GLU B 302 19.76 18.87 -3.63
CA GLU B 302 19.51 17.49 -3.28
C GLU B 302 20.38 16.57 -4.14
N ILE B 303 20.52 16.90 -5.43
CA ILE B 303 21.32 16.05 -6.30
C ILE B 303 22.80 16.08 -5.93
N GLN B 304 23.33 17.25 -5.58
CA GLN B 304 24.74 17.38 -5.24
C GLN B 304 24.98 16.54 -4.00
N THR B 305 24.00 16.51 -3.11
CA THR B 305 24.09 15.70 -1.93
C THR B 305 24.15 14.22 -2.34
N PHE B 306 23.28 13.80 -3.25
CA PHE B 306 23.22 12.40 -3.65
C PHE B 306 24.51 11.92 -4.29
N LEU B 307 25.14 12.78 -5.07
CA LEU B 307 26.36 12.41 -5.78
C LEU B 307 27.58 12.54 -4.91
N LYS B 308 27.40 12.96 -3.67
CA LYS B 308 28.47 13.14 -2.75
C LYS B 308 29.48 14.09 -3.34
N LEU B 309 29.02 15.19 -3.91
CA LEU B 309 29.99 16.09 -4.49
C LEU B 309 30.70 16.84 -3.39
N GLU B 310 31.95 17.15 -3.66
CA GLU B 310 32.83 17.85 -2.75
C GLU B 310 32.66 19.35 -2.80
N ASP B 311 33.38 20.04 -1.93
CA ASP B 311 33.28 21.49 -1.84
C ASP B 311 33.64 22.22 -3.11
N HIS B 312 34.55 21.69 -3.90
CA HIS B 312 34.96 22.37 -5.11
C HIS B 312 34.05 22.08 -6.30
N GLN B 313 33.07 21.22 -6.13
CA GLN B 313 32.24 20.81 -7.25
C GLN B 313 30.88 21.45 -7.29
N VAL B 314 30.44 21.83 -8.47
CA VAL B 314 29.09 22.37 -8.63
C VAL B 314 28.36 21.88 -9.89
N ILE B 315 27.06 21.61 -9.79
CA ILE B 315 26.35 21.24 -11.02
C ILE B 315 26.03 22.50 -11.79
N LEU B 316 26.44 22.56 -13.05
CA LEU B 316 26.14 23.75 -13.83
C LEU B 316 24.96 23.54 -14.74
N HIS B 317 24.78 22.30 -15.20
CA HIS B 317 23.72 22.06 -16.18
C HIS B 317 23.15 20.66 -16.15
N ALA B 318 21.87 20.52 -16.49
CA ALA B 318 21.29 19.19 -16.58
C ALA B 318 20.32 19.07 -17.74
N ILE B 319 20.33 17.89 -18.37
CA ILE B 319 19.52 17.52 -19.52
C ILE B 319 18.70 16.24 -19.28
N GLU B 320 17.38 16.29 -19.56
CA GLU B 320 16.51 15.10 -19.41
C GLU B 320 16.28 14.42 -20.76
N GLY B 321 16.04 13.10 -20.77
CA GLY B 321 15.70 12.47 -22.05
C GLY B 321 15.29 11.00 -22.02
N GLY B 322 15.06 10.46 -23.23
CA GLY B 322 14.61 9.08 -23.42
C GLY B 322 14.24 8.86 -24.89
N LEU B 323 13.70 7.70 -25.24
CA LEU B 323 13.35 7.51 -26.63
C LEU B 323 12.17 8.38 -26.94
N LYS B 324 12.15 8.95 -28.14
CA LYS B 324 11.07 9.84 -28.53
C LYS B 324 9.74 9.15 -28.58
N ILE B 325 8.70 9.85 -28.15
CA ILE B 325 7.37 9.27 -28.28
C ILE B 325 7.10 9.16 -29.78
N ASP B 326 6.56 8.03 -30.21
CA ASP B 326 6.28 7.81 -31.61
C ASP B 326 5.30 6.66 -31.81
N SER C 8 -73.72 -27.28 26.18
CA SER C 8 -73.97 -26.53 24.96
C SER C 8 -73.34 -25.16 25.06
N GLU C 9 -72.69 -24.93 26.20
CA GLU C 9 -71.97 -23.71 26.52
C GLU C 9 -70.54 -23.76 26.02
N PRO C 10 -69.90 -22.61 25.78
CA PRO C 10 -68.51 -22.49 25.43
C PRO C 10 -67.63 -22.78 26.62
N PHE C 11 -66.47 -23.33 26.34
CA PHE C 11 -65.43 -23.59 27.31
C PHE C 11 -64.08 -23.05 26.92
N SER C 12 -63.26 -22.91 27.97
CA SER C 12 -61.89 -22.47 27.89
C SER C 12 -61.11 -23.45 27.03
N LEU C 13 -60.09 -22.97 26.36
CA LEU C 13 -59.21 -23.82 25.57
C LEU C 13 -58.11 -24.37 26.46
N THR C 14 -57.56 -25.51 26.07
CA THR C 14 -56.41 -26.02 26.78
C THR C 14 -55.28 -25.11 26.36
N GLU C 15 -54.14 -25.19 27.02
CA GLU C 15 -53.07 -24.28 26.63
C GLU C 15 -52.57 -24.60 25.23
N VAL C 16 -52.58 -25.88 24.85
CA VAL C 16 -52.21 -26.23 23.50
C VAL C 16 -53.24 -25.70 22.53
N GLN C 17 -54.53 -25.86 22.84
CA GLN C 17 -55.51 -25.31 21.93
C GLN C 17 -55.35 -23.79 21.85
N THR C 18 -54.99 -23.16 22.96
CA THR C 18 -54.78 -21.73 22.94
C THR C 18 -53.62 -21.43 22.00
N ALA C 19 -52.55 -22.24 22.10
CA ALA C 19 -51.40 -22.11 21.24
C ALA C 19 -51.75 -22.35 19.77
N TYR C 20 -52.67 -23.29 19.47
CA TYR C 20 -53.06 -23.54 18.09
C TYR C 20 -53.72 -22.28 17.58
N MET C 21 -54.55 -21.66 18.45
CA MET C 21 -55.22 -20.43 18.09
C MET C 21 -54.22 -19.29 17.87
N LEU C 22 -53.23 -19.18 18.74
CA LEU C 22 -52.24 -18.11 18.59
C LEU C 22 -51.41 -18.29 17.33
N GLY C 23 -51.09 -19.55 17.01
CA GLY C 23 -50.27 -19.93 15.87
C GLY C 23 -50.98 -19.71 14.55
N ARG C 24 -52.27 -19.37 14.60
CA ARG C 24 -53.10 -19.12 13.45
C ARG C 24 -52.77 -17.73 12.91
N ASN C 25 -52.09 -16.91 13.73
CA ASN C 25 -51.73 -15.53 13.43
C ASN C 25 -50.48 -15.40 12.52
N PRO C 26 -50.60 -14.89 11.28
CA PRO C 26 -49.53 -14.72 10.28
C PRO C 26 -48.38 -13.82 10.75
N GLN C 27 -48.61 -13.03 11.81
CA GLN C 27 -47.61 -12.11 12.35
C GLN C 27 -46.46 -12.81 13.07
N PHE C 28 -46.65 -14.06 13.45
CA PHE C 28 -45.64 -14.80 14.20
C PHE C 28 -44.72 -15.54 13.23
N GLU C 29 -43.48 -15.82 13.62
CA GLU C 29 -42.62 -16.52 12.68
C GLU C 29 -43.21 -17.86 12.26
N LEU C 30 -43.16 -18.13 10.94
CA LEU C 30 -43.62 -19.39 10.32
C LEU C 30 -45.01 -19.80 10.77
N SER C 31 -45.86 -18.81 11.02
CA SER C 31 -47.19 -19.02 11.52
C SER C 31 -48.25 -18.63 10.51
N GLY C 32 -49.51 -18.79 10.89
CA GLY C 32 -50.63 -18.50 9.99
C GLY C 32 -51.35 -19.78 9.67
N ILE C 33 -50.77 -20.89 10.11
CA ILE C 33 -51.35 -22.20 9.90
C ILE C 33 -51.73 -22.85 11.22
N SER C 34 -53.02 -22.89 11.52
CA SER C 34 -53.49 -23.60 12.69
C SER C 34 -53.13 -25.00 12.24
N PRO C 35 -52.61 -25.92 13.04
CA PRO C 35 -52.20 -27.20 12.52
C PRO C 35 -53.35 -27.88 11.80
N GLN C 36 -53.05 -28.46 10.63
CA GLN C 36 -54.08 -29.15 9.85
C GLN C 36 -53.60 -30.57 9.56
N THR C 37 -54.53 -31.54 9.51
CA THR C 37 -54.15 -32.92 9.14
C THR C 37 -55.04 -33.52 8.04
N TYR C 38 -54.39 -34.15 7.05
CA TYR C 38 -55.00 -34.84 5.91
C TYR C 38 -54.87 -36.35 6.00
N PHE C 39 -55.96 -37.04 5.67
CA PHE C 39 -55.96 -38.49 5.63
C PHE C 39 -56.55 -39.09 4.36
N GLU C 40 -56.02 -40.23 3.93
CA GLU C 40 -56.66 -40.98 2.84
C GLU C 40 -56.56 -42.48 3.05
N TYR C 41 -57.72 -43.17 3.07
CA TYR C 41 -57.75 -44.64 3.29
C TYR C 41 -58.51 -45.43 2.23
N GLU C 42 -58.06 -46.68 1.96
CA GLU C 42 -58.68 -47.61 1.01
C GLU C 42 -59.45 -48.79 1.59
N THR C 43 -60.75 -48.81 1.30
CA THR C 43 -61.67 -49.84 1.81
C THR C 43 -62.56 -50.48 0.76
N GLU C 44 -63.22 -51.59 1.14
CA GLU C 44 -64.24 -52.28 0.34
C GLU C 44 -65.65 -51.90 0.76
N LEU C 45 -65.75 -51.16 1.87
CA LEU C 45 -66.99 -50.82 2.53
C LEU C 45 -67.70 -49.60 1.90
N ASP C 46 -69.01 -49.75 1.62
CA ASP C 46 -69.90 -48.76 1.01
C ASP C 46 -70.03 -47.43 1.72
N ILE C 47 -70.07 -46.34 0.93
CA ILE C 47 -70.19 -45.01 1.51
C ILE C 47 -71.54 -44.74 2.14
N ALA C 48 -72.67 -45.18 1.59
CA ALA C 48 -73.94 -44.79 2.22
C ALA C 48 -73.98 -45.30 3.64
N ARG C 49 -73.45 -46.50 3.83
CA ARG C 49 -73.43 -47.05 5.17
C ARG C 49 -72.37 -46.36 6.05
N LEU C 50 -71.18 -46.04 5.50
CA LEU C 50 -70.16 -45.36 6.29
C LEU C 50 -70.62 -43.94 6.63
N SER C 51 -71.34 -43.32 5.71
CA SER C 51 -71.88 -41.99 5.84
C SER C 51 -72.92 -41.98 6.95
N ARG C 52 -73.79 -42.99 6.98
CA ARG C 52 -74.76 -43.05 8.06
C ARG C 52 -74.05 -43.30 9.36
N SER C 53 -73.00 -44.13 9.31
CA SER C 53 -72.23 -44.42 10.50
C SER C 53 -71.55 -43.15 10.97
N PHE C 54 -71.12 -42.29 10.03
CA PHE C 54 -70.50 -41.04 10.41
C PHE C 54 -71.48 -40.15 11.18
N GLN C 55 -72.71 -40.02 10.70
CA GLN C 55 -73.62 -39.16 11.48
C GLN C 55 -73.90 -39.80 12.85
N LYS C 56 -73.97 -41.13 12.93
CA LYS C 56 -74.19 -41.80 14.20
C LYS C 56 -73.04 -41.54 15.15
N VAL C 57 -71.80 -41.48 14.63
CA VAL C 57 -70.71 -41.17 15.52
C VAL C 57 -70.85 -39.73 15.94
N ILE C 58 -71.34 -38.84 15.09
CA ILE C 58 -71.54 -37.48 15.58
C ILE C 58 -72.55 -37.50 16.73
N GLN C 59 -73.61 -38.28 16.59
CA GLN C 59 -74.62 -38.38 17.63
C GLN C 59 -74.06 -38.98 18.93
N ARG C 60 -73.20 -40.00 18.80
CA ARG C 60 -72.53 -40.64 19.94
C ARG C 60 -71.40 -39.82 20.49
N HIS C 61 -70.72 -39.12 19.61
CA HIS C 61 -69.53 -38.34 19.86
C HIS C 61 -69.75 -36.89 19.43
N PRO C 62 -70.54 -36.11 20.18
CA PRO C 62 -70.98 -34.76 19.89
C PRO C 62 -69.83 -33.80 19.77
N MET C 63 -68.64 -34.16 20.25
CA MET C 63 -67.53 -33.25 20.08
C MET C 63 -67.25 -33.05 18.58
N LEU C 64 -67.69 -33.99 17.74
CA LEU C 64 -67.47 -33.89 16.30
C LEU C 64 -68.40 -32.84 15.70
N ARG C 65 -69.35 -32.39 16.52
CA ARG C 65 -70.37 -31.44 16.19
C ARG C 65 -69.91 -30.06 16.68
N ALA C 66 -68.66 -29.96 17.10
CA ALA C 66 -68.09 -28.73 17.60
C ALA C 66 -67.74 -27.71 16.55
N VAL C 67 -67.72 -26.46 17.00
CA VAL C 67 -67.30 -25.28 16.23
C VAL C 67 -66.26 -24.48 17.02
N ILE C 68 -65.30 -23.89 16.34
CA ILE C 68 -64.35 -23.02 17.01
C ILE C 68 -64.78 -21.61 16.75
N LEU C 69 -64.84 -20.79 17.80
CA LEU C 69 -65.32 -19.45 17.61
C LEU C 69 -64.14 -18.47 17.57
N PRO C 70 -64.28 -17.34 16.83
CA PRO C 70 -63.35 -16.22 16.75
C PRO C 70 -63.01 -15.61 18.12
N GLU C 71 -63.88 -15.87 19.09
CA GLU C 71 -63.76 -15.42 20.47
C GLU C 71 -62.48 -15.94 21.12
N GLY C 72 -62.05 -17.12 20.69
CA GLY C 72 -60.90 -17.74 21.34
C GLY C 72 -61.38 -18.85 22.26
N LYS C 73 -62.65 -19.21 22.12
CA LYS C 73 -63.29 -20.28 22.89
C LYS C 73 -63.84 -21.39 22.01
N GLN C 74 -64.08 -22.54 22.62
CA GLN C 74 -64.66 -23.66 21.88
C GLN C 74 -66.04 -23.98 22.38
N GLN C 75 -66.92 -24.40 21.50
CA GLN C 75 -68.27 -24.75 21.90
C GLN C 75 -68.78 -25.92 21.10
N ILE C 76 -69.55 -26.81 21.72
CA ILE C 76 -70.17 -27.84 20.91
C ILE C 76 -71.48 -27.28 20.36
N LEU C 77 -71.69 -27.40 19.04
CA LEU C 77 -72.89 -26.85 18.46
C LEU C 77 -74.10 -27.57 18.95
N ARG C 78 -75.20 -26.84 19.13
CA ARG C 78 -76.43 -27.49 19.55
C ARG C 78 -76.69 -28.60 18.56
N ASP C 79 -76.55 -28.27 17.29
CA ASP C 79 -76.65 -29.28 16.28
C ASP C 79 -75.94 -28.76 15.04
N VAL C 80 -75.88 -29.60 14.02
CA VAL C 80 -75.31 -29.28 12.71
C VAL C 80 -76.24 -29.72 11.62
N PRO C 81 -76.12 -29.22 10.40
CA PRO C 81 -76.83 -29.76 9.30
C PRO C 81 -76.29 -31.17 9.24
N GLU C 82 -77.12 -32.14 8.97
CA GLU C 82 -76.62 -33.50 8.94
C GLU C 82 -75.56 -33.59 7.87
N TYR C 83 -74.49 -34.29 8.19
CA TYR C 83 -73.39 -34.43 7.28
C TYR C 83 -73.52 -35.69 6.45
N GLU C 84 -73.29 -35.56 5.17
CA GLU C 84 -73.33 -36.69 4.26
C GLU C 84 -71.98 -36.76 3.62
N ILE C 85 -71.33 -37.93 3.64
CA ILE C 85 -70.03 -37.99 2.99
C ILE C 85 -70.33 -37.88 1.54
N GLU C 86 -69.70 -36.94 0.87
CA GLU C 86 -70.04 -36.81 -0.51
C GLU C 86 -69.42 -37.94 -1.25
N VAL C 87 -70.17 -38.64 -2.08
CA VAL C 87 -69.52 -39.69 -2.82
C VAL C 87 -69.66 -39.51 -4.30
N GLU C 88 -68.53 -39.57 -4.94
CA GLU C 88 -68.39 -39.45 -6.37
C GLU C 88 -67.92 -40.76 -6.95
N SER C 89 -68.50 -41.15 -8.07
CA SER C 89 -68.05 -42.37 -8.70
C SER C 89 -67.05 -42.10 -9.79
N LEU C 90 -65.89 -42.72 -9.64
CA LEU C 90 -64.79 -42.64 -10.57
C LEU C 90 -64.74 -43.98 -11.28
N VAL C 91 -65.78 -44.80 -11.11
CA VAL C 91 -65.77 -46.16 -11.61
C VAL C 91 -65.64 -46.21 -13.12
N SER C 92 -66.30 -45.29 -13.82
CA SER C 92 -66.27 -45.21 -15.27
C SER C 92 -65.01 -44.54 -15.81
N MET C 93 -64.20 -43.95 -14.91
CA MET C 93 -62.99 -43.25 -15.32
C MET C 93 -61.83 -44.23 -15.39
N PRO C 94 -60.86 -44.04 -16.29
CA PRO C 94 -59.67 -44.83 -16.33
C PRO C 94 -58.87 -44.45 -15.08
N PRO C 95 -57.97 -45.31 -14.56
CA PRO C 95 -57.14 -45.07 -13.38
C PRO C 95 -56.41 -43.74 -13.36
N GLU C 96 -55.98 -43.26 -14.54
CA GLU C 96 -55.27 -41.99 -14.65
C GLU C 96 -56.18 -40.78 -14.31
N LYS C 97 -57.45 -40.88 -14.68
CA LYS C 97 -58.40 -39.81 -14.45
C LYS C 97 -58.92 -39.96 -13.04
N GLN C 98 -58.98 -41.21 -12.56
CA GLN C 98 -59.45 -41.43 -11.21
C GLN C 98 -58.43 -40.77 -10.29
N ALA C 99 -57.15 -40.95 -10.65
CA ALA C 99 -56.04 -40.36 -9.92
C ALA C 99 -56.10 -38.87 -10.01
N ALA C 100 -56.46 -38.31 -11.16
CA ALA C 100 -56.53 -36.88 -11.23
C ALA C 100 -57.52 -36.34 -10.20
N ARG C 101 -58.66 -37.01 -10.03
CA ARG C 101 -59.61 -36.52 -9.02
C ARG C 101 -59.13 -36.74 -7.59
N LEU C 102 -58.50 -37.87 -7.32
CA LEU C 102 -57.97 -38.18 -6.00
C LEU C 102 -56.85 -37.20 -5.63
N ARG C 103 -56.03 -36.84 -6.61
CA ARG C 103 -54.94 -35.90 -6.43
C ARG C 103 -55.47 -34.49 -6.20
N GLU C 104 -56.55 -34.10 -6.91
CA GLU C 104 -57.12 -32.79 -6.68
C GLU C 104 -57.68 -32.69 -5.28
N GLU C 105 -58.36 -33.73 -4.80
CA GLU C 105 -58.91 -33.62 -3.46
C GLU C 105 -57.80 -33.67 -2.43
N ARG C 106 -56.76 -34.47 -2.66
CA ARG C 106 -55.68 -34.51 -1.69
C ARG C 106 -54.93 -33.20 -1.63
N SER C 107 -54.63 -32.60 -2.78
CA SER C 107 -53.89 -31.36 -2.79
C SER C 107 -54.73 -30.27 -2.15
N ARG C 108 -56.01 -30.21 -2.52
CA ARG C 108 -56.88 -29.21 -1.97
C ARG C 108 -57.05 -29.40 -0.47
N MET C 109 -57.22 -30.63 -0.02
CA MET C 109 -57.39 -30.81 1.40
C MET C 109 -56.13 -30.49 2.19
N ILE C 110 -54.97 -30.76 1.61
CA ILE C 110 -53.72 -30.42 2.26
C ILE C 110 -53.50 -28.90 2.36
N ASP C 111 -53.77 -28.15 1.29
CA ASP C 111 -53.57 -26.70 1.35
C ASP C 111 -54.74 -25.91 1.95
N HIS C 112 -55.95 -26.43 1.88
CA HIS C 112 -57.10 -25.71 2.42
C HIS C 112 -57.09 -25.69 3.94
N VAL C 113 -57.57 -24.59 4.50
CA VAL C 113 -57.66 -24.40 5.94
C VAL C 113 -59.09 -24.13 6.38
N PHE C 114 -59.52 -24.73 7.50
CA PHE C 114 -60.88 -24.49 7.97
C PHE C 114 -61.03 -23.08 8.57
N PRO C 115 -62.00 -22.26 8.12
CA PRO C 115 -62.30 -20.94 8.65
C PRO C 115 -62.83 -21.03 10.09
N LEU C 116 -62.58 -20.01 10.91
CA LEU C 116 -63.20 -20.05 12.23
C LEU C 116 -64.63 -19.67 12.00
N GLY C 117 -65.52 -20.22 12.79
CA GLY C 117 -66.92 -19.92 12.61
C GLY C 117 -67.55 -20.91 11.64
N GLN C 118 -66.73 -21.76 11.01
CA GLN C 118 -67.24 -22.77 10.10
C GLN C 118 -67.81 -23.84 10.98
N TRP C 119 -69.07 -24.23 10.79
CA TRP C 119 -69.64 -25.18 11.72
C TRP C 119 -68.94 -26.54 11.79
N PRO C 120 -68.84 -27.36 10.73
CA PRO C 120 -68.03 -28.56 10.76
C PRO C 120 -66.58 -28.12 10.79
N LEU C 121 -65.76 -28.83 11.54
CA LEU C 121 -64.32 -28.56 11.62
C LEU C 121 -63.56 -29.67 10.93
N PHE C 122 -64.34 -30.42 10.16
CA PHE C 122 -63.93 -31.56 9.41
C PHE C 122 -64.54 -31.53 8.02
N GLU C 123 -63.89 -32.19 7.08
CA GLU C 123 -64.47 -32.36 5.76
C GLU C 123 -64.21 -33.79 5.27
N LEU C 124 -65.26 -34.46 4.83
CA LEU C 124 -65.17 -35.84 4.33
C LEU C 124 -65.76 -36.00 2.93
N LYS C 125 -64.90 -36.43 1.99
CA LYS C 125 -65.27 -36.64 0.59
C LYS C 125 -64.78 -38.03 0.20
N ALA C 126 -65.52 -38.75 -0.62
CA ALA C 126 -65.04 -40.07 -0.98
C ALA C 126 -65.32 -40.41 -2.40
N PHE C 127 -64.51 -41.32 -2.88
CA PHE C 127 -64.70 -41.78 -4.20
C PHE C 127 -64.89 -43.26 -4.26
N GLN C 128 -65.69 -43.68 -5.21
CA GLN C 128 -65.85 -45.08 -5.52
C GLN C 128 -65.03 -45.30 -6.79
N LEU C 129 -63.97 -46.09 -6.70
CA LEU C 129 -63.06 -46.28 -7.82
C LEU C 129 -63.46 -47.51 -8.59
N GLN C 130 -64.03 -48.43 -7.83
CA GLN C 130 -64.54 -49.69 -8.31
C GLN C 130 -65.75 -49.88 -7.43
N GLU C 131 -66.70 -50.70 -7.80
CA GLU C 131 -67.85 -50.81 -6.93
C GLU C 131 -67.48 -51.19 -5.49
N HIS C 132 -66.41 -52.00 -5.32
CA HIS C 132 -65.89 -52.39 -4.00
C HIS C 132 -64.53 -51.80 -3.67
N THR C 133 -64.18 -50.69 -4.31
CA THR C 133 -62.96 -49.99 -3.96
C THR C 133 -63.31 -48.57 -3.67
N TYR C 134 -62.99 -48.13 -2.48
CA TYR C 134 -63.31 -46.78 -2.12
C TYR C 134 -62.12 -46.08 -1.52
N LEU C 135 -62.01 -44.80 -1.80
CA LEU C 135 -61.00 -43.98 -1.16
C LEU C 135 -61.65 -42.79 -0.48
N LEU C 136 -61.48 -42.73 0.83
CA LEU C 136 -62.03 -41.63 1.60
C LEU C 136 -60.95 -40.64 1.86
N CYS C 137 -61.19 -39.40 1.45
CA CYS C 137 -60.25 -38.34 1.67
C CYS C 137 -60.85 -37.43 2.73
N PHE C 138 -60.08 -37.11 3.76
CA PHE C 138 -60.65 -36.21 4.73
C PHE C 138 -59.63 -35.37 5.42
N ARG C 139 -60.10 -34.28 6.00
CA ARG C 139 -59.23 -33.39 6.76
C ARG C 139 -59.89 -32.80 7.98
N TYR C 140 -59.08 -32.38 8.94
CA TYR C 140 -59.65 -31.66 10.06
C TYR C 140 -58.65 -30.66 10.67
N ASP C 141 -59.20 -29.66 11.38
CA ASP C 141 -58.42 -28.71 12.17
C ASP C 141 -58.04 -29.30 13.51
N ALA C 142 -56.78 -29.20 13.89
CA ALA C 142 -56.32 -29.81 15.13
C ALA C 142 -57.09 -29.40 16.38
N LEU C 143 -57.68 -28.19 16.44
CA LEU C 143 -58.40 -27.76 17.65
C LEU C 143 -59.54 -28.71 17.97
N LEU C 144 -60.04 -29.42 16.96
CA LEU C 144 -61.13 -30.35 17.12
C LEU C 144 -60.78 -31.60 17.92
N MET C 145 -59.60 -32.19 17.70
CA MET C 145 -59.36 -33.50 18.28
C MET C 145 -57.95 -34.09 18.16
N ASP C 146 -57.70 -35.08 19.03
CA ASP C 146 -56.48 -35.90 19.04
C ASP C 146 -56.51 -37.06 18.01
N GLY C 147 -55.40 -37.79 17.95
CA GLY C 147 -55.26 -38.94 17.07
C GLY C 147 -55.90 -40.12 17.75
N ALA C 148 -55.86 -40.08 19.09
CA ALA C 148 -56.46 -41.13 19.86
C ALA C 148 -57.95 -41.12 19.59
N SER C 149 -58.47 -39.90 19.47
CA SER C 149 -59.87 -39.65 19.21
C SER C 149 -60.19 -40.03 17.77
N MET C 150 -59.28 -39.78 16.84
CA MET C 150 -59.57 -40.15 15.47
C MET C 150 -59.82 -41.64 15.34
N ASN C 151 -58.99 -42.47 15.99
CA ASN C 151 -59.26 -43.90 15.88
C ASN C 151 -60.46 -44.32 16.71
N LEU C 152 -60.71 -43.65 17.82
CA LEU C 152 -61.89 -43.98 18.60
C LEU C 152 -63.11 -43.87 17.70
N VAL C 153 -63.17 -42.79 16.93
CA VAL C 153 -64.28 -42.57 16.05
C VAL C 153 -64.32 -43.62 14.96
N GLY C 154 -63.18 -43.92 14.38
CA GLY C 154 -63.15 -44.90 13.32
C GLY C 154 -63.69 -46.24 13.80
N GLN C 155 -63.43 -46.59 15.06
CA GLN C 155 -63.87 -47.90 15.54
C GLN C 155 -65.38 -47.99 15.62
N ASP C 156 -66.01 -46.92 16.08
CA ASP C 156 -67.44 -46.94 16.21
C ASP C 156 -68.10 -46.79 14.85
N LEU C 157 -67.44 -46.06 13.97
CA LEU C 157 -67.99 -45.84 12.66
C LEU C 157 -68.04 -47.18 11.91
N MET C 158 -66.96 -47.97 11.97
CA MET C 158 -66.99 -49.22 11.24
C MET C 158 -67.91 -50.21 11.90
N HIS C 159 -68.10 -50.08 13.21
CA HIS C 159 -69.02 -50.94 13.92
C HIS C 159 -70.38 -50.82 13.30
N TYR C 160 -70.81 -49.57 13.13
CA TYR C 160 -72.11 -49.32 12.56
C TYR C 160 -72.17 -49.69 11.10
N TYR C 161 -71.07 -49.62 10.37
CA TYR C 161 -71.16 -50.02 8.98
C TYR C 161 -71.71 -51.42 8.89
N HIS C 162 -71.08 -52.30 9.67
CA HIS C 162 -71.45 -53.71 9.67
C HIS C 162 -72.71 -54.01 10.48
N GLN C 163 -72.94 -53.26 11.54
CA GLN C 163 -74.10 -53.47 12.38
C GLN C 163 -74.84 -52.17 12.66
N PRO C 164 -75.57 -51.58 11.69
CA PRO C 164 -76.24 -50.30 11.82
C PRO C 164 -77.20 -50.22 13.01
N ASP C 165 -77.77 -51.36 13.42
CA ASP C 165 -78.70 -51.40 14.52
C ASP C 165 -78.13 -51.85 15.86
N ALA C 166 -76.82 -52.07 15.93
CA ALA C 166 -76.20 -52.45 17.18
C ALA C 166 -75.85 -51.17 17.91
N GLN C 167 -76.87 -50.48 18.35
CA GLN C 167 -76.71 -49.16 18.91
C GLN C 167 -75.81 -49.16 20.12
N LEU C 168 -74.80 -48.29 20.06
CA LEU C 168 -73.85 -48.10 21.12
C LEU C 168 -74.39 -47.02 22.06
N PRO C 169 -74.00 -47.01 23.33
CA PRO C 169 -74.42 -45.99 24.27
C PRO C 169 -73.79 -44.67 23.87
N PRO C 170 -74.37 -43.54 24.25
CA PRO C 170 -73.85 -42.22 24.05
C PRO C 170 -72.72 -42.06 25.01
N LEU C 171 -71.82 -41.14 24.77
CA LEU C 171 -70.84 -40.90 25.82
C LEU C 171 -71.63 -40.35 27.02
N SER C 172 -71.39 -40.85 28.25
CA SER C 172 -72.16 -40.28 29.36
C SER C 172 -71.40 -39.13 29.88
N PHE C 173 -70.09 -39.26 29.79
CA PHE C 173 -69.20 -38.22 30.18
C PHE C 173 -68.83 -37.54 28.91
N THR C 174 -69.13 -36.26 28.78
CA THR C 174 -68.89 -35.63 27.51
C THR C 174 -67.78 -34.61 27.54
N PHE C 175 -67.35 -34.17 26.38
CA PHE C 175 -66.29 -33.18 26.29
C PHE C 175 -66.62 -31.94 27.11
N GLN C 176 -67.85 -31.48 27.08
CA GLN C 176 -68.18 -30.28 27.86
C GLN C 176 -67.97 -30.53 29.38
N ASP C 177 -68.02 -31.81 29.85
CA ASP C 177 -67.84 -32.09 31.26
C ASP C 177 -66.34 -32.13 31.49
N TYR C 178 -65.64 -32.63 30.48
CA TYR C 178 -64.20 -32.74 30.48
C TYR C 178 -63.61 -31.35 30.66
N MET C 179 -64.09 -30.41 29.85
CA MET C 179 -63.58 -29.07 29.93
C MET C 179 -64.02 -28.34 31.18
N HIS C 180 -65.18 -28.67 31.74
CA HIS C 180 -65.51 -28.04 32.99
C HIS C 180 -64.47 -28.37 34.02
N ILE C 181 -64.16 -29.66 34.10
CA ILE C 181 -63.22 -30.13 35.08
C ILE C 181 -61.89 -29.45 34.80
N TYR C 182 -61.48 -29.37 33.53
CA TYR C 182 -60.25 -28.67 33.21
C TYR C 182 -60.19 -27.29 33.80
N ASP C 183 -61.25 -26.51 33.61
CA ASP C 183 -61.18 -25.17 34.11
C ASP C 183 -61.08 -25.18 35.65
N ASP C 184 -61.77 -26.12 36.33
CA ASP C 184 -61.67 -26.23 37.80
C ASP C 184 -60.32 -26.74 38.31
N MET C 185 -59.66 -27.61 37.56
CA MET C 185 -58.40 -28.17 38.01
C MET C 185 -57.29 -27.14 38.07
N LYS C 186 -57.29 -26.23 37.08
CA LYS C 186 -56.23 -25.24 36.98
C LYS C 186 -56.43 -24.11 37.95
N ARG C 187 -56.26 -24.43 39.22
CA ARG C 187 -56.44 -23.55 40.33
C ARG C 187 -55.39 -23.84 41.38
N GLY C 188 -54.99 -25.11 41.47
CA GLY C 188 -54.14 -25.52 42.59
C GLY C 188 -53.59 -26.94 42.50
N THR C 189 -53.41 -27.56 43.66
CA THR C 189 -52.86 -28.92 43.84
C THR C 189 -51.77 -29.26 42.83
N GLU C 190 -52.05 -30.17 41.91
CA GLU C 190 -51.03 -30.57 40.95
C GLU C 190 -50.56 -29.43 40.05
N TYR C 191 -51.45 -28.48 39.71
CA TYR C 191 -51.10 -27.35 38.86
C TYR C 191 -50.00 -26.57 39.54
N GLU C 192 -50.26 -26.28 40.80
CA GLU C 192 -49.33 -25.49 41.58
C GLU C 192 -48.04 -26.25 41.83
N THR C 193 -48.16 -27.55 42.05
CA THR C 193 -46.99 -28.36 42.33
C THR C 193 -46.10 -28.42 41.11
N ALA C 194 -46.69 -28.66 39.95
CA ALA C 194 -45.96 -28.73 38.72
C ALA C 194 -45.37 -27.38 38.40
N LYS C 195 -46.11 -26.32 38.66
CA LYS C 195 -45.61 -25.00 38.38
C LYS C 195 -44.36 -24.75 39.18
N ALA C 196 -44.35 -25.11 40.47
CA ALA C 196 -43.16 -24.89 41.26
C ALA C 196 -41.95 -25.68 40.72
N TYR C 197 -42.20 -26.92 40.28
CA TYR C 197 -41.15 -27.76 39.72
C TYR C 197 -40.50 -27.07 38.52
N TRP C 198 -41.35 -26.60 37.63
CA TRP C 198 -40.89 -25.96 36.44
C TRP C 198 -40.31 -24.58 36.70
N THR C 199 -40.86 -23.87 37.69
CA THR C 199 -40.42 -22.53 38.02
C THR C 199 -38.98 -22.57 38.44
N ASN C 200 -38.63 -23.55 39.24
CA ASN C 200 -37.27 -23.67 39.70
C ASN C 200 -36.31 -24.07 38.59
N LYS C 201 -36.78 -24.86 37.62
CA LYS C 201 -35.91 -25.24 36.52
C LYS C 201 -35.76 -24.20 35.43
N LEU C 202 -36.80 -23.41 35.22
CA LEU C 202 -36.85 -22.47 34.12
C LEU C 202 -35.65 -21.57 33.93
N PRO C 203 -35.07 -20.94 34.97
CA PRO C 203 -33.97 -20.01 34.83
C PRO C 203 -32.75 -20.55 34.08
N ASP C 204 -32.57 -21.89 34.04
CA ASP C 204 -31.43 -22.46 33.32
C ASP C 204 -31.87 -23.55 32.37
N PHE C 205 -33.10 -23.46 31.88
CA PHE C 205 -33.54 -24.44 30.92
C PHE C 205 -32.73 -24.14 29.65
N PRO C 206 -32.17 -25.13 28.93
CA PRO C 206 -31.33 -24.93 27.77
C PRO C 206 -32.09 -24.42 26.57
N PRO C 207 -31.41 -23.81 25.60
CA PRO C 207 -31.93 -23.37 24.33
C PRO C 207 -32.15 -24.57 23.42
N ALA C 208 -33.01 -24.41 22.42
CA ALA C 208 -33.17 -25.41 21.37
C ALA C 208 -31.85 -25.45 20.61
N PRO C 209 -31.45 -26.58 20.02
CA PRO C 209 -30.24 -26.70 19.25
C PRO C 209 -30.36 -25.92 17.96
N SER C 210 -29.25 -25.38 17.48
CA SER C 210 -29.19 -24.67 16.21
C SER C 210 -28.70 -25.56 15.09
N LEU C 211 -29.52 -25.75 14.08
CA LEU C 211 -29.17 -26.64 12.98
C LEU C 211 -28.49 -25.95 11.83
N LEU C 212 -27.83 -26.75 11.02
CA LEU C 212 -27.16 -26.24 9.84
C LEU C 212 -28.18 -26.01 8.75
N LEU C 213 -28.90 -24.91 8.89
CA LEU C 213 -29.98 -24.55 8.00
C LEU C 213 -29.40 -23.91 6.75
N ALA C 214 -30.06 -24.14 5.62
CA ALA C 214 -29.68 -23.51 4.38
C ALA C 214 -30.25 -22.11 4.29
N LYS C 215 -31.45 -21.93 4.85
CA LYS C 215 -32.16 -20.65 4.79
C LYS C 215 -32.70 -20.16 6.13
N ASP C 216 -32.87 -18.85 6.24
CA ASP C 216 -33.51 -18.22 7.39
C ASP C 216 -35.04 -18.43 7.33
N PRO C 217 -35.76 -18.62 8.43
CA PRO C 217 -37.21 -18.71 8.45
C PRO C 217 -37.92 -17.56 7.68
N ALA C 218 -37.31 -16.37 7.64
CA ALA C 218 -37.90 -15.23 6.95
C ALA C 218 -37.96 -15.45 5.44
N GLU C 219 -37.15 -16.37 4.95
CA GLU C 219 -37.02 -16.71 3.54
C GLU C 219 -37.97 -17.84 3.18
N ILE C 220 -38.65 -18.39 4.17
CA ILE C 220 -39.48 -19.54 3.93
C ILE C 220 -40.91 -19.12 3.76
N GLY C 221 -41.39 -18.32 4.72
CA GLY C 221 -42.80 -17.99 4.70
C GLY C 221 -43.56 -19.29 4.89
N THR C 222 -44.51 -19.59 4.01
CA THR C 222 -45.27 -20.83 4.14
C THR C 222 -44.31 -22.02 4.00
N PRO C 223 -44.26 -22.95 4.96
CA PRO C 223 -43.41 -24.10 4.94
C PRO C 223 -43.89 -25.07 3.91
N ASN C 224 -42.98 -25.85 3.39
CA ASN C 224 -43.30 -26.88 2.44
C ASN C 224 -42.70 -28.18 2.90
N PHE C 225 -43.53 -29.09 3.38
CA PHE C 225 -43.01 -30.30 3.95
C PHE C 225 -42.81 -31.46 3.01
N GLN C 226 -41.72 -32.16 3.27
CA GLN C 226 -41.30 -33.37 2.61
C GLN C 226 -41.00 -34.39 3.68
N SER C 227 -40.65 -35.61 3.28
CA SER C 227 -40.35 -36.56 4.33
C SER C 227 -39.31 -37.59 3.99
N LEU C 228 -38.72 -38.09 5.05
CA LEU C 228 -37.76 -39.17 4.98
C LEU C 228 -38.36 -40.30 5.79
N THR C 229 -38.66 -41.42 5.16
CA THR C 229 -39.33 -42.44 5.93
C THR C 229 -38.72 -43.81 5.79
N THR C 230 -38.99 -44.63 6.79
CA THR C 230 -38.59 -46.03 6.77
C THR C 230 -39.44 -46.86 7.71
N ILE C 231 -39.54 -48.14 7.41
CA ILE C 231 -40.22 -49.03 8.31
C ILE C 231 -39.19 -49.95 8.90
N ILE C 232 -39.20 -50.02 10.20
CA ILE C 232 -38.31 -50.89 10.91
C ILE C 232 -39.08 -52.18 11.09
N THR C 233 -38.44 -53.27 10.75
CA THR C 233 -39.08 -54.56 10.76
C THR C 233 -39.33 -55.01 12.16
N LYS C 234 -40.20 -56.00 12.30
CA LYS C 234 -40.58 -56.50 13.60
C LYS C 234 -39.40 -57.10 14.33
N ASP C 235 -38.47 -57.71 13.62
CA ASP C 235 -37.35 -58.29 14.32
C ASP C 235 -36.46 -57.20 14.88
N LYS C 236 -36.19 -56.14 14.11
CA LYS C 236 -35.36 -55.09 14.65
C LYS C 236 -36.06 -54.39 15.80
N TRP C 237 -37.36 -54.20 15.67
CA TRP C 237 -38.17 -53.59 16.69
C TRP C 237 -38.13 -54.42 17.96
N LEU C 238 -38.28 -55.74 17.86
CA LEU C 238 -38.19 -56.56 19.06
C LEU C 238 -36.80 -56.55 19.64
N LYS C 239 -35.75 -56.52 18.81
CA LYS C 239 -34.41 -56.47 19.37
C LYS C 239 -34.20 -55.17 20.12
N LEU C 240 -34.70 -54.04 19.59
CA LEU C 240 -34.57 -52.77 20.29
C LEU C 240 -35.37 -52.80 21.60
N ARG C 241 -36.55 -53.42 21.58
CA ARG C 241 -37.31 -53.50 22.81
C ARG C 241 -36.61 -54.37 23.82
N ARG C 242 -36.02 -55.49 23.40
CA ARG C 242 -35.34 -56.32 24.36
C ARG C 242 -34.15 -55.60 24.94
N LEU C 243 -33.45 -54.81 24.12
CA LEU C 243 -32.33 -54.06 24.62
C LEU C 243 -32.82 -53.13 25.70
N ALA C 244 -33.92 -52.44 25.43
CA ALA C 244 -34.49 -51.54 26.40
C ALA C 244 -34.88 -52.32 27.66
N GLN C 245 -35.38 -53.53 27.49
CA GLN C 245 -35.77 -54.29 28.67
C GLN C 245 -34.55 -54.66 29.50
N ASP C 246 -33.47 -55.07 28.85
CA ASP C 246 -32.29 -55.47 29.58
C ASP C 246 -31.69 -54.31 30.34
N LYS C 247 -31.79 -53.13 29.76
CA LYS C 247 -31.23 -51.92 30.34
C LYS C 247 -32.20 -51.26 31.32
N GLN C 248 -33.36 -51.87 31.53
CA GLN C 248 -34.42 -51.39 32.42
C GLN C 248 -34.98 -50.02 32.02
N VAL C 249 -35.13 -49.82 30.72
CA VAL C 249 -35.65 -48.58 30.19
C VAL C 249 -36.79 -48.76 29.19
N THR C 250 -37.45 -47.66 28.89
CA THR C 250 -38.46 -47.64 27.86
C THR C 250 -37.81 -47.30 26.52
N PRO C 251 -38.28 -47.86 25.39
CA PRO C 251 -37.87 -47.53 24.04
C PRO C 251 -37.99 -46.03 23.76
N SER C 252 -38.85 -45.32 24.49
CA SER C 252 -38.94 -43.90 24.21
C SER C 252 -37.63 -43.20 24.53
N ALA C 253 -36.95 -43.62 25.60
CA ALA C 253 -35.70 -42.99 26.00
C ALA C 253 -34.64 -43.41 25.03
N LEU C 254 -34.78 -44.64 24.54
CA LEU C 254 -33.81 -45.21 23.62
C LEU C 254 -33.82 -44.42 22.32
N LEU C 255 -35.02 -44.13 21.82
CA LEU C 255 -35.18 -43.36 20.59
C LEU C 255 -34.79 -41.92 20.75
N CYS C 256 -35.14 -41.32 21.89
CA CYS C 256 -34.81 -39.93 22.09
C CYS C 256 -33.31 -39.74 22.14
N THR C 257 -32.60 -40.67 22.77
CA THR C 257 -31.16 -40.56 22.88
C THR C 257 -30.51 -40.62 21.51
N VAL C 258 -30.96 -41.53 20.64
CA VAL C 258 -30.37 -41.65 19.33
C VAL C 258 -30.62 -40.36 18.55
N TYR C 259 -31.84 -39.85 18.66
CA TYR C 259 -32.20 -38.61 18.00
C TYR C 259 -31.31 -37.49 18.52
N GLY C 260 -31.11 -37.44 19.84
CA GLY C 260 -30.27 -36.46 20.48
C GLY C 260 -28.83 -36.52 19.98
N GLU C 261 -28.30 -37.73 19.72
CA GLU C 261 -26.94 -37.85 19.21
C GLU C 261 -26.82 -37.22 17.84
N VAL C 262 -27.82 -37.40 17.01
CA VAL C 262 -27.73 -36.81 15.70
C VAL C 262 -27.76 -35.31 15.81
N LEU C 263 -28.68 -34.80 16.60
CA LEU C 263 -28.78 -33.37 16.71
C LEU C 263 -27.55 -32.74 17.35
N ALA C 264 -27.03 -33.35 18.42
CA ALA C 264 -25.91 -32.79 19.12
C ALA C 264 -24.69 -32.75 18.24
N PHE C 265 -24.50 -33.80 17.43
CA PHE C 265 -23.36 -33.85 16.55
C PHE C 265 -23.42 -32.74 15.52
N TRP C 266 -24.54 -32.63 14.83
CA TRP C 266 -24.63 -31.67 13.75
C TRP C 266 -24.64 -30.23 14.18
N SER C 267 -25.15 -29.96 15.36
CA SER C 267 -25.21 -28.61 15.88
C SER C 267 -24.02 -28.24 16.75
N ASN C 268 -23.08 -29.16 16.96
CA ASN C 268 -21.96 -28.91 17.86
C ASN C 268 -22.45 -28.46 19.23
N GLN C 269 -23.44 -29.15 19.78
CA GLN C 269 -24.00 -28.77 21.08
C GLN C 269 -23.71 -29.74 22.19
N ARG C 270 -23.62 -29.21 23.40
CA ARG C 270 -23.51 -30.04 24.58
C ARG C 270 -24.87 -30.24 25.24
N ARG C 271 -25.67 -29.19 25.28
CA ARG C 271 -26.99 -29.25 25.88
C ARG C 271 -27.96 -28.80 24.85
N LEU C 272 -29.13 -29.37 24.86
CA LEU C 272 -30.13 -29.01 23.89
C LEU C 272 -31.55 -29.21 24.37
N ALA C 273 -32.40 -28.23 24.14
CA ALA C 273 -33.80 -28.39 24.47
C ALA C 273 -34.53 -29.02 23.31
N ILE C 274 -35.37 -29.98 23.64
CA ILE C 274 -36.19 -30.68 22.68
C ILE C 274 -37.67 -30.49 22.97
N ASN C 275 -38.44 -30.14 21.96
CA ASN C 275 -39.86 -29.98 22.12
C ASN C 275 -40.46 -31.38 22.17
N LEU C 276 -41.05 -31.76 23.28
CA LEU C 276 -41.60 -33.08 23.40
C LEU C 276 -43.11 -32.98 23.55
N THR C 277 -43.86 -33.78 22.81
CA THR C 277 -45.32 -33.66 22.97
C THR C 277 -45.85 -34.65 23.99
N VAL C 278 -46.70 -34.17 24.91
CA VAL C 278 -47.33 -34.94 25.96
C VAL C 278 -48.64 -35.50 25.50
N PHE C 279 -48.85 -36.77 25.77
CA PHE C 279 -50.10 -37.37 25.40
C PHE C 279 -50.87 -37.91 26.59
N ASN C 280 -52.16 -38.02 26.35
CA ASN C 280 -53.18 -38.53 27.24
C ASN C 280 -53.48 -37.73 28.51
N ARG C 281 -53.49 -36.38 28.40
CA ARG C 281 -54.01 -35.49 29.46
C ARG C 281 -53.76 -35.60 30.98
N TYR C 282 -54.87 -35.63 31.75
CA TYR C 282 -54.96 -35.94 33.16
C TYR C 282 -56.11 -36.94 33.23
N PRO C 283 -56.19 -37.85 34.21
CA PRO C 283 -57.27 -38.83 34.35
C PRO C 283 -58.70 -38.29 34.16
N VAL C 284 -59.03 -37.18 34.84
CA VAL C 284 -60.33 -36.47 34.79
C VAL C 284 -61.59 -37.26 35.22
N HIS C 285 -61.86 -38.37 34.55
CA HIS C 285 -63.06 -39.19 34.79
C HIS C 285 -62.87 -40.64 34.34
N ASP C 286 -63.89 -41.47 34.52
CA ASP C 286 -63.83 -42.89 34.21
C ASP C 286 -63.93 -43.19 32.72
N GLU C 287 -64.63 -42.34 31.97
CA GLU C 287 -64.84 -42.55 30.54
C GLU C 287 -64.00 -41.67 29.64
N VAL C 288 -63.03 -40.93 30.13
CA VAL C 288 -62.39 -39.97 29.23
C VAL C 288 -61.63 -40.61 28.06
N GLU C 289 -60.99 -41.76 28.24
CA GLU C 289 -60.25 -42.35 27.12
C GLU C 289 -61.21 -42.81 26.04
N GLN C 290 -62.50 -42.79 26.36
CA GLN C 290 -63.59 -43.20 25.51
C GLN C 290 -64.28 -42.00 24.86
N ILE C 291 -63.77 -40.75 25.03
CA ILE C 291 -64.48 -39.61 24.44
C ILE C 291 -63.59 -38.91 23.42
N VAL C 292 -64.22 -38.11 22.58
CA VAL C 292 -63.54 -37.29 21.59
C VAL C 292 -63.19 -35.90 22.14
N GLY C 293 -61.95 -35.49 21.92
CA GLY C 293 -61.44 -34.19 22.33
C GLY C 293 -59.94 -34.11 22.07
N ASP C 294 -59.33 -32.98 22.40
CA ASP C 294 -57.89 -32.80 22.22
C ASP C 294 -57.17 -32.93 23.56
N PHE C 295 -56.38 -33.99 23.75
CA PHE C 295 -55.70 -34.32 25.00
C PHE C 295 -54.21 -33.98 24.96
N THR C 296 -53.82 -33.23 23.93
CA THR C 296 -52.44 -32.81 23.67
C THR C 296 -51.97 -31.76 24.67
N SER C 297 -50.75 -31.91 25.16
CA SER C 297 -50.12 -30.94 26.05
C SER C 297 -48.62 -30.83 25.72
N LEU C 298 -47.99 -29.69 26.01
CA LEU C 298 -46.56 -29.55 25.70
C LEU C 298 -45.65 -29.81 26.89
N ILE C 299 -44.54 -30.50 26.66
CA ILE C 299 -43.51 -30.64 27.68
C ILE C 299 -42.16 -30.36 27.04
N LEU C 300 -41.23 -29.76 27.77
CA LEU C 300 -39.95 -29.60 27.13
C LEU C 300 -38.98 -30.59 27.74
N LEU C 301 -38.14 -31.16 26.91
CA LEU C 301 -37.12 -32.11 27.35
C LEU C 301 -35.75 -31.47 27.45
N ASP C 302 -35.17 -31.55 28.64
CA ASP C 302 -33.85 -30.99 28.96
C ASP C 302 -32.78 -32.06 28.73
N MET C 303 -32.15 -32.10 27.55
CA MET C 303 -31.18 -33.17 27.30
C MET C 303 -29.75 -32.66 27.36
N ASP C 304 -28.84 -33.49 27.89
CA ASP C 304 -27.42 -33.14 27.99
C ASP C 304 -26.57 -34.29 27.46
N MET C 305 -25.93 -34.05 26.32
CA MET C 305 -25.16 -35.07 25.62
C MET C 305 -23.67 -34.93 25.86
N ASP C 306 -23.29 -34.08 26.81
CA ASP C 306 -21.87 -33.88 27.08
C ASP C 306 -21.40 -34.97 28.00
N GLN C 307 -21.23 -36.13 27.40
CA GLN C 307 -20.87 -37.35 28.10
C GLN C 307 -19.83 -38.15 27.36
N LYS C 308 -19.13 -38.96 28.14
CA LYS C 308 -18.11 -39.88 27.69
C LYS C 308 -18.68 -41.24 27.96
N GLN C 309 -19.70 -41.21 28.81
CA GLN C 309 -20.39 -42.36 29.31
C GLN C 309 -21.10 -43.17 28.21
N PRO C 310 -21.35 -44.47 28.42
CA PRO C 310 -21.98 -45.42 27.51
C PRO C 310 -23.34 -44.99 27.03
N PHE C 311 -23.72 -45.47 25.86
CA PHE C 311 -24.99 -45.11 25.28
C PHE C 311 -26.13 -45.37 26.22
N PHE C 312 -26.16 -46.54 26.83
CA PHE C 312 -27.29 -46.83 27.68
C PHE C 312 -27.34 -45.89 28.87
N THR C 313 -26.20 -45.33 29.29
CA THR C 313 -26.20 -44.45 30.44
C THR C 313 -26.98 -43.22 30.07
N LYS C 314 -26.73 -42.75 28.87
CA LYS C 314 -27.43 -41.56 28.39
C LYS C 314 -28.93 -41.86 28.28
N VAL C 315 -29.27 -43.09 27.90
CA VAL C 315 -30.66 -43.49 27.81
C VAL C 315 -31.30 -43.47 29.17
N GLU C 316 -30.63 -44.00 30.18
CA GLU C 316 -31.19 -44.00 31.52
C GLU C 316 -31.38 -42.56 32.01
N GLN C 317 -30.45 -41.66 31.69
CA GLN C 317 -30.56 -40.29 32.13
C GLN C 317 -31.78 -39.64 31.49
N THR C 318 -31.99 -39.98 30.22
CA THR C 318 -33.11 -39.51 29.45
C THR C 318 -34.38 -40.06 30.06
N GLN C 319 -34.38 -41.34 30.41
CA GLN C 319 -35.56 -41.92 31.00
C GLN C 319 -35.96 -41.29 32.28
N SER C 320 -35.00 -41.01 33.16
CA SER C 320 -35.38 -40.41 34.41
C SER C 320 -35.96 -39.03 34.16
N THR C 321 -35.38 -38.30 33.21
CA THR C 321 -35.82 -36.97 32.88
C THR C 321 -37.26 -37.02 32.37
N LEU C 322 -37.54 -37.97 31.49
CA LEU C 322 -38.88 -38.09 30.92
C LEU C 322 -39.89 -38.44 31.98
N LEU C 323 -39.52 -39.36 32.85
CA LEU C 323 -40.46 -39.79 33.85
C LEU C 323 -40.79 -38.70 34.84
N ASP C 324 -39.81 -37.90 35.25
CA ASP C 324 -40.12 -36.86 36.20
C ASP C 324 -40.90 -35.74 35.55
N GLY C 325 -40.56 -35.41 34.31
CA GLY C 325 -41.23 -34.32 33.65
C GLY C 325 -42.71 -34.61 33.46
N LEU C 326 -43.05 -35.86 33.24
CA LEU C 326 -44.43 -36.24 32.98
C LEU C 326 -45.27 -36.33 34.23
N GLU C 327 -44.66 -36.14 35.40
CA GLU C 327 -45.38 -36.13 36.66
C GLU C 327 -45.73 -34.69 37.03
N HIS C 328 -45.28 -33.77 36.18
CA HIS C 328 -45.49 -32.35 36.39
C HIS C 328 -46.16 -31.80 35.13
N ARG C 329 -47.01 -32.64 34.53
CA ARG C 329 -47.78 -32.38 33.32
C ARG C 329 -48.92 -31.43 33.56
N HIS C 330 -49.16 -31.18 34.82
CA HIS C 330 -50.23 -30.38 35.31
C HIS C 330 -49.99 -28.88 35.08
N TYR C 331 -48.76 -28.52 34.73
CA TYR C 331 -48.44 -27.15 34.35
C TYR C 331 -48.07 -27.34 32.90
N ASP C 332 -48.70 -26.60 31.99
CA ASP C 332 -48.45 -26.90 30.60
C ASP C 332 -47.12 -26.33 30.14
N GLY C 333 -46.44 -27.00 29.21
CA GLY C 333 -45.21 -26.48 28.62
C GLY C 333 -45.49 -25.20 27.88
N VAL C 334 -46.74 -25.00 27.51
CA VAL C 334 -47.12 -23.77 26.85
C VAL C 334 -46.93 -22.62 27.82
N GLU C 335 -47.30 -22.83 29.08
CA GLU C 335 -47.15 -21.80 30.06
C GLU C 335 -45.68 -21.58 30.30
N PHE C 336 -44.95 -22.69 30.34
CA PHE C 336 -43.52 -22.66 30.58
C PHE C 336 -42.83 -21.86 29.52
N ILE C 337 -43.16 -22.14 28.26
CA ILE C 337 -42.46 -21.48 27.20
C ILE C 337 -42.84 -20.03 27.21
N ARG C 338 -44.09 -19.70 27.54
CA ARG C 338 -44.42 -18.29 27.61
C ARG C 338 -43.53 -17.62 28.65
N ASP C 339 -43.35 -18.28 29.80
CA ASP C 339 -42.54 -17.71 30.85
C ASP C 339 -41.08 -17.64 30.43
N TYR C 340 -40.62 -18.65 29.72
CA TYR C 340 -39.25 -18.80 29.26
C TYR C 340 -38.86 -17.76 28.26
N THR C 341 -39.72 -17.54 27.28
CA THR C 341 -39.40 -16.58 26.24
C THR C 341 -39.56 -15.16 26.74
N ARG C 342 -40.37 -14.95 27.78
CA ARG C 342 -40.40 -13.62 28.34
C ARG C 342 -39.15 -13.45 29.19
N TYR C 343 -38.80 -14.48 29.94
CA TYR C 343 -37.63 -14.52 30.80
C TYR C 343 -36.35 -14.23 30.07
N HIS C 344 -36.18 -14.88 28.94
CA HIS C 344 -34.98 -14.75 28.17
C HIS C 344 -35.13 -13.77 26.99
N GLN C 345 -36.20 -12.98 26.97
CA GLN C 345 -36.44 -11.99 25.92
C GLN C 345 -36.36 -12.54 24.50
N MET C 346 -37.02 -13.67 24.24
CA MET C 346 -36.97 -14.25 22.92
C MET C 346 -37.98 -13.68 21.93
N ARG C 347 -39.04 -13.01 22.39
CA ARG C 347 -40.04 -12.41 21.49
C ARG C 347 -40.80 -13.52 20.69
N PRO C 348 -41.83 -13.22 19.86
CA PRO C 348 -42.67 -14.20 19.15
C PRO C 348 -41.97 -14.87 17.96
N LYS C 349 -40.93 -15.61 18.30
CA LYS C 349 -40.04 -16.30 17.39
C LYS C 349 -40.31 -17.80 17.44
N ALA C 350 -39.87 -18.52 16.41
CA ALA C 350 -40.03 -19.96 16.41
C ALA C 350 -38.95 -20.58 17.29
N VAL C 351 -39.14 -20.46 18.59
CA VAL C 351 -38.18 -20.85 19.62
C VAL C 351 -37.92 -22.35 19.70
N MET C 352 -38.96 -23.16 19.57
CA MET C 352 -38.79 -24.60 19.71
C MET C 352 -39.20 -25.40 18.47
N PRO C 353 -38.49 -25.27 17.34
CA PRO C 353 -38.78 -25.89 16.06
C PRO C 353 -38.45 -27.37 15.91
N ILE C 354 -37.74 -27.93 16.89
CA ILE C 354 -37.34 -29.33 16.79
C ILE C 354 -38.16 -30.11 17.75
N VAL C 355 -38.95 -31.04 17.24
CA VAL C 355 -39.89 -31.75 18.07
C VAL C 355 -39.86 -33.25 17.92
N PHE C 356 -40.09 -33.95 19.05
CA PHE C 356 -40.20 -35.39 19.07
C PHE C 356 -41.61 -35.80 19.49
N THR C 357 -42.19 -36.71 18.73
CA THR C 357 -43.54 -37.21 18.95
C THR C 357 -43.52 -38.72 19.01
N SER C 358 -44.21 -39.32 19.98
CA SER C 358 -44.22 -40.78 19.98
C SER C 358 -45.52 -41.44 20.34
N MET C 359 -45.90 -42.36 19.46
CA MET C 359 -47.05 -43.21 19.57
C MET C 359 -46.57 -44.64 19.70
N LEU C 360 -45.32 -44.80 20.14
CA LEU C 360 -44.81 -46.14 20.33
C LEU C 360 -45.58 -46.62 21.53
N ALA C 361 -46.21 -47.80 21.43
CA ALA C 361 -47.08 -48.25 22.50
C ALA C 361 -48.08 -47.16 22.85
N GLY C 362 -48.50 -46.36 21.86
CA GLY C 362 -49.39 -45.24 22.09
C GLY C 362 -50.39 -45.17 20.97
N ALA C 363 -50.78 -46.32 20.51
CA ALA C 363 -51.71 -46.45 19.42
C ALA C 363 -52.47 -47.75 19.62
N GLY C 364 -53.66 -47.81 19.05
CA GLY C 364 -54.49 -49.01 19.12
C GLY C 364 -54.31 -49.82 17.85
N ALA C 365 -55.35 -50.54 17.44
CA ALA C 365 -55.29 -51.40 16.26
C ALA C 365 -55.25 -50.61 14.96
N PHE C 366 -55.63 -49.33 15.07
CA PHE C 366 -55.75 -48.38 13.98
C PHE C 366 -57.08 -48.65 13.35
N ALA C 367 -58.12 -48.13 13.99
CA ALA C 367 -59.49 -48.36 13.56
C ALA C 367 -59.67 -47.89 12.15
N TRP C 368 -58.99 -46.81 11.80
CA TRP C 368 -59.12 -46.33 10.44
C TRP C 368 -58.49 -47.27 9.44
N GLU C 369 -57.48 -48.07 9.84
CA GLU C 369 -56.90 -48.99 8.89
C GLU C 369 -57.68 -50.29 8.87
N GLU C 370 -58.43 -50.54 9.95
CA GLU C 370 -59.33 -51.68 10.00
C GLU C 370 -60.45 -51.38 8.98
N ILE C 371 -60.85 -50.10 8.86
CA ILE C 371 -61.83 -49.68 7.86
C ILE C 371 -61.24 -49.86 6.47
N GLY C 372 -60.00 -49.40 6.28
CA GLY C 372 -59.31 -49.56 5.02
C GLY C 372 -57.88 -49.07 5.13
N SER C 373 -56.99 -49.54 4.25
CA SER C 373 -55.55 -49.22 4.37
C SER C 373 -55.20 -47.77 4.23
N LEU C 374 -54.21 -47.31 4.99
CA LEU C 374 -53.79 -45.93 4.82
C LEU C 374 -52.98 -45.81 3.55
N ARG C 375 -53.30 -44.84 2.72
CA ARG C 375 -52.54 -44.62 1.51
C ARG C 375 -51.74 -43.34 1.62
N HIS C 376 -52.37 -42.31 2.17
CA HIS C 376 -51.71 -41.02 2.31
C HIS C 376 -52.04 -40.38 3.62
N ILE C 377 -51.08 -39.63 4.13
CA ILE C 377 -51.28 -38.85 5.31
C ILE C 377 -50.35 -37.67 5.23
N HIS C 378 -50.79 -36.52 5.70
CA HIS C 378 -49.97 -35.33 5.70
C HIS C 378 -50.41 -34.35 6.75
N ALA C 379 -49.47 -33.69 7.39
CA ALA C 379 -49.87 -32.68 8.35
C ALA C 379 -48.89 -31.55 8.33
N ARG C 380 -49.40 -30.38 8.66
CA ARG C 380 -48.58 -29.19 8.73
C ARG C 380 -48.85 -28.49 10.03
N THR C 381 -47.78 -28.08 10.69
CA THR C 381 -47.90 -27.36 11.93
C THR C 381 -47.08 -26.10 11.77
N PRO C 382 -47.36 -25.03 12.51
CA PRO C 382 -46.61 -23.81 12.53
C PRO C 382 -45.32 -24.01 13.28
N GLN C 383 -44.32 -23.22 12.94
CA GLN C 383 -43.05 -23.17 13.68
C GLN C 383 -42.35 -24.50 13.90
N VAL C 384 -42.29 -25.32 12.89
CA VAL C 384 -41.55 -26.58 12.97
C VAL C 384 -40.58 -26.72 11.83
N TYR C 385 -39.36 -27.13 12.16
CA TYR C 385 -38.38 -27.34 11.11
C TYR C 385 -38.33 -28.82 10.84
N LEU C 386 -38.38 -29.62 11.92
CA LEU C 386 -38.37 -31.06 11.76
C LEU C 386 -39.08 -31.75 12.91
N ASP C 387 -40.04 -32.60 12.53
CA ASP C 387 -40.83 -33.40 13.47
C ASP C 387 -40.46 -34.86 13.38
N ASN C 388 -39.79 -35.35 14.40
CA ASN C 388 -39.37 -36.71 14.45
C ASN C 388 -40.46 -37.54 15.08
N VAL C 389 -41.23 -38.24 14.27
CA VAL C 389 -42.34 -38.97 14.82
C VAL C 389 -42.20 -40.46 14.65
N VAL C 390 -42.39 -41.15 15.76
CA VAL C 390 -42.31 -42.59 15.77
C VAL C 390 -43.61 -43.21 16.26
N ILE C 391 -44.14 -44.11 15.44
CA ILE C 391 -45.40 -44.79 15.67
C ILE C 391 -45.32 -46.31 15.71
N GLU C 392 -45.97 -46.95 16.71
CA GLU C 392 -46.01 -48.41 16.67
C GLU C 392 -47.27 -48.85 15.97
N LYS C 393 -47.15 -49.68 14.96
CA LYS C 393 -48.33 -50.15 14.24
C LYS C 393 -48.47 -51.65 14.21
N ASN C 394 -49.16 -52.20 15.19
CA ASN C 394 -49.33 -53.64 15.27
C ASN C 394 -47.98 -54.37 15.18
N GLY C 395 -46.98 -53.78 15.84
CA GLY C 395 -45.61 -54.26 15.91
C GLY C 395 -44.66 -53.64 14.88
N GLU C 396 -45.17 -52.99 13.84
CA GLU C 396 -44.28 -52.40 12.86
C GLU C 396 -43.76 -51.12 13.46
N LEU C 397 -42.49 -50.79 13.27
CA LEU C 397 -42.04 -49.53 13.82
C LEU C 397 -41.92 -48.51 12.69
N LEU C 398 -42.73 -47.48 12.79
CA LEU C 398 -42.82 -46.50 11.75
C LEU C 398 -42.04 -45.26 12.08
N VAL C 399 -41.04 -44.95 11.25
CA VAL C 399 -40.23 -43.80 11.50
C VAL C 399 -40.39 -42.79 10.38
N SER C 400 -40.78 -41.58 10.75
CA SER C 400 -40.93 -40.55 9.73
C SER C 400 -40.44 -39.20 10.16
N TRP C 401 -39.53 -38.66 9.38
CA TRP C 401 -39.04 -37.33 9.65
C TRP C 401 -39.69 -36.38 8.69
N ASN C 402 -40.51 -35.52 9.23
CA ASN C 402 -41.20 -34.55 8.41
C ASN C 402 -40.47 -33.25 8.52
N TYR C 403 -40.02 -32.70 7.40
CA TYR C 403 -39.21 -31.50 7.48
C TYR C 403 -39.50 -30.47 6.41
N VAL C 404 -39.14 -29.22 6.68
CA VAL C 404 -39.36 -28.20 5.68
C VAL C 404 -38.22 -28.22 4.70
N GLU C 405 -38.52 -28.50 3.44
CA GLU C 405 -37.43 -28.64 2.49
C GLU C 405 -36.74 -27.34 2.21
N GLU C 406 -37.46 -26.26 2.33
CA GLU C 406 -36.93 -24.95 2.07
C GLU C 406 -35.85 -24.53 3.07
N LEU C 407 -35.87 -25.08 4.27
CA LEU C 407 -34.87 -24.71 5.24
C LEU C 407 -33.58 -25.46 5.14
N PHE C 408 -33.52 -26.54 4.36
CA PHE C 408 -32.33 -27.38 4.40
C PHE C 408 -31.73 -27.76 3.08
N ASP C 409 -30.45 -28.04 3.13
CA ASP C 409 -29.76 -28.65 2.02
C ASP C 409 -30.18 -30.10 2.02
N ALA C 410 -30.71 -30.57 0.91
CA ALA C 410 -31.23 -31.91 0.85
C ALA C 410 -30.18 -32.96 1.19
N GLU C 411 -28.91 -32.72 0.85
CA GLU C 411 -27.93 -33.75 1.16
C GLU C 411 -27.66 -33.85 2.64
N VAL C 412 -27.73 -32.72 3.33
CA VAL C 412 -27.51 -32.72 4.76
C VAL C 412 -28.65 -33.44 5.39
N MET C 413 -29.85 -33.13 4.92
CA MET C 413 -31.02 -33.75 5.47
C MET C 413 -31.06 -35.26 5.26
N GLU C 414 -30.64 -35.73 4.10
CA GLU C 414 -30.63 -37.15 3.89
C GLU C 414 -29.56 -37.78 4.77
N SER C 415 -28.42 -37.10 4.90
CA SER C 415 -27.34 -37.64 5.71
C SER C 415 -27.76 -37.76 7.17
N MET C 416 -28.43 -36.74 7.72
CA MET C 416 -28.82 -36.82 9.11
C MET C 416 -29.78 -37.98 9.36
N PHE C 417 -30.72 -38.18 8.46
CA PHE C 417 -31.66 -39.28 8.61
C PHE C 417 -30.97 -40.61 8.52
N THR C 418 -30.06 -40.72 7.55
CA THR C 418 -29.33 -41.94 7.36
C THR C 418 -28.59 -42.27 8.64
N GLN C 419 -27.94 -41.28 9.26
CA GLN C 419 -27.21 -41.53 10.48
C GLN C 419 -28.11 -42.01 11.59
N PHE C 420 -29.32 -41.45 11.69
CA PHE C 420 -30.25 -41.88 12.71
C PHE C 420 -30.55 -43.35 12.58
N VAL C 421 -30.88 -43.76 11.38
CA VAL C 421 -31.22 -45.15 11.16
C VAL C 421 -30.02 -46.05 11.41
N GLU C 422 -28.83 -45.64 10.96
CA GLU C 422 -27.66 -46.47 11.18
C GLU C 422 -27.37 -46.65 12.67
N LEU C 423 -27.59 -45.60 13.48
CA LEU C 423 -27.38 -45.73 14.91
C LEU C 423 -28.35 -46.75 15.47
N LEU C 424 -29.59 -46.76 14.97
CA LEU C 424 -30.54 -47.76 15.47
C LEU C 424 -30.08 -49.16 15.10
N ASP C 425 -29.52 -49.33 13.89
CA ASP C 425 -29.07 -50.67 13.50
C ASP C 425 -27.93 -51.15 14.38
N GLN C 426 -27.03 -50.26 14.76
CA GLN C 426 -25.92 -50.64 15.64
C GLN C 426 -26.44 -51.02 17.03
N LEU C 427 -27.47 -50.33 17.50
CA LEU C 427 -28.00 -50.71 18.79
C LEU C 427 -28.60 -52.10 18.69
N VAL C 428 -29.22 -52.41 17.56
CA VAL C 428 -29.78 -53.74 17.38
C VAL C 428 -28.70 -54.83 17.39
N GLU C 429 -27.58 -54.62 16.68
CA GLU C 429 -26.54 -55.66 16.66
C GLU C 429 -25.51 -55.67 17.81
N GLN C 430 -25.02 -54.50 18.25
CA GLN C 430 -24.00 -54.43 19.29
C GLN C 430 -24.51 -54.01 20.68
N GLY C 431 -25.58 -53.21 20.72
CA GLY C 431 -26.15 -52.71 21.98
C GLY C 431 -25.70 -51.30 22.40
N ASP C 432 -24.75 -50.75 21.65
CA ASP C 432 -24.20 -49.41 21.85
C ASP C 432 -23.84 -48.90 20.47
N ILE C 433 -23.34 -47.69 20.35
CA ILE C 433 -23.06 -47.14 19.04
C ILE C 433 -21.66 -46.59 18.87
N ASN C 434 -21.28 -46.38 17.63
CA ASN C 434 -20.04 -45.70 17.35
C ASN C 434 -20.39 -44.22 17.33
N PRO C 435 -19.59 -43.32 17.88
CA PRO C 435 -19.85 -41.90 17.86
C PRO C 435 -20.02 -41.45 16.45
N LEU C 436 -20.94 -40.51 16.20
CA LEU C 436 -21.09 -40.08 14.82
C LEU C 436 -19.86 -39.36 14.34
N ARG C 437 -19.57 -39.57 13.08
CA ARG C 437 -18.46 -38.95 12.40
C ARG C 437 -18.91 -38.66 11.00
N ILE C 438 -18.24 -37.73 10.36
CA ILE C 438 -18.57 -37.38 9.00
C ILE C 438 -17.40 -37.54 8.07
N SER C 439 -17.68 -38.06 6.89
CA SER C 439 -16.67 -38.17 5.85
C SER C 439 -17.32 -37.87 4.50
N GLN C 440 -17.61 -38.90 3.73
CA GLN C 440 -18.38 -38.80 2.50
C GLN C 440 -17.98 -37.62 1.60
N LYS C 441 -18.98 -36.84 1.15
CA LYS C 441 -18.77 -35.68 0.30
C LYS C 441 -18.46 -34.46 1.13
N ASP C 442 -17.33 -34.52 1.77
CA ASP C 442 -16.88 -33.49 2.68
C ASP C 442 -15.43 -33.81 2.93
N TYR C 443 -15.18 -35.04 3.35
CA TYR C 443 -13.84 -35.46 3.64
C TYR C 443 -12.87 -35.12 2.52
N ALA C 444 -13.25 -35.37 1.28
CA ALA C 444 -12.33 -35.09 0.19
C ALA C 444 -11.92 -33.63 0.14
N LEU C 445 -12.79 -32.70 0.53
CA LEU C 445 -12.46 -31.30 0.44
C LEU C 445 -11.37 -30.98 1.44
N ILE C 446 -11.53 -31.49 2.65
CA ILE C 446 -10.53 -31.18 3.65
C ILE C 446 -9.23 -31.91 3.35
N ASP C 447 -9.33 -33.11 2.79
CA ASP C 447 -8.17 -33.91 2.47
C ASP C 447 -7.30 -33.18 1.46
N GLN C 448 -7.91 -32.54 0.47
CA GLN C 448 -7.12 -31.83 -0.50
C GLN C 448 -6.73 -30.43 -0.02
N TYR C 449 -7.56 -29.82 0.81
CA TYR C 449 -7.29 -28.50 1.35
C TYR C 449 -5.95 -28.50 2.07
N ASN C 450 -5.71 -29.53 2.87
CA ASN C 450 -4.50 -29.68 3.65
C ASN C 450 -3.33 -30.37 2.93
N ALA C 451 -3.44 -30.65 1.64
CA ALA C 451 -2.38 -31.33 0.91
C ALA C 451 -1.31 -30.34 0.45
N THR C 452 -0.54 -29.83 1.41
CA THR C 452 0.41 -28.73 1.21
C THR C 452 1.91 -29.01 1.32
N ALA C 453 2.35 -30.26 1.38
CA ALA C 453 3.79 -30.51 1.57
C ALA C 453 4.68 -29.99 0.44
N GLU C 454 5.84 -29.42 0.82
CA GLU C 454 6.86 -28.93 -0.12
C GLU C 454 8.29 -29.26 0.35
N PRO C 455 9.24 -29.52 -0.57
CA PRO C 455 10.64 -29.86 -0.31
C PRO C 455 11.57 -28.71 0.06
N ILE C 456 11.35 -28.10 1.21
CA ILE C 456 12.18 -26.98 1.67
C ILE C 456 13.16 -27.46 2.77
N PRO C 457 14.50 -27.35 2.60
CA PRO C 457 15.56 -27.83 3.52
C PRO C 457 15.67 -27.15 4.88
N ALA C 458 15.09 -25.96 5.00
CA ALA C 458 15.07 -25.12 6.22
C ALA C 458 16.45 -24.57 6.66
N ALA C 459 17.38 -25.44 7.00
CA ALA C 459 18.71 -25.05 7.47
C ALA C 459 18.63 -24.05 8.64
N THR C 460 19.43 -22.95 8.60
CA THR C 460 19.41 -21.94 9.68
C THR C 460 19.33 -20.51 9.16
N LEU C 461 18.92 -19.57 10.03
CA LEU C 461 18.78 -18.18 9.59
C LEU C 461 20.07 -17.47 9.24
N HIS C 462 21.14 -17.69 9.99
CA HIS C 462 22.35 -17.01 9.64
C HIS C 462 23.04 -17.65 8.46
N GLN C 463 22.73 -18.91 8.17
CA GLN C 463 23.39 -19.51 7.03
C GLN C 463 22.87 -18.86 5.78
N LEU C 464 21.60 -18.51 5.77
CA LEU C 464 21.05 -17.88 4.58
C LEU C 464 21.78 -16.57 4.35
N PHE C 465 22.02 -15.83 5.43
CA PHE C 465 22.78 -14.58 5.31
C PHE C 465 24.16 -14.78 4.78
N ILE C 466 24.87 -15.75 5.34
CA ILE C 466 26.25 -15.94 4.97
C ILE C 466 26.40 -16.22 3.50
N ASP C 467 25.55 -17.08 2.96
CA ASP C 467 25.74 -17.36 1.56
C ASP C 467 25.35 -16.17 0.71
N GLN C 468 24.30 -15.44 1.09
CA GLN C 468 23.96 -14.31 0.24
C GLN C 468 25.04 -13.25 0.29
N ALA C 469 25.66 -13.08 1.44
CA ALA C 469 26.71 -12.09 1.60
C ALA C 469 27.89 -12.40 0.70
N GLN C 470 28.16 -13.67 0.46
CA GLN C 470 29.25 -14.04 -0.42
C GLN C 470 28.91 -13.78 -1.88
N ARG C 471 27.64 -13.89 -2.23
CA ARG C 471 27.23 -13.68 -3.62
C ARG C 471 27.27 -12.22 -4.01
N THR C 472 26.82 -11.34 -3.13
CA THR C 472 26.78 -9.91 -3.44
C THR C 472 27.35 -9.05 -2.32
N PRO C 473 28.65 -9.15 -2.01
CA PRO C 473 29.28 -8.54 -0.85
C PRO C 473 29.26 -7.01 -0.81
N ASP C 474 29.12 -6.36 -1.96
CA ASP C 474 29.14 -4.91 -1.94
C ASP C 474 27.78 -4.27 -1.99
N GLN C 475 26.74 -5.08 -1.87
CA GLN C 475 25.39 -4.58 -1.85
C GLN C 475 25.13 -3.91 -0.52
N VAL C 476 24.32 -2.87 -0.53
CA VAL C 476 23.96 -2.26 0.74
C VAL C 476 22.81 -3.03 1.36
N ALA C 477 22.99 -3.48 2.59
CA ALA C 477 22.00 -4.28 3.27
C ALA C 477 21.07 -3.48 4.15
N VAL C 478 21.65 -2.59 4.95
CA VAL C 478 20.86 -1.89 5.95
C VAL C 478 21.00 -0.40 5.81
N VAL C 479 19.88 0.27 5.64
CA VAL C 479 19.85 1.72 5.49
C VAL C 479 18.98 2.39 6.53
N PHE C 480 19.49 3.46 7.13
CA PHE C 480 18.69 4.18 8.11
C PHE C 480 18.53 5.65 7.72
N GLU C 481 19.64 6.36 7.64
CA GLU C 481 19.59 7.77 7.30
C GLU C 481 20.48 7.91 6.08
N GLN C 482 21.58 8.61 6.25
CA GLN C 482 22.61 8.67 5.23
C GLN C 482 23.69 7.68 5.60
N GLU C 483 23.43 6.95 6.66
CA GLU C 483 24.29 5.92 7.13
C GLU C 483 23.68 4.60 6.72
N TRP C 484 24.57 3.67 6.35
CA TRP C 484 24.22 2.32 5.97
C TRP C 484 25.38 1.33 6.01
N LEU C 485 25.02 0.04 5.98
CA LEU C 485 25.97 -1.08 5.96
C LEU C 485 25.83 -2.00 4.75
N THR C 486 26.95 -2.57 4.28
CA THR C 486 26.93 -3.55 3.20
C THR C 486 26.98 -4.96 3.71
N TYR C 487 26.76 -5.90 2.81
CA TYR C 487 26.79 -7.30 3.18
C TYR C 487 28.16 -7.76 3.69
N SER C 488 29.26 -7.32 3.06
CA SER C 488 30.56 -7.74 3.57
C SER C 488 30.87 -7.08 4.91
N GLU C 489 30.37 -5.87 5.11
CA GLU C 489 30.60 -5.17 6.36
C GLU C 489 29.88 -5.87 7.50
N LEU C 490 28.64 -6.33 7.24
CA LEU C 490 27.90 -7.03 8.27
C LEU C 490 28.60 -8.29 8.65
N ASP C 491 29.20 -8.98 7.70
CA ASP C 491 29.85 -10.17 8.15
C ASP C 491 31.09 -9.84 8.97
N GLN C 492 31.89 -8.85 8.57
CA GLN C 492 33.07 -8.59 9.38
C GLN C 492 32.74 -8.10 10.77
N ARG C 493 31.73 -7.25 10.88
CA ARG C 493 31.41 -6.69 12.16
C ARG C 493 30.75 -7.72 13.07
N SER C 494 29.91 -8.59 12.51
CA SER C 494 29.26 -9.58 13.33
C SER C 494 30.22 -10.68 13.73
N ASN C 495 31.30 -10.90 12.97
CA ASN C 495 32.24 -11.93 13.37
C ASN C 495 32.99 -11.44 14.60
N GLN C 496 33.30 -10.15 14.65
CA GLN C 496 34.01 -9.67 15.83
C GLN C 496 33.11 -9.71 17.06
N VAL C 497 31.83 -9.35 16.89
CA VAL C 497 30.94 -9.36 18.03
C VAL C 497 30.71 -10.78 18.49
N ALA C 498 30.51 -11.72 17.58
CA ALA C 498 30.28 -13.07 18.03
C ALA C 498 31.50 -13.58 18.81
N ARG C 499 32.73 -13.26 18.38
CA ARG C 499 33.85 -13.76 19.16
C ARG C 499 33.82 -13.19 20.56
N PHE C 500 33.46 -11.94 20.65
CA PHE C 500 33.33 -11.30 21.93
C PHE C 500 32.34 -12.04 22.80
N LEU C 501 31.16 -12.36 22.28
CA LEU C 501 30.16 -13.05 23.09
C LEU C 501 30.63 -14.45 23.47
N GLN C 502 31.30 -15.14 22.56
CA GLN C 502 31.77 -16.49 22.83
C GLN C 502 32.82 -16.46 23.92
N SER C 503 33.61 -15.41 23.92
CA SER C 503 34.70 -15.21 24.85
C SER C 503 34.22 -14.88 26.28
N ARG C 504 32.92 -14.58 26.45
CA ARG C 504 32.35 -14.27 27.74
C ARG C 504 31.61 -15.47 28.28
N GLY C 505 31.64 -16.59 27.57
CA GLY C 505 30.92 -17.76 28.03
C GLY C 505 29.46 -17.86 27.56
N ILE C 506 29.09 -17.17 26.48
CA ILE C 506 27.72 -17.28 26.01
C ILE C 506 27.73 -18.28 24.88
N GLY C 507 27.02 -19.39 25.04
CA GLY C 507 27.05 -20.45 24.04
C GLY C 507 25.68 -20.98 23.66
N ARG C 508 25.67 -22.16 23.08
CA ARG C 508 24.43 -22.71 22.63
C ARG C 508 23.57 -23.04 23.83
N GLY C 509 22.32 -22.67 23.75
CA GLY C 509 21.36 -22.93 24.81
C GLY C 509 21.16 -21.71 25.70
N ASP C 510 22.07 -20.73 25.60
CA ASP C 510 21.91 -19.54 26.40
C ASP C 510 21.05 -18.57 25.66
N ARG C 511 20.78 -17.45 26.31
CA ARG C 511 19.98 -16.41 25.71
C ARG C 511 20.58 -15.06 25.94
N VAL C 512 20.45 -14.22 24.93
CA VAL C 512 20.91 -12.85 24.98
C VAL C 512 19.76 -11.90 24.75
N GLY C 513 19.56 -10.95 25.66
CA GLY C 513 18.49 -10.00 25.44
C GLY C 513 19.04 -8.92 24.54
N VAL C 514 18.22 -8.35 23.68
CA VAL C 514 18.71 -7.26 22.86
C VAL C 514 17.74 -6.09 22.85
N LEU C 515 18.24 -4.87 22.75
CA LEU C 515 17.29 -3.76 22.64
C LEU C 515 16.94 -3.35 21.22
N ALA C 516 15.67 -3.04 21.06
CA ALA C 516 15.10 -2.62 19.79
C ALA C 516 15.35 -1.17 19.43
N LYS C 517 16.59 -0.84 19.12
CA LYS C 517 16.92 0.53 18.75
C LYS C 517 17.13 0.71 17.25
N ARG C 518 16.82 1.90 16.75
CA ARG C 518 16.99 2.17 15.33
C ARG C 518 18.38 2.60 14.98
N GLN C 519 19.24 1.62 14.96
CA GLN C 519 20.63 1.82 14.65
C GLN C 519 21.09 0.70 13.75
N VAL C 520 22.01 0.97 12.85
CA VAL C 520 22.43 -0.12 11.99
C VAL C 520 23.18 -1.21 12.78
N GLU C 521 23.82 -0.80 13.87
CA GLU C 521 24.54 -1.70 14.74
C GLU C 521 23.63 -2.71 15.43
N THR C 522 22.33 -2.42 15.49
CA THR C 522 21.39 -3.32 16.11
C THR C 522 21.39 -4.62 15.32
N ILE C 523 21.48 -4.52 13.99
CA ILE C 523 21.46 -5.68 13.13
C ILE C 523 22.74 -6.43 13.33
N ILE C 524 23.84 -5.72 13.47
CA ILE C 524 25.10 -6.41 13.67
C ILE C 524 25.04 -7.23 14.94
N ASN C 525 24.54 -6.65 16.03
CA ASN C 525 24.50 -7.41 17.26
C ASN C 525 23.54 -8.57 17.19
N LEU C 526 22.44 -8.40 16.48
CA LEU C 526 21.46 -9.45 16.35
C LEU C 526 22.05 -10.66 15.62
N MET C 527 22.76 -10.41 14.52
CA MET C 527 23.33 -11.50 13.78
C MET C 527 24.39 -12.21 14.57
N ALA C 528 25.18 -11.46 15.34
CA ALA C 528 26.24 -12.09 16.11
C ALA C 528 25.72 -13.08 17.13
N VAL C 529 24.57 -12.77 17.73
CA VAL C 529 24.01 -13.66 18.73
C VAL C 529 23.65 -14.98 18.09
N LEU C 530 22.99 -14.92 16.94
CA LEU C 530 22.62 -16.15 16.28
C LEU C 530 23.81 -16.91 15.74
N LYS C 531 24.81 -16.21 15.20
CA LYS C 531 25.94 -16.93 14.64
C LYS C 531 26.68 -17.72 15.68
N ALA C 532 26.73 -17.21 16.89
CA ALA C 532 27.42 -17.86 17.97
C ALA C 532 26.61 -19.02 18.57
N GLY C 533 25.36 -19.20 18.11
CA GLY C 533 24.50 -20.26 18.59
C GLY C 533 23.54 -19.95 19.74
N ALA C 534 23.38 -18.69 20.14
CA ALA C 534 22.48 -18.38 21.23
C ALA C 534 21.17 -17.88 20.67
N ALA C 535 20.10 -18.07 21.42
CA ALA C 535 18.84 -17.51 20.98
C ALA C 535 18.78 -16.09 21.47
N TYR C 536 17.98 -15.25 20.82
CA TYR C 536 17.85 -13.89 21.33
C TYR C 536 16.45 -13.59 21.83
N VAL C 537 16.36 -12.62 22.73
CA VAL C 537 15.07 -12.14 23.23
C VAL C 537 14.97 -10.63 23.06
N PRO C 538 14.12 -10.10 22.19
CA PRO C 538 14.01 -8.67 21.99
C PRO C 538 13.28 -8.00 23.13
N ILE C 539 13.72 -6.79 23.49
CA ILE C 539 13.09 -5.89 24.46
C ILE C 539 12.93 -4.48 23.89
N ASP C 540 11.72 -3.90 23.98
CA ASP C 540 11.47 -2.55 23.51
C ASP C 540 11.90 -1.55 24.59
N PRO C 541 12.86 -0.64 24.35
CA PRO C 541 13.40 0.27 25.34
C PRO C 541 12.35 1.20 25.95
N ASP C 542 11.20 1.33 25.29
CA ASP C 542 10.14 2.19 25.82
C ASP C 542 9.10 1.42 26.66
N HIS C 543 9.34 0.13 26.90
CA HIS C 543 8.42 -0.60 27.75
C HIS C 543 8.58 0.02 29.13
N PRO C 544 7.59 0.01 30.01
CA PRO C 544 7.77 0.48 31.36
C PRO C 544 8.99 -0.27 31.87
N TYR C 545 9.86 0.44 32.57
CA TYR C 545 11.12 -0.13 33.02
C TYR C 545 10.97 -1.45 33.73
N GLU C 546 9.98 -1.56 34.61
CA GLU C 546 9.79 -2.77 35.39
C GLU C 546 9.48 -3.99 34.52
N ARG C 547 9.03 -3.75 33.30
CA ARG C 547 8.70 -4.84 32.42
C ARG C 547 9.96 -5.25 31.73
N GLN C 548 10.86 -4.29 31.52
CA GLN C 548 12.09 -4.64 30.84
C GLN C 548 12.88 -5.56 31.77
N THR C 549 12.80 -5.26 33.07
CA THR C 549 13.49 -6.06 34.06
C THR C 549 12.77 -7.38 34.27
N TYR C 550 11.45 -7.37 34.19
CA TYR C 550 10.69 -8.58 34.37
C TYR C 550 11.11 -9.60 33.34
N ILE C 551 11.19 -9.19 32.09
CA ILE C 551 11.53 -10.13 31.04
C ILE C 551 12.93 -10.66 31.18
N LEU C 552 13.92 -9.83 31.47
CA LEU C 552 15.25 -10.40 31.56
C LEU C 552 15.32 -11.42 32.67
N GLU C 553 14.65 -11.14 33.79
CA GLU C 553 14.67 -12.07 34.89
C GLU C 553 13.84 -13.32 34.60
N ASN C 554 12.64 -13.14 34.04
CA ASN C 554 11.72 -14.25 33.81
C ASN C 554 12.22 -15.21 32.75
N SER C 555 12.94 -14.67 31.77
CA SER C 555 13.51 -15.43 30.68
C SER C 555 14.86 -16.01 31.01
N SER C 556 15.43 -15.61 32.16
CA SER C 556 16.77 -15.97 32.60
C SER C 556 17.87 -15.68 31.56
N CYS C 557 17.92 -14.44 31.04
CA CYS C 557 18.96 -14.07 30.06
C CYS C 557 20.30 -13.81 30.75
N LYS C 558 21.43 -13.98 30.04
CA LYS C 558 22.73 -13.72 30.70
C LYS C 558 23.24 -12.29 30.60
N ILE C 559 22.91 -11.60 29.54
CA ILE C 559 23.38 -10.26 29.31
C ILE C 559 22.37 -9.53 28.44
N LEU C 560 22.26 -8.22 28.61
CA LEU C 560 21.46 -7.41 27.73
C LEU C 560 22.40 -6.64 26.84
N LEU C 561 22.16 -6.67 25.55
CA LEU C 561 23.00 -5.92 24.67
C LEU C 561 22.34 -4.64 24.22
N ASP C 562 22.96 -3.55 24.58
CA ASP C 562 22.51 -2.24 24.20
C ASP C 562 23.09 -2.01 22.84
N SER C 563 22.83 -0.88 22.23
CA SER C 563 23.39 -0.63 20.93
C SER C 563 24.80 -0.07 21.00
N ASP C 564 25.11 0.63 22.08
CA ASP C 564 26.41 1.28 22.19
C ASP C 564 27.46 0.34 22.75
N LEU C 565 27.79 -0.65 21.95
CA LEU C 565 28.75 -1.65 22.38
C LEU C 565 30.03 -1.68 21.59
N TYR C 566 29.98 -1.43 20.30
CA TYR C 566 31.18 -1.69 19.51
C TYR C 566 32.37 -0.87 20.03
N GLU C 567 32.11 0.40 20.26
CA GLU C 567 33.08 1.36 20.72
C GLU C 567 33.35 1.33 22.22
N THR C 568 32.54 0.60 22.98
CA THR C 568 32.65 0.62 24.42
C THR C 568 33.15 -0.69 25.00
N MET C 569 33.00 -1.78 24.25
CA MET C 569 33.43 -3.11 24.67
C MET C 569 34.70 -3.52 23.94
N GLU C 570 35.30 -2.57 23.24
CA GLU C 570 36.51 -2.78 22.46
C GLU C 570 36.37 -3.96 21.49
N ILE C 571 35.27 -3.97 20.75
CA ILE C 571 34.97 -5.03 19.82
C ILE C 571 35.98 -5.04 18.71
N SER C 572 36.45 -3.87 18.32
CA SER C 572 37.39 -3.73 17.23
C SER C 572 38.71 -4.47 17.46
N SER C 573 38.98 -4.89 18.69
CA SER C 573 40.19 -5.62 18.99
C SER C 573 40.12 -7.10 18.56
N TYR C 574 38.94 -7.58 18.20
CA TYR C 574 38.69 -8.98 17.85
C TYR C 574 38.90 -9.29 16.38
N ALA C 575 39.25 -10.53 16.10
CA ALA C 575 39.37 -10.97 14.72
C ALA C 575 38.01 -10.93 14.02
N ASP C 576 38.01 -10.59 12.73
CA ASP C 576 36.83 -10.55 11.87
C ASP C 576 36.74 -11.71 10.89
N GLY C 577 37.51 -12.76 11.10
CA GLY C 577 37.53 -13.90 10.18
C GLY C 577 36.39 -14.87 10.44
N ASP C 578 36.35 -15.96 9.68
CA ASP C 578 35.27 -16.96 9.79
C ASP C 578 35.12 -17.57 11.16
N LEU C 579 33.88 -17.76 11.57
CA LEU C 579 33.54 -18.37 12.84
C LEU C 579 33.32 -19.85 12.67
N THR C 580 33.62 -20.60 13.71
CA THR C 580 33.31 -22.03 13.74
C THR C 580 31.78 -22.13 13.85
N PRO C 581 31.06 -22.91 13.03
CA PRO C 581 29.61 -23.04 13.08
C PRO C 581 29.17 -23.68 14.38
N VAL C 582 28.05 -23.22 14.93
CA VAL C 582 27.51 -23.75 16.18
C VAL C 582 26.08 -24.27 16.13
N ALA C 583 25.16 -23.43 15.65
CA ALA C 583 23.73 -23.72 15.66
C ALA C 583 23.32 -24.77 14.65
N GLU C 584 22.30 -25.52 15.03
CA GLU C 584 21.68 -26.52 14.18
C GLU C 584 20.22 -26.09 13.93
N PRO C 585 19.57 -26.52 12.85
CA PRO C 585 18.19 -26.18 12.53
C PRO C 585 17.18 -26.41 13.67
N GLU C 586 17.42 -27.39 14.53
CA GLU C 586 16.48 -27.66 15.61
C GLU C 586 16.60 -26.72 16.81
N ASP C 587 17.64 -25.88 16.85
CA ASP C 587 17.87 -24.99 17.98
C ASP C 587 16.92 -23.83 18.02
N THR C 588 16.70 -23.31 19.22
CA THR C 588 15.87 -22.14 19.36
C THR C 588 16.57 -20.98 18.71
N ALA C 589 15.84 -20.22 17.92
CA ALA C 589 16.39 -19.03 17.28
C ALA C 589 16.10 -17.87 18.20
N TYR C 590 14.88 -17.84 18.69
CA TYR C 590 14.48 -16.75 19.54
C TYR C 590 13.32 -17.11 20.42
N VAL C 591 13.16 -16.31 21.45
CA VAL C 591 11.98 -16.42 22.28
C VAL C 591 11.31 -15.08 22.36
N ILE C 592 10.08 -15.03 21.95
CA ILE C 592 9.38 -13.76 21.94
C ILE C 592 8.32 -13.70 23.00
N TYR C 593 8.31 -12.63 23.78
CA TYR C 593 7.30 -12.48 24.81
C TYR C 593 6.10 -11.73 24.37
N THR C 594 4.96 -12.37 24.55
CA THR C 594 3.71 -11.81 24.09
C THR C 594 2.58 -11.87 25.10
N SER C 595 1.52 -11.15 24.76
CA SER C 595 0.24 -11.15 25.48
C SER C 595 0.32 -10.87 26.96
N GLY C 596 1.08 -9.85 27.34
CA GLY C 596 1.19 -9.45 28.73
C GLY C 596 -0.13 -9.68 29.43
N ARG C 600 2.99 -11.50 33.56
CA ARG C 600 1.88 -11.92 32.73
C ARG C 600 2.20 -12.50 31.34
N PRO C 601 3.18 -11.97 30.56
CA PRO C 601 3.50 -12.43 29.21
C PRO C 601 4.17 -13.78 29.23
N LYS C 602 4.07 -14.49 28.13
CA LYS C 602 4.71 -15.80 28.04
C LYS C 602 5.71 -15.80 26.92
N GLY C 603 6.81 -16.53 27.07
CA GLY C 603 7.72 -16.53 25.93
C GLY C 603 7.26 -17.55 24.93
N VAL C 604 7.45 -17.30 23.66
CA VAL C 604 7.11 -18.30 22.68
C VAL C 604 8.39 -18.80 22.03
N ILE C 605 8.61 -20.11 22.10
CA ILE C 605 9.87 -20.66 21.61
C ILE C 605 9.85 -21.09 20.16
N ILE C 606 10.64 -20.39 19.35
CA ILE C 606 10.71 -20.66 17.93
C ILE C 606 12.07 -21.12 17.49
N THR C 607 12.10 -22.24 16.79
CA THR C 607 13.33 -22.79 16.27
C THR C 607 13.69 -22.30 14.90
N HIS C 608 14.95 -22.54 14.50
CA HIS C 608 15.41 -22.12 13.19
C HIS C 608 14.64 -22.79 12.07
N GLN C 609 14.34 -24.07 12.19
CA GLN C 609 13.60 -24.67 11.09
C GLN C 609 12.27 -24.03 10.84
N ALA C 610 11.53 -23.73 11.90
CA ALA C 610 10.24 -23.16 11.66
C ALA C 610 10.36 -21.78 11.05
N ALA C 611 11.32 -21.01 11.55
CA ALA C 611 11.47 -19.66 11.05
C ALA C 611 11.86 -19.65 9.59
N SER C 612 12.75 -20.57 9.23
CA SER C 612 13.23 -20.61 7.89
C SER C 612 12.16 -21.02 6.92
N ASN C 613 11.38 -22.02 7.25
CA ASN C 613 10.41 -22.44 6.26
C ASN C 613 9.42 -21.33 5.91
N THR C 614 9.03 -20.51 6.88
CA THR C 614 8.13 -19.43 6.54
C THR C 614 8.82 -18.45 5.60
N ILE C 615 10.06 -18.10 5.90
CA ILE C 615 10.77 -17.16 5.07
C ILE C 615 10.98 -17.68 3.68
N GLN C 616 11.37 -18.94 3.56
CA GLN C 616 11.62 -19.48 2.26
C GLN C 616 10.38 -19.51 1.43
N ASP C 617 9.24 -19.81 2.04
CA ASP C 617 8.04 -19.86 1.25
C ASP C 617 7.61 -18.47 0.81
N ILE C 618 7.71 -17.47 1.68
CA ILE C 618 7.29 -16.16 1.24
C ILE C 618 8.19 -15.64 0.15
N ASN C 619 9.51 -15.80 0.31
CA ASN C 619 10.37 -15.27 -0.73
C ASN C 619 10.18 -15.99 -2.05
N ARG C 620 9.90 -17.28 -2.02
CA ARG C 620 9.70 -17.95 -3.28
C ARG C 620 8.36 -17.59 -3.90
N LYS C 621 7.30 -17.54 -3.10
CA LYS C 621 5.98 -17.28 -3.67
C LYS C 621 5.86 -15.91 -4.27
N PHE C 622 6.53 -14.93 -3.70
CA PHE C 622 6.44 -13.60 -4.23
C PHE C 622 7.66 -13.16 -5.02
N GLU C 623 8.54 -14.11 -5.35
CA GLU C 623 9.74 -13.82 -6.14
C GLU C 623 10.52 -12.63 -5.61
N VAL C 624 10.85 -12.67 -4.33
CA VAL C 624 11.59 -11.58 -3.70
C VAL C 624 13.04 -11.66 -4.12
N ASN C 625 13.61 -10.51 -4.51
CA ASN C 625 14.98 -10.51 -5.03
C ASN C 625 15.80 -9.29 -4.64
N GLU C 626 17.00 -9.21 -5.19
CA GLU C 626 17.95 -8.17 -4.84
C GLU C 626 17.53 -6.75 -5.22
N GLU C 627 16.51 -6.60 -6.05
CA GLU C 627 16.07 -5.29 -6.45
C GLU C 627 14.97 -4.74 -5.53
N ASP C 628 14.53 -5.55 -4.57
CA ASP C 628 13.48 -5.13 -3.66
C ASP C 628 13.93 -4.27 -2.52
N ARG C 629 12.97 -3.48 -2.02
CA ARG C 629 13.19 -2.62 -0.86
C ARG C 629 12.07 -2.78 0.13
N ILE C 630 12.46 -3.11 1.34
CA ILE C 630 11.52 -3.38 2.41
C ILE C 630 11.47 -2.27 3.43
N ILE C 631 10.29 -1.74 3.71
CA ILE C 631 10.25 -0.64 4.68
C ILE C 631 9.98 -1.19 6.08
N GLY C 632 10.94 -0.99 6.96
CA GLY C 632 10.97 -1.51 8.33
C GLY C 632 10.16 -0.68 9.33
N ILE C 633 8.86 -0.65 9.10
CA ILE C 633 7.91 0.11 9.92
C ILE C 633 7.67 -0.59 11.23
N SER C 634 7.47 -1.89 11.16
CA SER C 634 7.13 -2.70 12.32
C SER C 634 8.22 -2.75 13.34
N SER C 635 7.81 -2.75 14.60
CA SER C 635 8.72 -2.86 15.73
C SER C 635 9.40 -4.19 15.83
N MET C 636 10.63 -4.15 16.31
CA MET C 636 11.49 -5.31 16.46
C MET C 636 11.00 -6.21 17.58
N CYS C 637 10.03 -5.73 18.35
CA CYS C 637 9.46 -6.54 19.40
C CYS C 637 8.45 -7.53 18.84
N PHE C 638 8.17 -7.47 17.54
CA PHE C 638 7.24 -8.40 16.92
C PHE C 638 7.95 -9.47 16.11
N ASP C 639 7.30 -10.63 16.02
CA ASP C 639 7.77 -11.75 15.23
C ASP C 639 7.77 -11.40 13.76
N LEU C 640 6.89 -10.49 13.44
CA LEU C 640 6.74 -9.95 12.12
C LEU C 640 8.07 -9.37 11.59
N SER C 641 8.90 -8.81 12.48
CA SER C 641 10.14 -8.21 12.05
C SER C 641 11.15 -9.25 11.59
N VAL C 642 10.96 -10.51 11.96
CA VAL C 642 11.91 -11.53 11.56
C VAL C 642 11.85 -11.67 10.07
N TYR C 643 10.64 -11.67 9.54
CA TYR C 643 10.57 -11.78 8.13
C TYR C 643 11.29 -10.61 7.53
N ASP C 644 11.00 -9.40 7.98
CA ASP C 644 11.68 -8.29 7.32
C ASP C 644 13.20 -8.40 7.38
N ILE C 645 13.75 -8.80 8.51
CA ILE C 645 15.19 -8.80 8.58
C ILE C 645 15.82 -9.97 7.88
N PHE C 646 15.36 -11.16 8.18
CA PHE C 646 15.99 -12.31 7.61
C PHE C 646 15.51 -12.53 6.22
N GLY C 647 14.25 -12.20 5.97
CA GLY C 647 13.71 -12.33 4.63
C GLY C 647 14.46 -11.43 3.66
N THR C 648 14.84 -10.21 4.11
CA THR C 648 15.60 -9.33 3.26
C THR C 648 17.00 -9.87 3.00
N LEU C 649 17.65 -10.30 4.06
CA LEU C 649 19.03 -10.72 3.92
C LEU C 649 19.21 -11.94 3.05
N SER C 650 18.26 -12.88 3.08
CA SER C 650 18.40 -14.09 2.27
C SER C 650 18.18 -13.81 0.78
N ALA C 651 17.63 -12.64 0.43
CA ALA C 651 17.35 -12.31 -0.95
C ALA C 651 18.44 -11.40 -1.51
N GLY C 652 19.14 -10.68 -0.63
CA GLY C 652 20.13 -9.72 -1.10
C GLY C 652 19.45 -8.38 -1.35
N ALA C 653 18.29 -8.20 -0.71
CA ALA C 653 17.45 -7.04 -0.83
C ALA C 653 17.89 -5.98 0.18
N THR C 654 17.32 -4.78 0.08
CA THR C 654 17.70 -3.71 1.01
C THR C 654 16.61 -3.41 2.04
N LEU C 655 17.03 -3.33 3.31
CA LEU C 655 16.12 -2.99 4.41
C LEU C 655 16.26 -1.55 4.87
N VAL C 656 15.13 -0.86 5.00
CA VAL C 656 15.14 0.51 5.49
C VAL C 656 14.49 0.65 6.86
N MET C 657 15.21 1.23 7.80
CA MET C 657 14.66 1.44 9.14
C MET C 657 13.86 2.72 9.28
N ILE C 658 12.75 2.67 10.04
CA ILE C 658 11.98 3.88 10.33
C ILE C 658 12.15 4.39 11.74
N ARG C 659 12.60 5.65 11.83
CA ARG C 659 12.88 6.32 13.10
C ARG C 659 11.70 6.46 14.03
N ASP C 660 10.54 6.76 13.47
CA ASP C 660 9.35 6.92 14.28
C ASP C 660 8.12 6.51 13.47
N PRO C 661 7.64 5.26 13.63
CA PRO C 661 6.56 4.62 12.92
C PRO C 661 5.24 5.35 12.99
N ARG C 662 5.07 6.28 13.92
CA ARG C 662 3.81 6.96 14.02
C ARG C 662 3.69 8.12 13.02
N ASP C 663 4.79 8.56 12.45
CA ASP C 663 4.67 9.71 11.59
C ASP C 663 4.31 9.26 10.19
N MET C 664 3.02 9.30 9.92
CA MET C 664 2.53 8.81 8.63
C MET C 664 3.09 9.62 7.48
N ARG C 665 3.44 10.87 7.74
CA ARG C 665 3.96 11.72 6.70
C ARG C 665 5.37 11.27 6.41
N GLU C 666 6.06 10.82 7.45
CA GLU C 666 7.42 10.31 7.32
C GLU C 666 7.38 9.02 6.54
N LEU C 667 6.35 8.23 6.78
CA LEU C 667 6.25 6.99 6.05
C LEU C 667 6.03 7.30 4.58
N VAL C 668 5.21 8.31 4.27
CA VAL C 668 5.00 8.66 2.88
C VAL C 668 6.27 9.23 2.27
N ARG C 669 6.95 10.12 3.00
CA ARG C 669 8.18 10.69 2.52
C ARG C 669 9.20 9.61 2.26
N THR C 670 9.25 8.61 3.13
CA THR C 670 10.19 7.53 2.96
C THR C 670 9.90 6.73 1.72
N VAL C 671 8.65 6.37 1.47
CA VAL C 671 8.47 5.53 0.30
C VAL C 671 8.78 6.28 -0.96
N GLU C 672 8.46 7.58 -1.00
CA GLU C 672 8.71 8.33 -2.20
C GLU C 672 10.18 8.59 -2.40
N ARG C 673 10.89 8.88 -1.34
CA ARG C 673 12.30 9.20 -1.49
C ARG C 673 13.17 7.96 -1.62
N ARG C 674 12.72 6.82 -1.10
CA ARG C 674 13.57 5.64 -1.22
C ARG C 674 13.13 4.59 -2.24
N GLY C 675 11.96 4.70 -2.86
CA GLY C 675 11.64 3.67 -3.86
C GLY C 675 11.26 2.34 -3.25
N ILE C 676 10.53 2.37 -2.16
CA ILE C 676 10.13 1.15 -1.45
C ILE C 676 9.23 0.26 -2.28
N THR C 677 9.51 -1.06 -2.31
CA THR C 677 8.71 -1.95 -3.13
C THR C 677 7.79 -2.87 -2.32
N ILE C 678 8.18 -3.17 -1.08
CA ILE C 678 7.35 -4.07 -0.27
C ILE C 678 6.92 -3.43 1.04
N TRP C 679 5.63 -3.42 1.24
CA TRP C 679 5.01 -2.90 2.45
C TRP C 679 4.71 -4.06 3.37
N ASN C 680 4.97 -3.95 4.66
CA ASN C 680 4.63 -5.04 5.58
C ASN C 680 4.15 -4.54 6.94
N THR C 681 2.84 -4.37 7.07
CA THR C 681 2.31 -3.81 8.32
C THR C 681 1.04 -4.48 8.76
N VAL C 682 0.58 -4.12 9.93
CA VAL C 682 -0.73 -4.51 10.35
C VAL C 682 -1.62 -3.55 9.54
N PRO C 683 -2.88 -3.88 9.24
CA PRO C 683 -3.84 -3.07 8.49
C PRO C 683 -3.98 -1.64 8.98
N ALA C 684 -3.81 -1.40 10.27
CA ALA C 684 -3.97 -0.04 10.77
C ALA C 684 -2.99 0.95 10.16
N ILE C 685 -1.77 0.52 9.83
CA ILE C 685 -0.82 1.50 9.34
C ILE C 685 -1.13 1.89 7.95
N MET C 686 -1.45 0.92 7.10
CA MET C 686 -1.74 1.29 5.74
C MET C 686 -2.95 2.20 5.74
N ASP C 687 -3.93 1.91 6.59
CA ASP C 687 -5.12 2.72 6.62
C ASP C 687 -4.80 4.14 7.07
N LEU C 688 -3.97 4.30 8.10
CA LEU C 688 -3.65 5.64 8.53
C LEU C 688 -2.78 6.39 7.54
N ALA C 689 -1.84 5.70 6.92
CA ALA C 689 -0.93 6.33 5.98
C ALA C 689 -1.70 6.91 4.82
N LEU C 690 -2.73 6.20 4.39
CA LEU C 690 -3.54 6.61 3.26
C LEU C 690 -4.41 7.84 3.54
N ASP C 691 -4.53 8.28 4.78
CA ASP C 691 -5.32 9.48 5.05
C ASP C 691 -4.45 10.74 5.05
N HIS C 692 -3.16 10.55 4.76
CA HIS C 692 -2.20 11.66 4.64
C HIS C 692 -1.79 11.77 3.19
N VAL C 693 -2.56 11.12 2.36
CA VAL C 693 -2.37 11.05 0.94
C VAL C 693 -3.50 11.75 0.21
N GLY C 694 -3.17 12.72 -0.62
CA GLY C 694 -4.20 13.44 -1.34
C GLY C 694 -4.65 12.67 -2.58
N SER C 695 -5.67 13.19 -3.25
CA SER C 695 -6.22 12.54 -4.44
C SER C 695 -5.30 12.58 -5.64
N HIS C 696 -4.33 13.48 -5.61
CA HIS C 696 -3.38 13.64 -6.67
C HIS C 696 -2.21 12.69 -6.52
N PHE C 697 -2.15 12.01 -5.38
CA PHE C 697 -1.03 11.16 -5.09
C PHE C 697 -1.09 9.82 -5.77
N GLU C 698 0.01 9.43 -6.36
CA GLU C 698 0.12 8.13 -6.95
C GLU C 698 1.52 7.60 -6.76
N ASN C 699 1.60 6.36 -6.35
CA ASN C 699 2.85 5.67 -6.17
C ASN C 699 2.92 4.39 -6.95
N ILE C 700 3.98 4.22 -7.70
CA ILE C 700 4.13 3.02 -8.48
C ILE C 700 5.35 2.21 -8.10
N SER C 701 5.88 2.43 -6.90
CA SER C 701 7.03 1.66 -6.47
C SER C 701 6.58 0.42 -5.71
N LEU C 702 5.43 0.48 -5.00
CA LEU C 702 5.06 -0.74 -4.27
C LEU C 702 4.54 -1.79 -5.21
N ARG C 703 5.10 -2.99 -5.11
CA ARG C 703 4.61 -4.08 -5.92
C ARG C 703 3.81 -5.04 -5.09
N LEU C 704 4.08 -5.05 -3.79
CA LEU C 704 3.46 -6.01 -2.89
C LEU C 704 3.14 -5.41 -1.55
N VAL C 705 1.91 -5.63 -1.09
CA VAL C 705 1.51 -5.18 0.21
C VAL C 705 1.08 -6.33 1.06
N LEU C 706 1.73 -6.49 2.20
CA LEU C 706 1.31 -7.54 3.08
C LEU C 706 0.60 -6.96 4.27
N LEU C 707 -0.65 -7.32 4.45
CA LEU C 707 -1.40 -6.87 5.60
C LEU C 707 -1.47 -8.07 6.52
N SER C 708 -0.87 -7.94 7.69
CA SER C 708 -0.74 -9.10 8.55
C SER C 708 -1.32 -8.94 9.94
N GLY C 709 -2.30 -9.78 10.21
CA GLY C 709 -3.00 -9.81 11.46
C GLY C 709 -4.10 -8.78 11.51
N ASP C 710 -4.91 -8.83 12.57
CA ASP C 710 -6.02 -7.92 12.81
C ASP C 710 -7.07 -8.07 11.71
N TRP C 711 -8.12 -7.27 11.77
CA TRP C 711 -9.18 -7.32 10.78
C TRP C 711 -8.87 -6.43 9.60
N ILE C 712 -9.23 -6.89 8.41
CA ILE C 712 -9.08 -6.08 7.23
C ILE C 712 -10.47 -5.63 6.80
N PRO C 713 -10.78 -4.33 6.80
CA PRO C 713 -12.04 -3.79 6.37
C PRO C 713 -12.24 -4.11 4.92
N LEU C 714 -13.46 -4.44 4.53
CA LEU C 714 -13.71 -4.70 3.12
C LEU C 714 -13.39 -3.52 2.20
N PRO C 715 -13.64 -2.25 2.56
CA PRO C 715 -13.29 -1.09 1.77
C PRO C 715 -11.80 -0.76 1.69
N LEU C 716 -10.96 -1.34 2.54
CA LEU C 716 -9.56 -0.91 2.55
C LEU C 716 -8.85 -1.02 1.21
N PRO C 717 -8.93 -2.14 0.46
CA PRO C 717 -8.27 -2.32 -0.80
C PRO C 717 -8.59 -1.21 -1.78
N ALA C 718 -9.72 -0.53 -1.62
CA ALA C 718 -10.06 0.53 -2.56
C ALA C 718 -9.08 1.69 -2.47
N LYS C 719 -8.62 2.00 -1.27
CA LYS C 719 -7.73 3.12 -1.12
C LYS C 719 -6.35 2.68 -1.50
N ILE C 720 -6.07 1.41 -1.25
CA ILE C 720 -4.75 0.93 -1.56
C ILE C 720 -4.62 0.90 -3.06
N ASN C 721 -5.62 0.36 -3.75
CA ASN C 721 -5.59 0.22 -5.19
C ASN C 721 -5.56 1.54 -5.92
N ARG C 722 -6.22 2.58 -5.41
CA ARG C 722 -6.16 3.80 -6.18
C ARG C 722 -4.83 4.52 -5.99
N HIS C 723 -4.23 4.45 -4.78
CA HIS C 723 -2.98 5.18 -4.59
C HIS C 723 -1.77 4.36 -5.00
N PHE C 724 -1.90 3.03 -4.97
CA PHE C 724 -0.83 2.11 -5.34
C PHE C 724 -1.38 1.12 -6.36
N PRO C 725 -1.67 1.55 -7.60
CA PRO C 725 -2.35 0.83 -8.65
C PRO C 725 -1.63 -0.38 -9.19
N VAL C 726 -0.37 -0.50 -8.84
CA VAL C 726 0.41 -1.60 -9.33
C VAL C 726 0.77 -2.60 -8.25
N ALA C 727 0.26 -2.39 -7.02
CA ALA C 727 0.61 -3.29 -5.92
C ALA C 727 -0.37 -4.44 -5.75
N ASP C 728 0.17 -5.61 -5.41
CA ASP C 728 -0.59 -6.84 -5.11
C ASP C 728 -0.92 -6.93 -3.62
N VAL C 729 -2.19 -6.81 -3.24
CA VAL C 729 -2.55 -6.81 -1.81
C VAL C 729 -2.90 -8.21 -1.31
N ILE C 730 -2.16 -8.64 -0.29
CA ILE C 730 -2.29 -9.97 0.30
C ILE C 730 -2.71 -9.97 1.77
N SER C 731 -3.67 -10.85 2.11
CA SER C 731 -4.11 -11.00 3.49
C SER C 731 -3.44 -12.19 4.18
N LEU C 732 -2.73 -11.92 5.27
CA LEU C 732 -2.04 -13.00 5.97
C LEU C 732 -2.46 -13.15 7.42
N GLY C 733 -2.81 -14.38 7.78
CA GLY C 733 -3.17 -14.71 9.16
C GLY C 733 -2.19 -15.71 9.74
N GLY C 734 -2.33 -16.03 11.02
CA GLY C 734 -1.40 -16.94 11.66
C GLY C 734 -1.40 -16.76 13.17
N ALA C 735 -0.31 -17.16 13.78
CA ALA C 735 -0.12 -17.14 15.22
C ALA C 735 1.34 -16.88 15.48
N THR C 736 1.69 -16.43 16.68
CA THR C 736 3.09 -16.22 17.03
C THR C 736 3.62 -17.50 17.61
N GLU C 737 2.68 -18.39 17.91
CA GLU C 737 2.81 -19.72 18.47
C GLU C 737 3.00 -20.73 17.35
N ALA C 738 3.20 -20.16 16.19
CA ALA C 738 3.42 -20.74 14.91
C ALA C 738 4.40 -19.82 14.23
N SER C 739 5.01 -20.25 13.16
CA SER C 739 6.01 -19.41 12.52
C SER C 739 5.47 -18.24 11.70
N ILE C 740 4.95 -17.25 12.41
CA ILE C 740 4.42 -15.97 11.93
C ILE C 740 3.16 -16.09 11.08
N TRP C 741 3.27 -16.77 9.94
CA TRP C 741 2.11 -16.90 9.06
C TRP C 741 1.72 -18.33 8.79
N SER C 742 0.42 -18.55 8.81
CA SER C 742 -0.11 -19.86 8.50
C SER C 742 -1.12 -19.84 7.39
N ILE C 743 -1.96 -18.82 7.35
CA ILE C 743 -3.04 -18.79 6.39
C ILE C 743 -2.94 -17.64 5.39
N TYR C 744 -3.04 -17.99 4.13
CA TYR C 744 -2.94 -17.06 3.02
C TYR C 744 -4.16 -16.89 2.14
N TRP C 745 -4.43 -15.63 1.79
CA TRP C 745 -5.46 -15.33 0.81
C TRP C 745 -5.13 -14.01 0.10
N PRO C 746 -5.03 -13.96 -1.23
CA PRO C 746 -4.78 -12.75 -1.98
C PRO C 746 -6.09 -12.01 -1.98
N ILE C 747 -6.12 -10.70 -2.14
CA ILE C 747 -7.45 -10.10 -2.28
C ILE C 747 -7.66 -9.52 -3.67
N GLU C 748 -8.46 -10.20 -4.51
CA GLU C 748 -8.65 -9.66 -5.86
C GLU C 748 -9.88 -8.76 -5.91
N GLN C 749 -9.75 -7.59 -5.27
CA GLN C 749 -10.85 -6.65 -5.09
C GLN C 749 -11.86 -7.28 -4.16
N VAL C 750 -12.97 -6.64 -3.89
CA VAL C 750 -13.94 -7.33 -3.08
C VAL C 750 -14.61 -8.23 -4.09
N GLU C 751 -14.40 -9.52 -3.92
CA GLU C 751 -14.77 -10.55 -4.90
C GLU C 751 -16.22 -11.00 -4.85
N ALA C 752 -16.90 -10.63 -3.80
CA ALA C 752 -18.25 -11.12 -3.60
C ALA C 752 -19.02 -10.25 -2.65
N ASN C 753 -20.32 -10.47 -2.62
CA ASN C 753 -21.13 -9.83 -1.62
C ASN C 753 -21.05 -10.68 -0.37
N TRP C 754 -20.29 -10.22 0.58
CA TRP C 754 -20.00 -10.94 1.80
C TRP C 754 -19.64 -9.98 2.90
N LYS C 755 -19.58 -10.48 4.12
CA LYS C 755 -19.26 -9.64 5.27
C LYS C 755 -17.87 -9.93 5.79
N SER C 756 -17.14 -10.73 5.05
CA SER C 756 -15.85 -11.16 5.46
C SER C 756 -14.90 -11.40 4.31
N ILE C 757 -13.62 -11.33 4.62
CA ILE C 757 -12.60 -11.67 3.68
C ILE C 757 -12.18 -13.07 4.06
N PRO C 758 -12.14 -14.03 3.14
CA PRO C 758 -11.77 -15.40 3.43
C PRO C 758 -10.49 -15.37 4.18
N TYR C 759 -10.38 -16.21 5.19
CA TYR C 759 -9.19 -16.25 5.99
C TYR C 759 -8.16 -16.83 5.08
N GLY C 760 -8.59 -17.87 4.37
CA GLY C 760 -7.71 -18.47 3.38
C GLY C 760 -7.40 -19.93 3.51
N LYS C 761 -6.25 -20.26 2.94
CA LYS C 761 -5.73 -21.59 2.87
C LYS C 761 -4.29 -21.63 3.41
N PRO C 762 -3.80 -22.75 3.92
CA PRO C 762 -2.47 -22.90 4.45
C PRO C 762 -1.39 -22.64 3.44
N LEU C 763 -0.28 -22.03 3.91
CA LEU C 763 0.86 -21.69 3.05
C LEU C 763 1.86 -22.69 2.48
N ALA C 764 2.60 -23.41 3.33
CA ALA C 764 3.36 -24.57 2.90
C ALA C 764 3.76 -25.40 4.09
N ASN C 765 3.61 -26.72 3.96
CA ASN C 765 3.92 -27.64 5.03
C ASN C 765 3.13 -27.31 6.29
N GLN C 766 1.90 -26.83 6.11
CA GLN C 766 1.03 -26.50 7.23
C GLN C 766 -0.36 -27.01 6.95
N THR C 767 -1.08 -27.34 8.01
CA THR C 767 -2.46 -27.81 7.88
C THR C 767 -3.39 -27.04 8.79
N TYR C 768 -4.70 -27.21 8.58
CA TYR C 768 -5.66 -26.51 9.41
C TYR C 768 -6.94 -27.34 9.62
N TYR C 769 -7.51 -27.27 10.82
CA TYR C 769 -8.71 -28.06 11.11
C TYR C 769 -9.78 -27.28 11.88
N VAL C 770 -11.04 -27.65 11.70
CA VAL C 770 -12.12 -27.09 12.52
C VAL C 770 -12.71 -28.19 13.36
N LEU C 771 -12.58 -28.11 14.67
CA LEU C 771 -13.03 -29.22 15.51
C LEU C 771 -14.21 -28.89 16.39
N ASN C 772 -14.99 -29.92 16.66
CA ASN C 772 -16.18 -29.80 17.48
C ASN C 772 -15.84 -29.85 18.95
N TYR C 773 -16.87 -29.79 19.78
CA TYR C 773 -16.70 -29.75 21.21
C TYR C 773 -15.99 -30.97 21.79
N ASP C 774 -15.93 -32.06 21.02
CA ASP C 774 -15.28 -33.28 21.44
C ASP C 774 -14.02 -33.60 20.63
N GLN C 775 -13.45 -32.60 19.97
CA GLN C 775 -12.25 -32.74 19.14
C GLN C 775 -12.38 -33.60 17.88
N LYS C 776 -13.57 -33.69 17.31
CA LYS C 776 -13.74 -34.43 16.08
C LYS C 776 -14.02 -33.43 14.99
N MET C 777 -13.85 -33.82 13.74
CA MET C 777 -14.07 -32.85 12.67
C MET C 777 -15.51 -32.39 12.58
N CYS C 778 -15.68 -31.08 12.38
CA CYS C 778 -17.01 -30.52 12.19
C CYS C 778 -17.38 -30.69 10.72
N PRO C 779 -18.66 -30.91 10.39
CA PRO C 779 -19.17 -30.89 9.03
C PRO C 779 -18.91 -29.54 8.39
N VAL C 780 -18.68 -29.51 7.10
CA VAL C 780 -18.44 -28.24 6.44
C VAL C 780 -19.66 -27.35 6.67
N GLY C 781 -19.41 -26.10 7.01
CA GLY C 781 -20.44 -25.13 7.31
C GLY C 781 -20.75 -24.98 8.80
N VAL C 782 -20.27 -25.91 9.62
CA VAL C 782 -20.47 -25.91 11.07
C VAL C 782 -19.34 -25.22 11.80
N ILE C 783 -19.71 -24.33 12.70
CA ILE C 783 -18.75 -23.55 13.47
C ILE C 783 -18.22 -24.29 14.66
N GLY C 784 -16.90 -24.25 14.81
CA GLY C 784 -16.18 -24.89 15.89
C GLY C 784 -14.84 -24.21 16.17
N ASP C 785 -14.01 -24.86 16.98
CA ASP C 785 -12.71 -24.30 17.35
C ASP C 785 -11.74 -24.39 16.21
N LEU C 786 -10.86 -23.43 16.10
CA LEU C 786 -9.84 -23.52 15.07
C LEU C 786 -8.50 -23.97 15.66
N TYR C 787 -7.90 -24.94 14.94
CA TYR C 787 -6.60 -25.54 15.27
C TYR C 787 -5.65 -25.53 14.09
N ILE C 788 -4.37 -25.41 14.39
CA ILE C 788 -3.36 -25.47 13.34
C ILE C 788 -2.36 -26.59 13.56
N GLY C 789 -1.92 -27.21 12.49
CA GLY C 789 -0.93 -28.30 12.60
C GLY C 789 0.18 -28.14 11.59
N GLY C 790 1.00 -29.16 11.41
CA GLY C 790 2.09 -29.08 10.44
C GLY C 790 3.43 -28.65 11.02
N ALA C 791 4.33 -28.21 10.13
CA ALA C 791 5.73 -27.94 10.46
C ALA C 791 5.99 -26.54 11.00
N GLY C 792 4.98 -25.71 11.06
CA GLY C 792 5.15 -24.33 11.48
C GLY C 792 4.94 -24.08 12.97
N LEU C 793 4.76 -25.12 13.77
CA LEU C 793 4.43 -24.95 15.18
C LEU C 793 5.59 -24.54 16.09
N ALA C 794 5.26 -23.76 17.12
CA ALA C 794 6.17 -23.38 18.18
C ALA C 794 6.42 -24.56 19.09
N GLN C 795 7.48 -24.49 19.89
CA GLN C 795 7.83 -25.59 20.77
C GLN C 795 7.18 -25.54 22.14
N GLY C 796 6.37 -24.54 22.40
CA GLY C 796 5.71 -24.37 23.69
C GLY C 796 5.99 -22.99 24.28
N TYR C 797 5.45 -22.76 25.47
CA TYR C 797 5.67 -21.48 26.10
C TYR C 797 6.85 -21.57 27.06
N LEU C 798 7.60 -20.49 27.16
CA LEU C 798 8.71 -20.45 28.06
C LEU C 798 8.26 -20.05 29.42
N ASN C 799 8.57 -20.93 30.36
CA ASN C 799 8.29 -20.90 31.78
C ASN C 799 6.80 -20.80 32.17
N ASP C 800 5.96 -21.51 31.43
CA ASP C 800 4.52 -21.61 31.72
C ASP C 800 4.00 -22.95 31.22
N ASP C 801 3.93 -23.91 32.13
CA ASP C 801 3.61 -25.26 31.76
C ASP C 801 2.12 -25.48 31.63
N GLN C 802 1.33 -24.79 32.44
CA GLN C 802 -0.10 -25.03 32.33
C GLN C 802 -0.60 -24.49 31.01
N LYS C 803 -0.08 -23.34 30.59
CA LYS C 803 -0.58 -22.81 29.35
C LYS C 803 -0.13 -23.69 28.21
N THR C 804 1.10 -24.19 28.26
CA THR C 804 1.56 -25.03 27.18
C THR C 804 0.70 -26.28 27.13
N LYS C 805 0.43 -26.87 28.29
CA LYS C 805 -0.34 -28.10 28.37
C LYS C 805 -1.69 -27.99 27.69
N ASP C 806 -2.40 -26.87 27.86
CA ASP C 806 -3.71 -26.77 27.24
C ASP C 806 -3.66 -26.26 25.80
N ALA C 807 -2.71 -25.39 25.46
CA ALA C 807 -2.66 -24.83 24.12
C ALA C 807 -2.04 -25.77 23.07
N PHE C 808 -1.06 -26.57 23.46
CA PHE C 808 -0.38 -27.45 22.52
C PHE C 808 -0.75 -28.88 22.82
N ILE C 809 -1.47 -29.53 21.92
CA ILE C 809 -1.92 -30.87 22.24
C ILE C 809 -1.56 -31.87 21.18
N MET C 810 -1.57 -33.14 21.53
CA MET C 810 -1.31 -34.17 20.54
C MET C 810 -2.58 -34.84 20.11
N HIS C 811 -3.00 -34.60 18.88
CA HIS C 811 -4.25 -35.16 18.44
C HIS C 811 -4.00 -36.57 17.92
N PRO C 812 -4.82 -37.59 18.25
CA PRO C 812 -4.64 -38.93 17.79
C PRO C 812 -4.68 -39.10 16.26
N GLU C 813 -5.34 -38.19 15.53
CA GLU C 813 -5.38 -38.33 14.08
C GLU C 813 -4.54 -37.28 13.39
N PHE C 814 -4.42 -36.10 13.99
CA PHE C 814 -3.72 -35.03 13.31
C PHE C 814 -2.32 -34.70 13.79
N GLY C 815 -1.83 -35.36 14.84
CA GLY C 815 -0.50 -35.00 15.26
C GLY C 815 -0.57 -33.77 16.15
N PRO C 816 0.54 -33.14 16.45
CA PRO C 816 0.56 -32.04 17.33
C PRO C 816 -0.17 -30.92 16.65
N ILE C 817 -1.04 -30.28 17.38
CA ILE C 817 -1.79 -29.15 16.87
C ILE C 817 -1.85 -28.06 17.93
N TYR C 818 -2.01 -26.85 17.49
CA TYR C 818 -2.14 -25.75 18.43
C TYR C 818 -3.52 -25.18 18.41
N LYS C 819 -4.11 -25.03 19.57
CA LYS C 819 -5.43 -24.48 19.60
C LYS C 819 -5.32 -23.00 19.60
N THR C 820 -5.92 -22.32 18.63
CA THR C 820 -5.74 -20.90 18.69
C THR C 820 -6.88 -20.39 19.52
N GLY C 821 -7.97 -21.16 19.49
CA GLY C 821 -9.16 -20.84 20.25
C GLY C 821 -10.09 -19.90 19.51
N ASP C 822 -9.75 -19.61 18.27
CA ASP C 822 -10.56 -18.73 17.47
C ASP C 822 -11.72 -19.56 17.00
N CYS C 823 -12.84 -18.93 16.65
CA CYS C 823 -13.95 -19.72 16.16
C CYS C 823 -14.11 -19.55 14.66
N GLY C 824 -14.59 -20.60 14.00
CA GLY C 824 -14.83 -20.49 12.57
C GLY C 824 -15.28 -21.78 11.92
N ARG C 825 -15.40 -21.73 10.60
CA ARG C 825 -15.87 -22.88 9.84
C ARG C 825 -15.26 -22.99 8.48
N MET C 826 -15.25 -24.20 7.94
CA MET C 826 -14.82 -24.30 6.57
C MET C 826 -16.01 -24.07 5.68
N ARG C 827 -15.75 -23.36 4.60
CA ARG C 827 -16.72 -23.13 3.57
C ARG C 827 -16.43 -24.11 2.44
N PRO C 828 -17.48 -24.67 1.78
CA PRO C 828 -17.46 -25.69 0.74
C PRO C 828 -16.74 -25.25 -0.50
N GLU C 829 -16.53 -23.95 -0.58
CA GLU C 829 -15.86 -23.30 -1.66
C GLU C 829 -14.36 -23.62 -1.64
N GLY C 830 -13.83 -24.07 -0.49
CA GLY C 830 -12.41 -24.38 -0.39
C GLY C 830 -11.59 -23.43 0.48
N TYR C 831 -12.19 -22.85 1.49
CA TYR C 831 -11.45 -21.95 2.37
C TYR C 831 -12.04 -21.83 3.74
N ILE C 832 -11.26 -21.28 4.66
CA ILE C 832 -11.73 -21.01 6.00
C ILE C 832 -12.22 -19.60 6.15
N GLU C 833 -13.37 -19.50 6.79
CA GLU C 833 -14.00 -18.26 7.16
C GLU C 833 -13.92 -18.22 8.66
N PHE C 834 -13.52 -17.10 9.25
CA PHE C 834 -13.46 -17.14 10.70
C PHE C 834 -14.38 -16.07 11.20
N LEU C 835 -14.84 -16.22 12.43
CA LEU C 835 -15.80 -15.30 12.98
C LEU C 835 -15.25 -14.56 14.17
N GLY C 836 -13.96 -14.40 14.14
CA GLY C 836 -13.26 -13.72 15.20
C GLY C 836 -13.02 -14.71 16.30
N ARG C 837 -12.67 -14.20 17.47
CA ARG C 837 -12.38 -15.12 18.53
C ARG C 837 -13.67 -15.66 19.12
N GLN C 838 -14.72 -14.85 19.11
CA GLN C 838 -16.00 -15.21 19.71
C GLN C 838 -17.03 -14.13 19.40
#